data_1LY1
# 
_entry.id   1LY1 
# 
_audit_conform.dict_name       mmcif_pdbx.dic 
_audit_conform.dict_version    5.386 
_audit_conform.dict_location   http://mmcif.pdb.org/dictionaries/ascii/mmcif_pdbx.dic 
# 
loop_
_database_2.database_id 
_database_2.database_code 
_database_2.pdbx_database_accession 
_database_2.pdbx_DOI 
PDB   1LY1         pdb_00001ly1 10.2210/pdb1ly1/pdb 
RCSB  RCSB016397   ?            ?                   
WWPDB D_1000016397 ?            ?                   
# 
loop_
_pdbx_audit_revision_history.ordinal 
_pdbx_audit_revision_history.data_content_type 
_pdbx_audit_revision_history.major_revision 
_pdbx_audit_revision_history.minor_revision 
_pdbx_audit_revision_history.revision_date 
1 'Structure model' 1 0 2002-07-17 
2 'Structure model' 1 1 2008-04-28 
3 'Structure model' 1 2 2011-07-13 
4 'Structure model' 1 3 2024-02-14 
# 
_pdbx_audit_revision_details.ordinal             1 
_pdbx_audit_revision_details.revision_ordinal    1 
_pdbx_audit_revision_details.data_content_type   'Structure model' 
_pdbx_audit_revision_details.provider            repository 
_pdbx_audit_revision_details.type                'Initial release' 
_pdbx_audit_revision_details.description         ? 
_pdbx_audit_revision_details.details             ? 
# 
loop_
_pdbx_audit_revision_group.ordinal 
_pdbx_audit_revision_group.revision_ordinal 
_pdbx_audit_revision_group.data_content_type 
_pdbx_audit_revision_group.group 
1 2 'Structure model' 'Version format compliance' 
2 3 'Structure model' 'Version format compliance' 
3 4 'Structure model' 'Data collection'           
4 4 'Structure model' 'Database references'       
5 4 'Structure model' 'Derived calculations'      
# 
loop_
_pdbx_audit_revision_category.ordinal 
_pdbx_audit_revision_category.revision_ordinal 
_pdbx_audit_revision_category.data_content_type 
_pdbx_audit_revision_category.category 
1 4 'Structure model' chem_comp_atom 
2 4 'Structure model' chem_comp_bond 
3 4 'Structure model' database_2     
4 4 'Structure model' struct_site    
# 
loop_
_pdbx_audit_revision_item.ordinal 
_pdbx_audit_revision_item.revision_ordinal 
_pdbx_audit_revision_item.data_content_type 
_pdbx_audit_revision_item.item 
1 4 'Structure model' '_database_2.pdbx_DOI'                
2 4 'Structure model' '_database_2.pdbx_database_accession' 
3 4 'Structure model' '_struct_site.pdbx_auth_asym_id'      
4 4 'Structure model' '_struct_site.pdbx_auth_comp_id'      
5 4 'Structure model' '_struct_site.pdbx_auth_seq_id'       
# 
_pdbx_database_status.status_code                     REL 
_pdbx_database_status.entry_id                        1LY1 
_pdbx_database_status.recvd_initial_deposition_date   2002-06-06 
_pdbx_database_status.deposit_site                    RCSB 
_pdbx_database_status.process_site                    RCSB 
_pdbx_database_status.status_code_sf                  REL 
_pdbx_database_status.SG_entry                        . 
_pdbx_database_status.pdb_format_compatible           Y 
_pdbx_database_status.status_code_mr                  ? 
_pdbx_database_status.status_code_cs                  ? 
_pdbx_database_status.status_code_nmr_data            ? 
_pdbx_database_status.methods_development_category    ? 
# 
loop_
_audit_author.name 
_audit_author.pdbx_ordinal 
'Wang, L.K.' 1 
'Lima, C.D.' 2 
'Shuman, S.' 3 
# 
_citation.id                        primary 
_citation.title                     'Structure and mechanism of T4 polynucleotide kinase: an RNA repair enzyme.' 
_citation.journal_abbrev            'EMBO J.' 
_citation.journal_volume            21 
_citation.page_first                3873 
_citation.page_last                 3880 
_citation.year                      2002 
_citation.journal_id_ASTM           EMJODG 
_citation.country                   UK 
_citation.journal_id_ISSN           0261-4189 
_citation.journal_id_CSD            0897 
_citation.book_publisher            ? 
_citation.pdbx_database_id_PubMed   12110598 
_citation.pdbx_database_id_DOI      10.1093/emboj/cdf397 
# 
loop_
_citation_author.citation_id 
_citation_author.name 
_citation_author.ordinal 
_citation_author.identifier_ORCID 
primary 'Wang, L.K.' 1 ? 
primary 'Lima, C.D.' 2 ? 
primary 'Shuman, S.' 3 ? 
# 
loop_
_entity.id 
_entity.type 
_entity.src_method 
_entity.pdbx_description 
_entity.formula_weight 
_entity.pdbx_number_of_molecules 
_entity.pdbx_ec 
_entity.pdbx_mutation 
_entity.pdbx_fragment 
_entity.details 
1 polymer     man 'polynucleotide kinase' 20670.787 1   2.7.1.78 ? 'kinase domain, residues 1-181' ? 
2 non-polymer syn 'SULFATE ION'           96.063    4   ?        ? ?                               ? 
3 water       nat water                   18.015    142 ?        ? ?                               ? 
# 
_entity_name_com.entity_id   1 
_entity_name_com.name        
;PNK, Polynucleotide 5'-hydroxyl-kinase
;
# 
_entity_poly.entity_id                      1 
_entity_poly.type                           'polypeptide(L)' 
_entity_poly.nstd_linkage                   no 
_entity_poly.nstd_monomer                   no 
_entity_poly.pdbx_seq_one_letter_code       
;MKKIILTIGCPGSGKSTWAREFIAKNPGFYNINRDDYRQSIMAHEERDEYKYTKKKEGIVTGMQFDTAKSILYGGDSVKG
VIISDTNLNPERRLAWETFAKEYGWKVEHKVFDVPWTELVKRNSKRGTKAVPIDVLRSMYKSMREYLGLPVYNGTPGKPK
AVIFDVDGTLAKMNGRGPYDL
;
_entity_poly.pdbx_seq_one_letter_code_can   
;MKKIILTIGCPGSGKSTWAREFIAKNPGFYNINRDDYRQSIMAHEERDEYKYTKKKEGIVTGMQFDTAKSILYGGDSVKG
VIISDTNLNPERRLAWETFAKEYGWKVEHKVFDVPWTELVKRNSKRGTKAVPIDVLRSMYKSMREYLGLPVYNGTPGKPK
AVIFDVDGTLAKMNGRGPYDL
;
_entity_poly.pdbx_strand_id                 A 
_entity_poly.pdbx_target_identifier         ? 
# 
loop_
_pdbx_entity_nonpoly.entity_id 
_pdbx_entity_nonpoly.name 
_pdbx_entity_nonpoly.comp_id 
2 'SULFATE ION' SO4 
3 water         HOH 
# 
loop_
_entity_poly_seq.entity_id 
_entity_poly_seq.num 
_entity_poly_seq.mon_id 
_entity_poly_seq.hetero 
1 1   MET n 
1 2   LYS n 
1 3   LYS n 
1 4   ILE n 
1 5   ILE n 
1 6   LEU n 
1 7   THR n 
1 8   ILE n 
1 9   GLY n 
1 10  CYS n 
1 11  PRO n 
1 12  GLY n 
1 13  SER n 
1 14  GLY n 
1 15  LYS n 
1 16  SER n 
1 17  THR n 
1 18  TRP n 
1 19  ALA n 
1 20  ARG n 
1 21  GLU n 
1 22  PHE n 
1 23  ILE n 
1 24  ALA n 
1 25  LYS n 
1 26  ASN n 
1 27  PRO n 
1 28  GLY n 
1 29  PHE n 
1 30  TYR n 
1 31  ASN n 
1 32  ILE n 
1 33  ASN n 
1 34  ARG n 
1 35  ASP n 
1 36  ASP n 
1 37  TYR n 
1 38  ARG n 
1 39  GLN n 
1 40  SER n 
1 41  ILE n 
1 42  MET n 
1 43  ALA n 
1 44  HIS n 
1 45  GLU n 
1 46  GLU n 
1 47  ARG n 
1 48  ASP n 
1 49  GLU n 
1 50  TYR n 
1 51  LYS n 
1 52  TYR n 
1 53  THR n 
1 54  LYS n 
1 55  LYS n 
1 56  LYS n 
1 57  GLU n 
1 58  GLY n 
1 59  ILE n 
1 60  VAL n 
1 61  THR n 
1 62  GLY n 
1 63  MET n 
1 64  GLN n 
1 65  PHE n 
1 66  ASP n 
1 67  THR n 
1 68  ALA n 
1 69  LYS n 
1 70  SER n 
1 71  ILE n 
1 72  LEU n 
1 73  TYR n 
1 74  GLY n 
1 75  GLY n 
1 76  ASP n 
1 77  SER n 
1 78  VAL n 
1 79  LYS n 
1 80  GLY n 
1 81  VAL n 
1 82  ILE n 
1 83  ILE n 
1 84  SER n 
1 85  ASP n 
1 86  THR n 
1 87  ASN n 
1 88  LEU n 
1 89  ASN n 
1 90  PRO n 
1 91  GLU n 
1 92  ARG n 
1 93  ARG n 
1 94  LEU n 
1 95  ALA n 
1 96  TRP n 
1 97  GLU n 
1 98  THR n 
1 99  PHE n 
1 100 ALA n 
1 101 LYS n 
1 102 GLU n 
1 103 TYR n 
1 104 GLY n 
1 105 TRP n 
1 106 LYS n 
1 107 VAL n 
1 108 GLU n 
1 109 HIS n 
1 110 LYS n 
1 111 VAL n 
1 112 PHE n 
1 113 ASP n 
1 114 VAL n 
1 115 PRO n 
1 116 TRP n 
1 117 THR n 
1 118 GLU n 
1 119 LEU n 
1 120 VAL n 
1 121 LYS n 
1 122 ARG n 
1 123 ASN n 
1 124 SER n 
1 125 LYS n 
1 126 ARG n 
1 127 GLY n 
1 128 THR n 
1 129 LYS n 
1 130 ALA n 
1 131 VAL n 
1 132 PRO n 
1 133 ILE n 
1 134 ASP n 
1 135 VAL n 
1 136 LEU n 
1 137 ARG n 
1 138 SER n 
1 139 MET n 
1 140 TYR n 
1 141 LYS n 
1 142 SER n 
1 143 MET n 
1 144 ARG n 
1 145 GLU n 
1 146 TYR n 
1 147 LEU n 
1 148 GLY n 
1 149 LEU n 
1 150 PRO n 
1 151 VAL n 
1 152 TYR n 
1 153 ASN n 
1 154 GLY n 
1 155 THR n 
1 156 PRO n 
1 157 GLY n 
1 158 LYS n 
1 159 PRO n 
1 160 LYS n 
1 161 ALA n 
1 162 VAL n 
1 163 ILE n 
1 164 PHE n 
1 165 ASP n 
1 166 VAL n 
1 167 ASP n 
1 168 GLY n 
1 169 THR n 
1 170 LEU n 
1 171 ALA n 
1 172 LYS n 
1 173 MET n 
1 174 ASN n 
1 175 GLY n 
1 176 ARG n 
1 177 GLY n 
1 178 PRO n 
1 179 TYR n 
1 180 ASP n 
1 181 LEU n 
# 
_entity_src_gen.entity_id                          1 
_entity_src_gen.pdbx_src_id                        1 
_entity_src_gen.pdbx_alt_source_flag               sample 
_entity_src_gen.pdbx_seq_type                      ? 
_entity_src_gen.pdbx_beg_seq_num                   ? 
_entity_src_gen.pdbx_end_seq_num                   ? 
_entity_src_gen.gene_src_common_name               ? 
_entity_src_gen.gene_src_genus                     'T4-like viruses' 
_entity_src_gen.pdbx_gene_src_gene                 PSET 
_entity_src_gen.gene_src_species                   'Enterobacteria phage T4 sensu lato' 
_entity_src_gen.gene_src_strain                    ? 
_entity_src_gen.gene_src_tissue                    ? 
_entity_src_gen.gene_src_tissue_fraction           ? 
_entity_src_gen.gene_src_details                   ? 
_entity_src_gen.pdbx_gene_src_fragment             ? 
_entity_src_gen.pdbx_gene_src_scientific_name      'Enterobacteria phage T4' 
_entity_src_gen.pdbx_gene_src_ncbi_taxonomy_id     10665 
_entity_src_gen.pdbx_gene_src_variant              ? 
_entity_src_gen.pdbx_gene_src_cell_line            ? 
_entity_src_gen.pdbx_gene_src_atcc                 ? 
_entity_src_gen.pdbx_gene_src_organ                ? 
_entity_src_gen.pdbx_gene_src_organelle            ? 
_entity_src_gen.pdbx_gene_src_cell                 ? 
_entity_src_gen.pdbx_gene_src_cellular_location    ? 
_entity_src_gen.host_org_common_name               ? 
_entity_src_gen.pdbx_host_org_scientific_name      'Escherichia coli BL21(DE3)' 
_entity_src_gen.pdbx_host_org_ncbi_taxonomy_id     469008 
_entity_src_gen.host_org_genus                     Escherichia 
_entity_src_gen.pdbx_host_org_gene                 ? 
_entity_src_gen.pdbx_host_org_organ                ? 
_entity_src_gen.host_org_species                   'Escherichia coli' 
_entity_src_gen.pdbx_host_org_tissue               ? 
_entity_src_gen.pdbx_host_org_tissue_fraction      ? 
_entity_src_gen.pdbx_host_org_strain               'BL21 DE3' 
_entity_src_gen.pdbx_host_org_variant              ? 
_entity_src_gen.pdbx_host_org_cell_line            ? 
_entity_src_gen.pdbx_host_org_atcc                 ? 
_entity_src_gen.pdbx_host_org_culture_collection   ? 
_entity_src_gen.pdbx_host_org_cell                 ? 
_entity_src_gen.pdbx_host_org_organelle            ? 
_entity_src_gen.pdbx_host_org_cellular_location    ? 
_entity_src_gen.pdbx_host_org_vector_type          PLASMID 
_entity_src_gen.pdbx_host_org_vector               ? 
_entity_src_gen.host_org_details                   ? 
_entity_src_gen.expression_system_id               ? 
_entity_src_gen.plasmid_name                       PET 
_entity_src_gen.plasmid_details                    ? 
_entity_src_gen.pdbx_description                   ? 
# 
loop_
_chem_comp.id 
_chem_comp.type 
_chem_comp.mon_nstd_flag 
_chem_comp.name 
_chem_comp.pdbx_synonyms 
_chem_comp.formula 
_chem_comp.formula_weight 
ALA 'L-peptide linking' y ALANINE         ? 'C3 H7 N O2'     89.093  
ARG 'L-peptide linking' y ARGININE        ? 'C6 H15 N4 O2 1' 175.209 
ASN 'L-peptide linking' y ASPARAGINE      ? 'C4 H8 N2 O3'    132.118 
ASP 'L-peptide linking' y 'ASPARTIC ACID' ? 'C4 H7 N O4'     133.103 
CYS 'L-peptide linking' y CYSTEINE        ? 'C3 H7 N O2 S'   121.158 
GLN 'L-peptide linking' y GLUTAMINE       ? 'C5 H10 N2 O3'   146.144 
GLU 'L-peptide linking' y 'GLUTAMIC ACID' ? 'C5 H9 N O4'     147.129 
GLY 'peptide linking'   y GLYCINE         ? 'C2 H5 N O2'     75.067  
HIS 'L-peptide linking' y HISTIDINE       ? 'C6 H10 N3 O2 1' 156.162 
HOH non-polymer         . WATER           ? 'H2 O'           18.015  
ILE 'L-peptide linking' y ISOLEUCINE      ? 'C6 H13 N O2'    131.173 
LEU 'L-peptide linking' y LEUCINE         ? 'C6 H13 N O2'    131.173 
LYS 'L-peptide linking' y LYSINE          ? 'C6 H15 N2 O2 1' 147.195 
MET 'L-peptide linking' y METHIONINE      ? 'C5 H11 N O2 S'  149.211 
PHE 'L-peptide linking' y PHENYLALANINE   ? 'C9 H11 N O2'    165.189 
PRO 'L-peptide linking' y PROLINE         ? 'C5 H9 N O2'     115.130 
SER 'L-peptide linking' y SERINE          ? 'C3 H7 N O3'     105.093 
SO4 non-polymer         . 'SULFATE ION'   ? 'O4 S -2'        96.063  
THR 'L-peptide linking' y THREONINE       ? 'C4 H9 N O3'     119.119 
TRP 'L-peptide linking' y TRYPTOPHAN      ? 'C11 H12 N2 O2'  204.225 
TYR 'L-peptide linking' y TYROSINE        ? 'C9 H11 N O3'    181.189 
VAL 'L-peptide linking' y VALINE          ? 'C5 H11 N O2'    117.146 
# 
loop_
_pdbx_poly_seq_scheme.asym_id 
_pdbx_poly_seq_scheme.entity_id 
_pdbx_poly_seq_scheme.seq_id 
_pdbx_poly_seq_scheme.mon_id 
_pdbx_poly_seq_scheme.ndb_seq_num 
_pdbx_poly_seq_scheme.pdb_seq_num 
_pdbx_poly_seq_scheme.auth_seq_num 
_pdbx_poly_seq_scheme.pdb_mon_id 
_pdbx_poly_seq_scheme.auth_mon_id 
_pdbx_poly_seq_scheme.pdb_strand_id 
_pdbx_poly_seq_scheme.pdb_ins_code 
_pdbx_poly_seq_scheme.hetero 
A 1 1   MET 1   1   1   MET MET A . n 
A 1 2   LYS 2   2   2   LYS LYS A . n 
A 1 3   LYS 3   3   3   LYS LYS A . n 
A 1 4   ILE 4   4   4   ILE ILE A . n 
A 1 5   ILE 5   5   5   ILE ILE A . n 
A 1 6   LEU 6   6   6   LEU LEU A . n 
A 1 7   THR 7   7   7   THR THR A . n 
A 1 8   ILE 8   8   8   ILE ILE A . n 
A 1 9   GLY 9   9   9   GLY GLY A . n 
A 1 10  CYS 10  10  10  CYS CYS A . n 
A 1 11  PRO 11  11  11  PRO PRO A . n 
A 1 12  GLY 12  12  12  GLY GLY A . n 
A 1 13  SER 13  13  13  SER SER A . n 
A 1 14  GLY 14  14  14  GLY GLY A . n 
A 1 15  LYS 15  15  15  LYS LYS A . n 
A 1 16  SER 16  16  16  SER SER A . n 
A 1 17  THR 17  17  17  THR THR A . n 
A 1 18  TRP 18  18  18  TRP TRP A . n 
A 1 19  ALA 19  19  19  ALA ALA A . n 
A 1 20  ARG 20  20  20  ARG ARG A . n 
A 1 21  GLU 21  21  21  GLU GLU A . n 
A 1 22  PHE 22  22  22  PHE PHE A . n 
A 1 23  ILE 23  23  23  ILE ILE A . n 
A 1 24  ALA 24  24  24  ALA ALA A . n 
A 1 25  LYS 25  25  25  LYS LYS A . n 
A 1 26  ASN 26  26  26  ASN ASN A . n 
A 1 27  PRO 27  27  27  PRO PRO A . n 
A 1 28  GLY 28  28  28  GLY GLY A . n 
A 1 29  PHE 29  29  29  PHE PHE A . n 
A 1 30  TYR 30  30  30  TYR TYR A . n 
A 1 31  ASN 31  31  31  ASN ASN A . n 
A 1 32  ILE 32  32  32  ILE ILE A . n 
A 1 33  ASN 33  33  33  ASN ASN A . n 
A 1 34  ARG 34  34  34  ARG ARG A . n 
A 1 35  ASP 35  35  35  ASP ASP A . n 
A 1 36  ASP 36  36  36  ASP ASP A . n 
A 1 37  TYR 37  37  37  TYR TYR A . n 
A 1 38  ARG 38  38  38  ARG ARG A . n 
A 1 39  GLN 39  39  39  GLN GLN A . n 
A 1 40  SER 40  40  40  SER SER A . n 
A 1 41  ILE 41  41  41  ILE ILE A . n 
A 1 42  MET 42  42  42  MET MET A . n 
A 1 43  ALA 43  43  43  ALA ALA A . n 
A 1 44  HIS 44  44  44  HIS HIS A . n 
A 1 45  GLU 45  45  45  GLU GLU A . n 
A 1 46  GLU 46  46  46  GLU GLU A . n 
A 1 47  ARG 47  47  47  ARG ARG A . n 
A 1 48  ASP 48  48  48  ASP ASP A . n 
A 1 49  GLU 49  49  49  GLU GLU A . n 
A 1 50  TYR 50  50  50  TYR TYR A . n 
A 1 51  LYS 51  51  51  LYS LYS A . n 
A 1 52  TYR 52  52  52  TYR TYR A . n 
A 1 53  THR 53  53  53  THR THR A . n 
A 1 54  LYS 54  54  54  LYS LYS A . n 
A 1 55  LYS 55  55  55  LYS LYS A . n 
A 1 56  LYS 56  56  56  LYS LYS A . n 
A 1 57  GLU 57  57  57  GLU GLU A . n 
A 1 58  GLY 58  58  58  GLY GLY A . n 
A 1 59  ILE 59  59  59  ILE ILE A . n 
A 1 60  VAL 60  60  60  VAL VAL A . n 
A 1 61  THR 61  61  61  THR THR A . n 
A 1 62  GLY 62  62  62  GLY GLY A . n 
A 1 63  MET 63  63  63  MET MET A . n 
A 1 64  GLN 64  64  64  GLN GLN A . n 
A 1 65  PHE 65  65  65  PHE PHE A . n 
A 1 66  ASP 66  66  66  ASP ASP A . n 
A 1 67  THR 67  67  67  THR THR A . n 
A 1 68  ALA 68  68  68  ALA ALA A . n 
A 1 69  LYS 69  69  69  LYS LYS A . n 
A 1 70  SER 70  70  70  SER SER A . n 
A 1 71  ILE 71  71  71  ILE ILE A . n 
A 1 72  LEU 72  72  72  LEU LEU A . n 
A 1 73  TYR 73  73  73  TYR TYR A . n 
A 1 74  GLY 74  74  74  GLY GLY A . n 
A 1 75  GLY 75  75  75  GLY GLY A . n 
A 1 76  ASP 76  76  76  ASP ASP A . n 
A 1 77  SER 77  77  77  SER SER A . n 
A 1 78  VAL 78  78  78  VAL VAL A . n 
A 1 79  LYS 79  79  79  LYS LYS A . n 
A 1 80  GLY 80  80  80  GLY GLY A . n 
A 1 81  VAL 81  81  81  VAL VAL A . n 
A 1 82  ILE 82  82  82  ILE ILE A . n 
A 1 83  ILE 83  83  83  ILE ILE A . n 
A 1 84  SER 84  84  84  SER SER A . n 
A 1 85  ASP 85  85  85  ASP ASP A . n 
A 1 86  THR 86  86  86  THR THR A . n 
A 1 87  ASN 87  87  87  ASN ASN A . n 
A 1 88  LEU 88  88  88  LEU LEU A . n 
A 1 89  ASN 89  89  89  ASN ASN A . n 
A 1 90  PRO 90  90  90  PRO PRO A . n 
A 1 91  GLU 91  91  91  GLU GLU A . n 
A 1 92  ARG 92  92  92  ARG ARG A . n 
A 1 93  ARG 93  93  93  ARG ARG A . n 
A 1 94  LEU 94  94  94  LEU LEU A . n 
A 1 95  ALA 95  95  95  ALA ALA A . n 
A 1 96  TRP 96  96  96  TRP TRP A . n 
A 1 97  GLU 97  97  97  GLU GLU A . n 
A 1 98  THR 98  98  98  THR THR A . n 
A 1 99  PHE 99  99  99  PHE PHE A . n 
A 1 100 ALA 100 100 100 ALA ALA A . n 
A 1 101 LYS 101 101 101 LYS LYS A . n 
A 1 102 GLU 102 102 102 GLU GLU A . n 
A 1 103 TYR 103 103 103 TYR TYR A . n 
A 1 104 GLY 104 104 104 GLY GLY A . n 
A 1 105 TRP 105 105 105 TRP TRP A . n 
A 1 106 LYS 106 106 106 LYS LYS A . n 
A 1 107 VAL 107 107 107 VAL VAL A . n 
A 1 108 GLU 108 108 108 GLU GLU A . n 
A 1 109 HIS 109 109 109 HIS HIS A . n 
A 1 110 LYS 110 110 110 LYS LYS A . n 
A 1 111 VAL 111 111 111 VAL VAL A . n 
A 1 112 PHE 112 112 112 PHE PHE A . n 
A 1 113 ASP 113 113 113 ASP ASP A . n 
A 1 114 VAL 114 114 114 VAL VAL A . n 
A 1 115 PRO 115 115 115 PRO PRO A . n 
A 1 116 TRP 116 116 116 TRP TRP A . n 
A 1 117 THR 117 117 117 THR THR A . n 
A 1 118 GLU 118 118 118 GLU GLU A . n 
A 1 119 LEU 119 119 119 LEU LEU A . n 
A 1 120 VAL 120 120 120 VAL VAL A . n 
A 1 121 LYS 121 121 121 LYS LYS A . n 
A 1 122 ARG 122 122 122 ARG ARG A . n 
A 1 123 ASN 123 123 123 ASN ASN A . n 
A 1 124 SER 124 124 124 SER SER A . n 
A 1 125 LYS 125 125 125 LYS LYS A . n 
A 1 126 ARG 126 126 126 ARG ARG A . n 
A 1 127 GLY 127 127 127 GLY GLY A . n 
A 1 128 THR 128 128 128 THR THR A . n 
A 1 129 LYS 129 129 129 LYS LYS A . n 
A 1 130 ALA 130 130 130 ALA ALA A . n 
A 1 131 VAL 131 131 131 VAL VAL A . n 
A 1 132 PRO 132 132 132 PRO PRO A . n 
A 1 133 ILE 133 133 133 ILE ILE A . n 
A 1 134 ASP 134 134 134 ASP ASP A . n 
A 1 135 VAL 135 135 135 VAL VAL A . n 
A 1 136 LEU 136 136 136 LEU LEU A . n 
A 1 137 ARG 137 137 137 ARG ARG A . n 
A 1 138 SER 138 138 138 SER SER A . n 
A 1 139 MET 139 139 139 MET MET A . n 
A 1 140 TYR 140 140 140 TYR TYR A . n 
A 1 141 LYS 141 141 141 LYS LYS A . n 
A 1 142 SER 142 142 142 SER SER A . n 
A 1 143 MET 143 143 143 MET MET A . n 
A 1 144 ARG 144 144 144 ARG ARG A . n 
A 1 145 GLU 145 145 145 GLU GLU A . n 
A 1 146 TYR 146 146 146 TYR TYR A . n 
A 1 147 LEU 147 147 147 LEU LEU A . n 
A 1 148 GLY 148 148 148 GLY GLY A . n 
A 1 149 LEU 149 149 149 LEU LEU A . n 
A 1 150 PRO 150 150 150 PRO PRO A . n 
A 1 151 VAL 151 151 151 VAL VAL A . n 
A 1 152 TYR 152 152 152 TYR TYR A . n 
A 1 153 ASN 153 153 ?   ?   ?   A . n 
A 1 154 GLY 154 154 ?   ?   ?   A . n 
A 1 155 THR 155 155 ?   ?   ?   A . n 
A 1 156 PRO 156 156 ?   ?   ?   A . n 
A 1 157 GLY 157 157 ?   ?   ?   A . n 
A 1 158 LYS 158 158 ?   ?   ?   A . n 
A 1 159 PRO 159 159 ?   ?   ?   A . n 
A 1 160 LYS 160 160 ?   ?   ?   A . n 
A 1 161 ALA 161 161 ?   ?   ?   A . n 
A 1 162 VAL 162 162 ?   ?   ?   A . n 
A 1 163 ILE 163 163 ?   ?   ?   A . n 
A 1 164 PHE 164 164 ?   ?   ?   A . n 
A 1 165 ASP 165 165 ?   ?   ?   A . n 
A 1 166 VAL 166 166 ?   ?   ?   A . n 
A 1 167 ASP 167 167 ?   ?   ?   A . n 
A 1 168 GLY 168 168 ?   ?   ?   A . n 
A 1 169 THR 169 169 ?   ?   ?   A . n 
A 1 170 LEU 170 170 ?   ?   ?   A . n 
A 1 171 ALA 171 171 ?   ?   ?   A . n 
A 1 172 LYS 172 172 ?   ?   ?   A . n 
A 1 173 MET 173 173 ?   ?   ?   A . n 
A 1 174 ASN 174 174 ?   ?   ?   A . n 
A 1 175 GLY 175 175 ?   ?   ?   A . n 
A 1 176 ARG 176 176 ?   ?   ?   A . n 
A 1 177 GLY 177 177 ?   ?   ?   A . n 
A 1 178 PRO 178 178 ?   ?   ?   A . n 
A 1 179 TYR 179 179 ?   ?   ?   A . n 
A 1 180 ASP 180 180 ?   ?   ?   A . n 
A 1 181 LEU 181 181 ?   ?   ?   A . n 
# 
loop_
_pdbx_nonpoly_scheme.asym_id 
_pdbx_nonpoly_scheme.entity_id 
_pdbx_nonpoly_scheme.mon_id 
_pdbx_nonpoly_scheme.ndb_seq_num 
_pdbx_nonpoly_scheme.pdb_seq_num 
_pdbx_nonpoly_scheme.auth_seq_num 
_pdbx_nonpoly_scheme.pdb_mon_id 
_pdbx_nonpoly_scheme.auth_mon_id 
_pdbx_nonpoly_scheme.pdb_strand_id 
_pdbx_nonpoly_scheme.pdb_ins_code 
B 2 SO4 1   601 601 SO4 SO4 A . 
C 2 SO4 1   602 602 SO4 SO4 A . 
D 2 SO4 1   603 603 SO4 SO4 A . 
E 2 SO4 1   604 604 SO4 SO4 A . 
F 3 HOH 1   605 1   HOH WAT A . 
F 3 HOH 2   606 2   HOH WAT A . 
F 3 HOH 3   607 3   HOH WAT A . 
F 3 HOH 4   608 4   HOH WAT A . 
F 3 HOH 5   609 5   HOH WAT A . 
F 3 HOH 6   610 6   HOH WAT A . 
F 3 HOH 7   611 7   HOH WAT A . 
F 3 HOH 8   612 8   HOH WAT A . 
F 3 HOH 9   613 9   HOH WAT A . 
F 3 HOH 10  614 10  HOH WAT A . 
F 3 HOH 11  615 11  HOH WAT A . 
F 3 HOH 12  616 12  HOH WAT A . 
F 3 HOH 13  617 13  HOH WAT A . 
F 3 HOH 14  618 14  HOH WAT A . 
F 3 HOH 15  619 15  HOH WAT A . 
F 3 HOH 16  620 16  HOH WAT A . 
F 3 HOH 17  621 17  HOH WAT A . 
F 3 HOH 18  622 18  HOH WAT A . 
F 3 HOH 19  623 19  HOH WAT A . 
F 3 HOH 20  624 20  HOH WAT A . 
F 3 HOH 21  625 21  HOH WAT A . 
F 3 HOH 22  626 22  HOH WAT A . 
F 3 HOH 23  627 23  HOH WAT A . 
F 3 HOH 24  628 24  HOH WAT A . 
F 3 HOH 25  629 25  HOH WAT A . 
F 3 HOH 26  630 26  HOH WAT A . 
F 3 HOH 27  631 27  HOH WAT A . 
F 3 HOH 28  632 28  HOH WAT A . 
F 3 HOH 29  633 29  HOH WAT A . 
F 3 HOH 30  634 30  HOH WAT A . 
F 3 HOH 31  635 31  HOH WAT A . 
F 3 HOH 32  636 32  HOH WAT A . 
F 3 HOH 33  637 33  HOH WAT A . 
F 3 HOH 34  638 34  HOH WAT A . 
F 3 HOH 35  639 35  HOH WAT A . 
F 3 HOH 36  640 36  HOH WAT A . 
F 3 HOH 37  641 37  HOH WAT A . 
F 3 HOH 38  642 38  HOH WAT A . 
F 3 HOH 39  643 39  HOH WAT A . 
F 3 HOH 40  644 40  HOH WAT A . 
F 3 HOH 41  645 41  HOH WAT A . 
F 3 HOH 42  646 42  HOH WAT A . 
F 3 HOH 43  647 43  HOH WAT A . 
F 3 HOH 44  648 44  HOH WAT A . 
F 3 HOH 45  649 45  HOH WAT A . 
F 3 HOH 46  650 46  HOH WAT A . 
F 3 HOH 47  651 47  HOH WAT A . 
F 3 HOH 48  652 48  HOH WAT A . 
F 3 HOH 49  653 49  HOH WAT A . 
F 3 HOH 50  654 50  HOH WAT A . 
F 3 HOH 51  655 51  HOH WAT A . 
F 3 HOH 52  656 52  HOH WAT A . 
F 3 HOH 53  657 53  HOH WAT A . 
F 3 HOH 54  658 54  HOH WAT A . 
F 3 HOH 55  659 55  HOH WAT A . 
F 3 HOH 56  660 56  HOH WAT A . 
F 3 HOH 57  661 57  HOH WAT A . 
F 3 HOH 58  662 58  HOH WAT A . 
F 3 HOH 59  663 59  HOH WAT A . 
F 3 HOH 60  664 60  HOH WAT A . 
F 3 HOH 61  665 61  HOH WAT A . 
F 3 HOH 62  666 62  HOH WAT A . 
F 3 HOH 63  667 63  HOH WAT A . 
F 3 HOH 64  668 64  HOH WAT A . 
F 3 HOH 65  669 65  HOH WAT A . 
F 3 HOH 66  670 66  HOH WAT A . 
F 3 HOH 67  671 67  HOH WAT A . 
F 3 HOH 68  672 68  HOH WAT A . 
F 3 HOH 69  673 69  HOH WAT A . 
F 3 HOH 70  674 70  HOH WAT A . 
F 3 HOH 71  675 71  HOH WAT A . 
F 3 HOH 72  676 72  HOH WAT A . 
F 3 HOH 73  677 73  HOH WAT A . 
F 3 HOH 74  678 74  HOH WAT A . 
F 3 HOH 75  679 75  HOH WAT A . 
F 3 HOH 76  680 76  HOH WAT A . 
F 3 HOH 77  681 77  HOH WAT A . 
F 3 HOH 78  682 78  HOH WAT A . 
F 3 HOH 79  683 79  HOH WAT A . 
F 3 HOH 80  684 80  HOH WAT A . 
F 3 HOH 81  685 81  HOH WAT A . 
F 3 HOH 82  686 82  HOH WAT A . 
F 3 HOH 83  687 83  HOH WAT A . 
F 3 HOH 84  688 84  HOH WAT A . 
F 3 HOH 85  689 85  HOH WAT A . 
F 3 HOH 86  690 86  HOH WAT A . 
F 3 HOH 87  691 87  HOH WAT A . 
F 3 HOH 88  692 88  HOH WAT A . 
F 3 HOH 89  693 89  HOH WAT A . 
F 3 HOH 90  694 90  HOH WAT A . 
F 3 HOH 91  695 91  HOH WAT A . 
F 3 HOH 92  696 92  HOH WAT A . 
F 3 HOH 93  697 93  HOH WAT A . 
F 3 HOH 94  698 94  HOH WAT A . 
F 3 HOH 95  699 95  HOH WAT A . 
F 3 HOH 96  700 96  HOH WAT A . 
F 3 HOH 97  701 97  HOH WAT A . 
F 3 HOH 98  702 98  HOH WAT A . 
F 3 HOH 99  703 99  HOH WAT A . 
F 3 HOH 100 704 100 HOH WAT A . 
F 3 HOH 101 705 101 HOH WAT A . 
F 3 HOH 102 706 102 HOH WAT A . 
F 3 HOH 103 707 103 HOH WAT A . 
F 3 HOH 104 708 104 HOH WAT A . 
F 3 HOH 105 709 105 HOH WAT A . 
F 3 HOH 106 710 106 HOH WAT A . 
F 3 HOH 107 711 107 HOH WAT A . 
F 3 HOH 108 712 108 HOH WAT A . 
F 3 HOH 109 713 109 HOH WAT A . 
F 3 HOH 110 714 110 HOH WAT A . 
F 3 HOH 111 715 111 HOH WAT A . 
F 3 HOH 112 716 112 HOH WAT A . 
F 3 HOH 113 717 113 HOH WAT A . 
F 3 HOH 114 718 114 HOH WAT A . 
F 3 HOH 115 719 115 HOH WAT A . 
F 3 HOH 116 720 116 HOH WAT A . 
F 3 HOH 117 721 117 HOH WAT A . 
F 3 HOH 118 722 118 HOH WAT A . 
F 3 HOH 119 723 119 HOH WAT A . 
F 3 HOH 120 724 120 HOH WAT A . 
F 3 HOH 121 725 121 HOH WAT A . 
F 3 HOH 122 726 122 HOH WAT A . 
F 3 HOH 123 727 123 HOH WAT A . 
F 3 HOH 124 728 124 HOH WAT A . 
F 3 HOH 125 729 125 HOH WAT A . 
F 3 HOH 126 730 126 HOH WAT A . 
F 3 HOH 127 731 127 HOH WAT A . 
F 3 HOH 128 732 128 HOH WAT A . 
F 3 HOH 129 733 129 HOH WAT A . 
F 3 HOH 130 734 130 HOH WAT A . 
F 3 HOH 131 735 131 HOH WAT A . 
F 3 HOH 132 736 132 HOH WAT A . 
F 3 HOH 133 737 133 HOH WAT A . 
F 3 HOH 134 738 134 HOH WAT A . 
F 3 HOH 135 739 135 HOH WAT A . 
F 3 HOH 136 740 136 HOH WAT A . 
F 3 HOH 137 741 137 HOH WAT A . 
F 3 HOH 138 742 138 HOH WAT A . 
F 3 HOH 139 743 139 HOH WAT A . 
F 3 HOH 140 744 140 HOH WAT A . 
F 3 HOH 141 745 141 HOH WAT A . 
F 3 HOH 142 746 142 HOH WAT A . 
# 
loop_
_software.name 
_software.classification 
_software.version 
_software.citation_id 
_software.pdbx_ordinal 
SOLVE     phasing          .   ? 1 
CNS       refinement       0.9 ? 2 
DENZO     'data reduction' .   ? 3 
SCALEPACK 'data scaling'   .   ? 4 
# 
_cell.entry_id           1LY1 
_cell.length_a           65.300 
_cell.length_b           91.800 
_cell.length_c           67.900 
_cell.angle_alpha        90.00 
_cell.angle_beta         90.00 
_cell.angle_gamma        90.00 
_cell.Z_PDB              8 
_cell.pdbx_unique_axis   ? 
# 
_symmetry.entry_id                         1LY1 
_symmetry.space_group_name_H-M             'C 2 2 21' 
_symmetry.pdbx_full_space_group_name_H-M   ? 
_symmetry.cell_setting                     ? 
_symmetry.Int_Tables_number                20 
# 
_exptl.entry_id          1LY1 
_exptl.method            'X-RAY DIFFRACTION' 
_exptl.crystals_number   1 
# 
_exptl_crystal.id                    1 
_exptl_crystal.density_meas          ? 
_exptl_crystal.density_percent_sol   50.01 
_exptl_crystal.density_Matthews      2.46 
_exptl_crystal.description           ? 
# 
_exptl_crystal_grow.crystal_id      1 
_exptl_crystal_grow.method          'VAPOR DIFFUSION, HANGING DROP' 
_exptl_crystal_grow.temp            298 
_exptl_crystal_grow.temp_details    ? 
_exptl_crystal_grow.pH              4.6 
_exptl_crystal_grow.pdbx_details    
'0.1M NaOAc 4.6, 5mM DTT, 16% PEG2000MME, 0.4M AMSO4, VAPOR DIFFUSION, HANGING DROP, temperature 298K' 
_exptl_crystal_grow.pdbx_pH_range   . 
# 
_diffrn.id                     1 
_diffrn.ambient_temp           100 
_diffrn.ambient_temp_details   ? 
_diffrn.crystal_id             1 
# 
_diffrn_detector.diffrn_id              1 
_diffrn_detector.detector               CCD 
_diffrn_detector.type                   MARRESEARCH 
_diffrn_detector.pdbx_collection_date   2001-11-15 
_diffrn_detector.details                ? 
# 
_diffrn_radiation.diffrn_id                        1 
_diffrn_radiation.wavelength_id                    1 
_diffrn_radiation.pdbx_monochromatic_or_laue_m_l   M 
_diffrn_radiation.monochromator                    Si 
_diffrn_radiation.pdbx_diffrn_protocol             'SINGLE WAVELENGTH' 
_diffrn_radiation.pdbx_scattering_type             x-ray 
# 
_diffrn_radiation_wavelength.id           1 
_diffrn_radiation_wavelength.wavelength   0.9790 
_diffrn_radiation_wavelength.wt           1.0 
# 
_diffrn_source.diffrn_id                   1 
_diffrn_source.source                      SYNCHROTRON 
_diffrn_source.type                        'NSLS BEAMLINE X9A' 
_diffrn_source.pdbx_synchrotron_site       NSLS 
_diffrn_source.pdbx_synchrotron_beamline   X9A 
_diffrn_source.pdbx_wavelength             ? 
_diffrn_source.pdbx_wavelength_list        0.9790 
# 
_reflns.entry_id                     1LY1 
_reflns.observed_criterion_sigma_I   0 
_reflns.observed_criterion_sigma_F   0 
_reflns.d_resolution_low             20.0 
_reflns.d_resolution_high            2.00 
_reflns.number_obs                   12892 
_reflns.number_all                   14453 
_reflns.percent_possible_obs         89.2 
_reflns.pdbx_Rmerge_I_obs            0.0510000 
_reflns.pdbx_Rsym_value              ? 
_reflns.pdbx_netI_over_sigmaI        15.3 
_reflns.B_iso_Wilson_estimate        13.7 
_reflns.pdbx_redundancy              ? 
_reflns.R_free_details               ? 
_reflns.limit_h_max                  ? 
_reflns.limit_h_min                  ? 
_reflns.limit_k_max                  ? 
_reflns.limit_k_min                  ? 
_reflns.limit_l_max                  ? 
_reflns.limit_l_min                  ? 
_reflns.observed_criterion_F_max     ? 
_reflns.observed_criterion_F_min     ? 
_reflns.pdbx_diffrn_id               1 
_reflns.pdbx_ordinal                 1 
# 
_reflns_shell.d_res_high             2.00 
_reflns_shell.d_res_low              2.06 
_reflns_shell.percent_possible_all   77.7 
_reflns_shell.Rmerge_I_obs           0.2230000 
_reflns_shell.pdbx_Rsym_value        ? 
_reflns_shell.meanI_over_sigI_obs    4.3 
_reflns_shell.pdbx_redundancy        ? 
_reflns_shell.percent_possible_obs   ? 
_reflns_shell.number_unique_all      ? 
_reflns_shell.pdbx_diffrn_id         ? 
_reflns_shell.pdbx_ordinal           1 
# 
_refine.entry_id                                 1LY1 
_refine.ls_number_reflns_obs                     13119 
_refine.ls_number_reflns_all                     14121 
_refine.pdbx_ls_sigma_I                          0.0 
_refine.pdbx_ls_sigma_F                          0.0 
_refine.pdbx_data_cutoff_high_absF               ? 
_refine.pdbx_data_cutoff_low_absF                ? 
_refine.ls_d_res_low                             19.01 
_refine.ls_d_res_high                            2.00 
_refine.ls_percent_reflns_obs                    92.9 
_refine.ls_R_factor_obs                          ? 
_refine.ls_R_factor_all                          ? 
_refine.ls_R_factor_R_work                       0.2100000 
_refine.ls_R_factor_R_free                       0.2310000 
_refine.ls_R_factor_R_free_error                 0.009 
_refine.ls_R_factor_R_free_error_details         ? 
_refine.ls_percent_reflns_R_free                 5.0 
_refine.ls_number_reflns_R_free                  655 
_refine.ls_number_parameters                     ? 
_refine.ls_number_restraints                     ? 
_refine.occupancy_min                            ? 
_refine.occupancy_max                            ? 
_refine.correlation_coeff_Fo_to_Fc               ? 
_refine.correlation_coeff_Fo_to_Fc_free          ? 
_refine.B_iso_mean                               34.4 
_refine.aniso_B[1][1]                            3.36 
_refine.aniso_B[2][2]                            3.89 
_refine.aniso_B[3][3]                            -7.26 
_refine.aniso_B[1][2]                            0.00 
_refine.aniso_B[1][3]                            0.00 
_refine.aniso_B[2][3]                            0.00 
_refine.solvent_model_details                    'FLAT MODEL' 
_refine.solvent_model_param_ksol                 0.38958 
_refine.solvent_model_param_bsol                 52.5142 
_refine.pdbx_solvent_vdw_probe_radii             ? 
_refine.pdbx_solvent_ion_probe_radii             ? 
_refine.pdbx_solvent_shrinkage_radii             ? 
_refine.pdbx_ls_cross_valid_method               THROUGHOUT 
_refine.details                                  ? 
_refine.pdbx_starting_model                      ? 
_refine.pdbx_method_to_determine_struct          SIR 
_refine.pdbx_isotropic_thermal_model             RESTRAINED 
_refine.pdbx_stereochemistry_target_values       'Engh & Huber' 
_refine.pdbx_stereochem_target_val_spec_case     ? 
_refine.pdbx_R_Free_selection_details            RANDOM 
_refine.pdbx_overall_ESU_R_Free                  ? 
_refine.overall_SU_B                             ? 
_refine.ls_redundancy_reflns_obs                 ? 
_refine.B_iso_min                                ? 
_refine.B_iso_max                                ? 
_refine.overall_SU_R_Cruickshank_DPI             ? 
_refine.overall_SU_R_free                        ? 
_refine.overall_SU_ML                            ? 
_refine.pdbx_overall_ESU_R                       ? 
_refine.pdbx_data_cutoff_high_rms_absF           ? 
_refine.pdbx_refine_id                           'X-RAY DIFFRACTION' 
_refine.pdbx_diffrn_id                           1 
_refine.pdbx_TLS_residual_ADP_flag               ? 
_refine.pdbx_overall_phase_error                 ? 
_refine.pdbx_overall_SU_R_free_Cruickshank_DPI   ? 
_refine.pdbx_overall_SU_R_Blow_DPI               ? 
_refine.pdbx_overall_SU_R_free_Blow_DPI          ? 
# 
_refine_analyze.entry_id                        1LY1 
_refine_analyze.Luzzati_coordinate_error_obs    ? 
_refine_analyze.Luzzati_sigma_a_obs             ? 
_refine_analyze.Luzzati_d_res_low_obs           ? 
_refine_analyze.Luzzati_coordinate_error_free   0.27 
_refine_analyze.Luzzati_sigma_a_free            0.22 
_refine_analyze.Luzzati_d_res_low_free          ? 
_refine_analyze.number_disordered_residues      ? 
_refine_analyze.occupancy_sum_hydrogen          ? 
_refine_analyze.occupancy_sum_non_hydrogen      ? 
_refine_analyze.pdbx_Luzzati_d_res_high_obs     ? 
_refine_analyze.pdbx_refine_id                  'X-RAY DIFFRACTION' 
# 
_refine_hist.pdbx_refine_id                   'X-RAY DIFFRACTION' 
_refine_hist.cycle_id                         LAST 
_refine_hist.pdbx_number_atoms_protein        1241 
_refine_hist.pdbx_number_atoms_nucleic_acid   0 
_refine_hist.pdbx_number_atoms_ligand         20 
_refine_hist.number_atoms_solvent             142 
_refine_hist.number_atoms_total               1403 
_refine_hist.d_res_high                       2.00 
_refine_hist.d_res_low                        19.01 
# 
loop_
_refine_ls_restr.type 
_refine_ls_restr.dev_ideal 
_refine_ls_restr.dev_ideal_target 
_refine_ls_restr.weight 
_refine_ls_restr.number 
_refine_ls_restr.pdbx_refine_id 
_refine_ls_restr.pdbx_restraint_function 
c_bond_d           0.006 ?    ? ? 'X-RAY DIFFRACTION' ? 
c_angle_deg        1.0   ?    ? ? 'X-RAY DIFFRACTION' ? 
c_dihedral_angle_d 20.4  ?    ? ? 'X-RAY DIFFRACTION' ? 
c_improper_angle_d 0.66  ?    ? ? 'X-RAY DIFFRACTION' ? 
c_mcbond_it        0.97  1.50 ? ? 'X-RAY DIFFRACTION' ? 
c_mcangle_it       1.64  2.00 ? ? 'X-RAY DIFFRACTION' ? 
c_scbond_it        1.29  2.00 ? ? 'X-RAY DIFFRACTION' ? 
c_scangle_it       2.00  2.50 ? ? 'X-RAY DIFFRACTION' ? 
# 
_refine_ls_shell.pdbx_total_number_of_bins_used   6 
_refine_ls_shell.d_res_high                       2.00 
_refine_ls_shell.d_res_low                        2.13 
_refine_ls_shell.number_reflns_R_work             1868 
_refine_ls_shell.R_factor_R_work                  0.2780000 
_refine_ls_shell.percent_reflns_obs               85.2 
_refine_ls_shell.R_factor_R_free                  0.2770000 
_refine_ls_shell.R_factor_R_free_error            0.029 
_refine_ls_shell.percent_reflns_R_free            4.6 
_refine_ls_shell.number_reflns_R_free             90 
_refine_ls_shell.number_reflns_obs                ? 
_refine_ls_shell.redundancy_reflns_obs            ? 
_refine_ls_shell.number_reflns_all                ? 
_refine_ls_shell.pdbx_refine_id                   'X-RAY DIFFRACTION' 
_refine_ls_shell.R_factor_all                     ? 
# 
loop_
_pdbx_xplor_file.serial_no 
_pdbx_xplor_file.param_file 
_pdbx_xplor_file.topol_file 
_pdbx_xplor_file.pdbx_refine_id 
1 PROTEIN_REP.PARAM PROTEIN.TOP 'X-RAY DIFFRACTION' 
2 WATER_REP.PARAM   WATER.TOP   'X-RAY DIFFRACTION' 
3 ION.PARAM         ION.TOP     'X-RAY DIFFRACTION' 
# 
_struct.entry_id                  1LY1 
_struct.title                     'Structure and Mechanism of T4 Polynucleotide Kinase' 
_struct.pdbx_model_details        ? 
_struct.pdbx_CASP_flag            ? 
_struct.pdbx_model_type_details   ? 
# 
_struct_keywords.entry_id        1LY1 
_struct_keywords.pdbx_keywords   TRANSFERASE 
_struct_keywords.text            'PNK, KINASE, PHOSPHATASE, POLYNUCLEOTIDE, T4, PHAGE, TRANSFERASE' 
# 
loop_
_struct_asym.id 
_struct_asym.pdbx_blank_PDB_chainid_flag 
_struct_asym.pdbx_modified 
_struct_asym.entity_id 
_struct_asym.details 
A N N 1 ? 
B N N 2 ? 
C N N 2 ? 
D N N 2 ? 
E N N 2 ? 
F N N 3 ? 
# 
_struct_ref.id                         1 
_struct_ref.db_name                    UNP 
_struct_ref.db_code                    KIPN_BPT4 
_struct_ref.entity_id                  1 
_struct_ref.pdbx_seq_one_letter_code   
;MKKIILTIGCPGSGKSTWAREFIAKNPGFYNINRDDYRQSIMAHEERDEYKYTKKKEGIVTGMQFDTAKSILYGGDSVKG
VIISDTNLNPERRLAWETFAKEYGWKVEHKVFDVPWTELVKRNSKRGTKAVPIDVLRSMYKSMREYLGLPVYNGTPGKPK
AVIFDVDGTLAKMNGRGPYDL
;
_struct_ref.pdbx_align_begin           1 
_struct_ref.pdbx_db_accession          P06855 
_struct_ref.pdbx_db_isoform            ? 
# 
_struct_ref_seq.align_id                      1 
_struct_ref_seq.ref_id                        1 
_struct_ref_seq.pdbx_PDB_id_code              1LY1 
_struct_ref_seq.pdbx_strand_id                A 
_struct_ref_seq.seq_align_beg                 1 
_struct_ref_seq.pdbx_seq_align_beg_ins_code   ? 
_struct_ref_seq.seq_align_end                 181 
_struct_ref_seq.pdbx_seq_align_end_ins_code   ? 
_struct_ref_seq.pdbx_db_accession             P06855 
_struct_ref_seq.db_align_beg                  1 
_struct_ref_seq.pdbx_db_align_beg_ins_code    ? 
_struct_ref_seq.db_align_end                  181 
_struct_ref_seq.pdbx_db_align_end_ins_code    ? 
_struct_ref_seq.pdbx_auth_seq_align_beg       1 
_struct_ref_seq.pdbx_auth_seq_align_end       181 
# 
_pdbx_struct_assembly.id                   1 
_pdbx_struct_assembly.details              author_defined_assembly 
_pdbx_struct_assembly.method_details       ? 
_pdbx_struct_assembly.oligomeric_details   dimeric 
_pdbx_struct_assembly.oligomeric_count     2 
# 
_pdbx_struct_assembly_gen.assembly_id       1 
_pdbx_struct_assembly_gen.oper_expression   1,2 
_pdbx_struct_assembly_gen.asym_id_list      A,B,C,D,E,F 
# 
loop_
_pdbx_struct_oper_list.id 
_pdbx_struct_oper_list.type 
_pdbx_struct_oper_list.name 
_pdbx_struct_oper_list.symmetry_operation 
_pdbx_struct_oper_list.matrix[1][1] 
_pdbx_struct_oper_list.matrix[1][2] 
_pdbx_struct_oper_list.matrix[1][3] 
_pdbx_struct_oper_list.vector[1] 
_pdbx_struct_oper_list.matrix[2][1] 
_pdbx_struct_oper_list.matrix[2][2] 
_pdbx_struct_oper_list.matrix[2][3] 
_pdbx_struct_oper_list.vector[2] 
_pdbx_struct_oper_list.matrix[3][1] 
_pdbx_struct_oper_list.matrix[3][2] 
_pdbx_struct_oper_list.matrix[3][3] 
_pdbx_struct_oper_list.vector[3] 
1 'identity operation'         1_555 x,y,z         1.0000000000  0.0000000000  0.0000000000  0.0000000000   0.0000000000  1.0000000000  0.0000000000 0.0000000000   0.0000000000  0.0000000000 1.0000000000 0.0000000000 
2 'crystal symmetry operation' 3_655 -x+1,y,-z+1/2 -0.8045164693 -0.2941563568 -0.5159702399 -19.4094478692 -0.2941563568 -0.5573644393 0.7764128538 -17.5386510613 -0.5159702399 0.7764128538 0.3618809086 2.6452655494 
# 
loop_
_struct_conf.conf_type_id 
_struct_conf.id 
_struct_conf.pdbx_PDB_helix_id 
_struct_conf.beg_label_comp_id 
_struct_conf.beg_label_asym_id 
_struct_conf.beg_label_seq_id 
_struct_conf.pdbx_beg_PDB_ins_code 
_struct_conf.end_label_comp_id 
_struct_conf.end_label_asym_id 
_struct_conf.end_label_seq_id 
_struct_conf.pdbx_end_PDB_ins_code 
_struct_conf.beg_auth_comp_id 
_struct_conf.beg_auth_asym_id 
_struct_conf.beg_auth_seq_id 
_struct_conf.end_auth_comp_id 
_struct_conf.end_auth_asym_id 
_struct_conf.end_auth_seq_id 
_struct_conf.pdbx_PDB_helix_class 
_struct_conf.details 
_struct_conf.pdbx_PDB_helix_length 
HELX_P HELX_P1 1 GLY A 14  ? ASN A 26  ? GLY A 14  ASN A 26  1 ? 13 
HELX_P HELX_P2 2 ASN A 33  ? MET A 42  ? ASN A 33  MET A 42  1 ? 10 
HELX_P HELX_P3 3 GLU A 46  ? TYR A 50  ? GLU A 46  TYR A 50  5 ? 5  
HELX_P HELX_P4 4 THR A 53  ? TYR A 73  ? THR A 53  TYR A 73  1 ? 21 
HELX_P HELX_P5 5 ASN A 89  ? GLY A 104 ? ASN A 89  GLY A 104 1 ? 16 
HELX_P HELX_P6 6 PRO A 115 ? SER A 124 ? PRO A 115 SER A 124 1 ? 10 
HELX_P HELX_P7 7 LYS A 125 ? ALA A 130 ? LYS A 125 ALA A 130 5 ? 6  
HELX_P HELX_P8 8 PRO A 132 ? GLY A 148 ? PRO A 132 GLY A 148 1 ? 17 
# 
_struct_conf_type.id          HELX_P 
_struct_conf_type.criteria    ? 
_struct_conf_type.reference   ? 
# 
_struct_sheet.id               A 
_struct_sheet.type             ? 
_struct_sheet.number_strands   4 
_struct_sheet.details          ? 
# 
loop_
_struct_sheet_order.sheet_id 
_struct_sheet_order.range_id_1 
_struct_sheet_order.range_id_2 
_struct_sheet_order.offset 
_struct_sheet_order.sense 
A 1 2 ? parallel 
A 2 3 ? parallel 
A 3 4 ? parallel 
# 
loop_
_struct_sheet_range.sheet_id 
_struct_sheet_range.id 
_struct_sheet_range.beg_label_comp_id 
_struct_sheet_range.beg_label_asym_id 
_struct_sheet_range.beg_label_seq_id 
_struct_sheet_range.pdbx_beg_PDB_ins_code 
_struct_sheet_range.end_label_comp_id 
_struct_sheet_range.end_label_asym_id 
_struct_sheet_range.end_label_seq_id 
_struct_sheet_range.pdbx_end_PDB_ins_code 
_struct_sheet_range.beg_auth_comp_id 
_struct_sheet_range.beg_auth_asym_id 
_struct_sheet_range.beg_auth_seq_id 
_struct_sheet_range.end_auth_comp_id 
_struct_sheet_range.end_auth_asym_id 
_struct_sheet_range.end_auth_seq_id 
A 1 PHE A 29  ? ILE A 32  ? PHE A 29  ILE A 32  
A 2 GLY A 80  ? ILE A 83  ? GLY A 80  ILE A 83  
A 3 LYS A 3   ? ILE A 8   ? LYS A 3   ILE A 8   
A 4 LYS A 106 ? VAL A 111 ? LYS A 106 VAL A 111 
# 
loop_
_pdbx_struct_sheet_hbond.sheet_id 
_pdbx_struct_sheet_hbond.range_id_1 
_pdbx_struct_sheet_hbond.range_id_2 
_pdbx_struct_sheet_hbond.range_1_label_atom_id 
_pdbx_struct_sheet_hbond.range_1_label_comp_id 
_pdbx_struct_sheet_hbond.range_1_label_asym_id 
_pdbx_struct_sheet_hbond.range_1_label_seq_id 
_pdbx_struct_sheet_hbond.range_1_PDB_ins_code 
_pdbx_struct_sheet_hbond.range_1_auth_atom_id 
_pdbx_struct_sheet_hbond.range_1_auth_comp_id 
_pdbx_struct_sheet_hbond.range_1_auth_asym_id 
_pdbx_struct_sheet_hbond.range_1_auth_seq_id 
_pdbx_struct_sheet_hbond.range_2_label_atom_id 
_pdbx_struct_sheet_hbond.range_2_label_comp_id 
_pdbx_struct_sheet_hbond.range_2_label_asym_id 
_pdbx_struct_sheet_hbond.range_2_label_seq_id 
_pdbx_struct_sheet_hbond.range_2_PDB_ins_code 
_pdbx_struct_sheet_hbond.range_2_auth_atom_id 
_pdbx_struct_sheet_hbond.range_2_auth_comp_id 
_pdbx_struct_sheet_hbond.range_2_auth_asym_id 
_pdbx_struct_sheet_hbond.range_2_auth_seq_id 
A 1 2 N TYR A 30 ? N TYR A 30 O ILE A 82  ? O ILE A 82  
A 2 3 O ILE A 83 ? O ILE A 83 N ILE A 5   ? N ILE A 5   
A 3 4 N ILE A 4  ? N ILE A 4  O LYS A 106 ? O LYS A 106 
# 
loop_
_struct_site.id 
_struct_site.pdbx_evidence_code 
_struct_site.pdbx_auth_asym_id 
_struct_site.pdbx_auth_comp_id 
_struct_site.pdbx_auth_seq_id 
_struct_site.pdbx_auth_ins_code 
_struct_site.pdbx_num_residues 
_struct_site.details 
AC1 Software A SO4 601 ? 10 'BINDING SITE FOR RESIDUE SO4 A 601' 
AC2 Software A SO4 602 ? 6  'BINDING SITE FOR RESIDUE SO4 A 602' 
AC3 Software A SO4 603 ? 2  'BINDING SITE FOR RESIDUE SO4 A 603' 
AC4 Software A SO4 604 ? 3  'BINDING SITE FOR RESIDUE SO4 A 604' 
# 
loop_
_struct_site_gen.id 
_struct_site_gen.site_id 
_struct_site_gen.pdbx_num_res 
_struct_site_gen.label_comp_id 
_struct_site_gen.label_asym_id 
_struct_site_gen.label_seq_id 
_struct_site_gen.pdbx_auth_ins_code 
_struct_site_gen.auth_comp_id 
_struct_site_gen.auth_asym_id 
_struct_site_gen.auth_seq_id 
_struct_site_gen.label_atom_id 
_struct_site_gen.label_alt_id 
_struct_site_gen.symmetry 
_struct_site_gen.details 
1  AC1 10 CYS A 10  ? CYS A 10  . ? 1_555 ? 
2  AC1 10 PRO A 11  ? PRO A 11  . ? 1_555 ? 
3  AC1 10 GLY A 12  ? GLY A 12  . ? 1_555 ? 
4  AC1 10 SER A 13  ? SER A 13  . ? 1_555 ? 
5  AC1 10 GLY A 14  ? GLY A 14  . ? 1_555 ? 
6  AC1 10 LYS A 15  ? LYS A 15  . ? 1_555 ? 
7  AC1 10 SER A 16  ? SER A 16  . ? 1_555 ? 
8  AC1 10 ARG A 126 ? ARG A 126 . ? 1_555 ? 
9  AC1 10 HOH F .   ? HOH A 623 . ? 1_555 ? 
10 AC1 10 HOH F .   ? HOH A 658 . ? 1_555 ? 
11 AC2 6  ARG A 34  ? ARG A 34  . ? 1_555 ? 
12 AC2 6  ARG A 38  ? ARG A 38  . ? 1_555 ? 
13 AC2 6  ASP A 85  ? ASP A 85  . ? 1_555 ? 
14 AC2 6  THR A 86  ? THR A 86  . ? 1_555 ? 
15 AC2 6  HOH F .   ? HOH A 608 . ? 1_555 ? 
16 AC2 6  HOH F .   ? HOH A 609 . ? 1_555 ? 
17 AC3 2  GLU A 108 ? GLU A 108 . ? 1_555 ? 
18 AC3 2  HIS A 109 ? HIS A 109 . ? 1_555 ? 
19 AC4 3  ARG A 93  ? ARG A 93  . ? 1_555 ? 
20 AC4 3  GLU A 97  ? GLU A 97  . ? 1_555 ? 
21 AC4 3  HIS A 109 ? HIS A 109 . ? 1_555 ? 
# 
loop_
_pdbx_validate_torsion.id 
_pdbx_validate_torsion.PDB_model_num 
_pdbx_validate_torsion.auth_comp_id 
_pdbx_validate_torsion.auth_asym_id 
_pdbx_validate_torsion.auth_seq_id 
_pdbx_validate_torsion.PDB_ins_code 
_pdbx_validate_torsion.label_alt_id 
_pdbx_validate_torsion.phi 
_pdbx_validate_torsion.psi 
1 1 TYR A 52  ? ? -68.09  81.74 
2 1 SER A 84  ? ? -70.20  40.64 
3 1 PHE A 112 ? ? -117.91 79.79 
# 
_pdbx_database_remark.id     600 
_pdbx_database_remark.text   
;HETEROGEN
The sulfate ions mimic substrate nucleotide phosphates.
;
# 
loop_
_pdbx_unobs_or_zero_occ_residues.id 
_pdbx_unobs_or_zero_occ_residues.PDB_model_num 
_pdbx_unobs_or_zero_occ_residues.polymer_flag 
_pdbx_unobs_or_zero_occ_residues.occupancy_flag 
_pdbx_unobs_or_zero_occ_residues.auth_asym_id 
_pdbx_unobs_or_zero_occ_residues.auth_comp_id 
_pdbx_unobs_or_zero_occ_residues.auth_seq_id 
_pdbx_unobs_or_zero_occ_residues.PDB_ins_code 
_pdbx_unobs_or_zero_occ_residues.label_asym_id 
_pdbx_unobs_or_zero_occ_residues.label_comp_id 
_pdbx_unobs_or_zero_occ_residues.label_seq_id 
1  1 Y 1 A ASN 153 ? A ASN 153 
2  1 Y 1 A GLY 154 ? A GLY 154 
3  1 Y 1 A THR 155 ? A THR 155 
4  1 Y 1 A PRO 156 ? A PRO 156 
5  1 Y 1 A GLY 157 ? A GLY 157 
6  1 Y 1 A LYS 158 ? A LYS 158 
7  1 Y 1 A PRO 159 ? A PRO 159 
8  1 Y 1 A LYS 160 ? A LYS 160 
9  1 Y 1 A ALA 161 ? A ALA 161 
10 1 Y 1 A VAL 162 ? A VAL 162 
11 1 Y 1 A ILE 163 ? A ILE 163 
12 1 Y 1 A PHE 164 ? A PHE 164 
13 1 Y 1 A ASP 165 ? A ASP 165 
14 1 Y 1 A VAL 166 ? A VAL 166 
15 1 Y 1 A ASP 167 ? A ASP 167 
16 1 Y 1 A GLY 168 ? A GLY 168 
17 1 Y 1 A THR 169 ? A THR 169 
18 1 Y 1 A LEU 170 ? A LEU 170 
19 1 Y 1 A ALA 171 ? A ALA 171 
20 1 Y 1 A LYS 172 ? A LYS 172 
21 1 Y 1 A MET 173 ? A MET 173 
22 1 Y 1 A ASN 174 ? A ASN 174 
23 1 Y 1 A GLY 175 ? A GLY 175 
24 1 Y 1 A ARG 176 ? A ARG 176 
25 1 Y 1 A GLY 177 ? A GLY 177 
26 1 Y 1 A PRO 178 ? A PRO 178 
27 1 Y 1 A TYR 179 ? A TYR 179 
28 1 Y 1 A ASP 180 ? A ASP 180 
29 1 Y 1 A LEU 181 ? A LEU 181 
# 
loop_
_chem_comp_atom.comp_id 
_chem_comp_atom.atom_id 
_chem_comp_atom.type_symbol 
_chem_comp_atom.pdbx_aromatic_flag 
_chem_comp_atom.pdbx_stereo_config 
_chem_comp_atom.pdbx_ordinal 
ALA N    N N N 1   
ALA CA   C N S 2   
ALA C    C N N 3   
ALA O    O N N 4   
ALA CB   C N N 5   
ALA OXT  O N N 6   
ALA H    H N N 7   
ALA H2   H N N 8   
ALA HA   H N N 9   
ALA HB1  H N N 10  
ALA HB2  H N N 11  
ALA HB3  H N N 12  
ALA HXT  H N N 13  
ARG N    N N N 14  
ARG CA   C N S 15  
ARG C    C N N 16  
ARG O    O N N 17  
ARG CB   C N N 18  
ARG CG   C N N 19  
ARG CD   C N N 20  
ARG NE   N N N 21  
ARG CZ   C N N 22  
ARG NH1  N N N 23  
ARG NH2  N N N 24  
ARG OXT  O N N 25  
ARG H    H N N 26  
ARG H2   H N N 27  
ARG HA   H N N 28  
ARG HB2  H N N 29  
ARG HB3  H N N 30  
ARG HG2  H N N 31  
ARG HG3  H N N 32  
ARG HD2  H N N 33  
ARG HD3  H N N 34  
ARG HE   H N N 35  
ARG HH11 H N N 36  
ARG HH12 H N N 37  
ARG HH21 H N N 38  
ARG HH22 H N N 39  
ARG HXT  H N N 40  
ASN N    N N N 41  
ASN CA   C N S 42  
ASN C    C N N 43  
ASN O    O N N 44  
ASN CB   C N N 45  
ASN CG   C N N 46  
ASN OD1  O N N 47  
ASN ND2  N N N 48  
ASN OXT  O N N 49  
ASN H    H N N 50  
ASN H2   H N N 51  
ASN HA   H N N 52  
ASN HB2  H N N 53  
ASN HB3  H N N 54  
ASN HD21 H N N 55  
ASN HD22 H N N 56  
ASN HXT  H N N 57  
ASP N    N N N 58  
ASP CA   C N S 59  
ASP C    C N N 60  
ASP O    O N N 61  
ASP CB   C N N 62  
ASP CG   C N N 63  
ASP OD1  O N N 64  
ASP OD2  O N N 65  
ASP OXT  O N N 66  
ASP H    H N N 67  
ASP H2   H N N 68  
ASP HA   H N N 69  
ASP HB2  H N N 70  
ASP HB3  H N N 71  
ASP HD2  H N N 72  
ASP HXT  H N N 73  
CYS N    N N N 74  
CYS CA   C N R 75  
CYS C    C N N 76  
CYS O    O N N 77  
CYS CB   C N N 78  
CYS SG   S N N 79  
CYS OXT  O N N 80  
CYS H    H N N 81  
CYS H2   H N N 82  
CYS HA   H N N 83  
CYS HB2  H N N 84  
CYS HB3  H N N 85  
CYS HG   H N N 86  
CYS HXT  H N N 87  
GLN N    N N N 88  
GLN CA   C N S 89  
GLN C    C N N 90  
GLN O    O N N 91  
GLN CB   C N N 92  
GLN CG   C N N 93  
GLN CD   C N N 94  
GLN OE1  O N N 95  
GLN NE2  N N N 96  
GLN OXT  O N N 97  
GLN H    H N N 98  
GLN H2   H N N 99  
GLN HA   H N N 100 
GLN HB2  H N N 101 
GLN HB3  H N N 102 
GLN HG2  H N N 103 
GLN HG3  H N N 104 
GLN HE21 H N N 105 
GLN HE22 H N N 106 
GLN HXT  H N N 107 
GLU N    N N N 108 
GLU CA   C N S 109 
GLU C    C N N 110 
GLU O    O N N 111 
GLU CB   C N N 112 
GLU CG   C N N 113 
GLU CD   C N N 114 
GLU OE1  O N N 115 
GLU OE2  O N N 116 
GLU OXT  O N N 117 
GLU H    H N N 118 
GLU H2   H N N 119 
GLU HA   H N N 120 
GLU HB2  H N N 121 
GLU HB3  H N N 122 
GLU HG2  H N N 123 
GLU HG3  H N N 124 
GLU HE2  H N N 125 
GLU HXT  H N N 126 
GLY N    N N N 127 
GLY CA   C N N 128 
GLY C    C N N 129 
GLY O    O N N 130 
GLY OXT  O N N 131 
GLY H    H N N 132 
GLY H2   H N N 133 
GLY HA2  H N N 134 
GLY HA3  H N N 135 
GLY HXT  H N N 136 
HIS N    N N N 137 
HIS CA   C N S 138 
HIS C    C N N 139 
HIS O    O N N 140 
HIS CB   C N N 141 
HIS CG   C Y N 142 
HIS ND1  N Y N 143 
HIS CD2  C Y N 144 
HIS CE1  C Y N 145 
HIS NE2  N Y N 146 
HIS OXT  O N N 147 
HIS H    H N N 148 
HIS H2   H N N 149 
HIS HA   H N N 150 
HIS HB2  H N N 151 
HIS HB3  H N N 152 
HIS HD1  H N N 153 
HIS HD2  H N N 154 
HIS HE1  H N N 155 
HIS HE2  H N N 156 
HIS HXT  H N N 157 
HOH O    O N N 158 
HOH H1   H N N 159 
HOH H2   H N N 160 
ILE N    N N N 161 
ILE CA   C N S 162 
ILE C    C N N 163 
ILE O    O N N 164 
ILE CB   C N S 165 
ILE CG1  C N N 166 
ILE CG2  C N N 167 
ILE CD1  C N N 168 
ILE OXT  O N N 169 
ILE H    H N N 170 
ILE H2   H N N 171 
ILE HA   H N N 172 
ILE HB   H N N 173 
ILE HG12 H N N 174 
ILE HG13 H N N 175 
ILE HG21 H N N 176 
ILE HG22 H N N 177 
ILE HG23 H N N 178 
ILE HD11 H N N 179 
ILE HD12 H N N 180 
ILE HD13 H N N 181 
ILE HXT  H N N 182 
LEU N    N N N 183 
LEU CA   C N S 184 
LEU C    C N N 185 
LEU O    O N N 186 
LEU CB   C N N 187 
LEU CG   C N N 188 
LEU CD1  C N N 189 
LEU CD2  C N N 190 
LEU OXT  O N N 191 
LEU H    H N N 192 
LEU H2   H N N 193 
LEU HA   H N N 194 
LEU HB2  H N N 195 
LEU HB3  H N N 196 
LEU HG   H N N 197 
LEU HD11 H N N 198 
LEU HD12 H N N 199 
LEU HD13 H N N 200 
LEU HD21 H N N 201 
LEU HD22 H N N 202 
LEU HD23 H N N 203 
LEU HXT  H N N 204 
LYS N    N N N 205 
LYS CA   C N S 206 
LYS C    C N N 207 
LYS O    O N N 208 
LYS CB   C N N 209 
LYS CG   C N N 210 
LYS CD   C N N 211 
LYS CE   C N N 212 
LYS NZ   N N N 213 
LYS OXT  O N N 214 
LYS H    H N N 215 
LYS H2   H N N 216 
LYS HA   H N N 217 
LYS HB2  H N N 218 
LYS HB3  H N N 219 
LYS HG2  H N N 220 
LYS HG3  H N N 221 
LYS HD2  H N N 222 
LYS HD3  H N N 223 
LYS HE2  H N N 224 
LYS HE3  H N N 225 
LYS HZ1  H N N 226 
LYS HZ2  H N N 227 
LYS HZ3  H N N 228 
LYS HXT  H N N 229 
MET N    N N N 230 
MET CA   C N S 231 
MET C    C N N 232 
MET O    O N N 233 
MET CB   C N N 234 
MET CG   C N N 235 
MET SD   S N N 236 
MET CE   C N N 237 
MET OXT  O N N 238 
MET H    H N N 239 
MET H2   H N N 240 
MET HA   H N N 241 
MET HB2  H N N 242 
MET HB3  H N N 243 
MET HG2  H N N 244 
MET HG3  H N N 245 
MET HE1  H N N 246 
MET HE2  H N N 247 
MET HE3  H N N 248 
MET HXT  H N N 249 
PHE N    N N N 250 
PHE CA   C N S 251 
PHE C    C N N 252 
PHE O    O N N 253 
PHE CB   C N N 254 
PHE CG   C Y N 255 
PHE CD1  C Y N 256 
PHE CD2  C Y N 257 
PHE CE1  C Y N 258 
PHE CE2  C Y N 259 
PHE CZ   C Y N 260 
PHE OXT  O N N 261 
PHE H    H N N 262 
PHE H2   H N N 263 
PHE HA   H N N 264 
PHE HB2  H N N 265 
PHE HB3  H N N 266 
PHE HD1  H N N 267 
PHE HD2  H N N 268 
PHE HE1  H N N 269 
PHE HE2  H N N 270 
PHE HZ   H N N 271 
PHE HXT  H N N 272 
PRO N    N N N 273 
PRO CA   C N S 274 
PRO C    C N N 275 
PRO O    O N N 276 
PRO CB   C N N 277 
PRO CG   C N N 278 
PRO CD   C N N 279 
PRO OXT  O N N 280 
PRO H    H N N 281 
PRO HA   H N N 282 
PRO HB2  H N N 283 
PRO HB3  H N N 284 
PRO HG2  H N N 285 
PRO HG3  H N N 286 
PRO HD2  H N N 287 
PRO HD3  H N N 288 
PRO HXT  H N N 289 
SER N    N N N 290 
SER CA   C N S 291 
SER C    C N N 292 
SER O    O N N 293 
SER CB   C N N 294 
SER OG   O N N 295 
SER OXT  O N N 296 
SER H    H N N 297 
SER H2   H N N 298 
SER HA   H N N 299 
SER HB2  H N N 300 
SER HB3  H N N 301 
SER HG   H N N 302 
SER HXT  H N N 303 
SO4 S    S N N 304 
SO4 O1   O N N 305 
SO4 O2   O N N 306 
SO4 O3   O N N 307 
SO4 O4   O N N 308 
THR N    N N N 309 
THR CA   C N S 310 
THR C    C N N 311 
THR O    O N N 312 
THR CB   C N R 313 
THR OG1  O N N 314 
THR CG2  C N N 315 
THR OXT  O N N 316 
THR H    H N N 317 
THR H2   H N N 318 
THR HA   H N N 319 
THR HB   H N N 320 
THR HG1  H N N 321 
THR HG21 H N N 322 
THR HG22 H N N 323 
THR HG23 H N N 324 
THR HXT  H N N 325 
TRP N    N N N 326 
TRP CA   C N S 327 
TRP C    C N N 328 
TRP O    O N N 329 
TRP CB   C N N 330 
TRP CG   C Y N 331 
TRP CD1  C Y N 332 
TRP CD2  C Y N 333 
TRP NE1  N Y N 334 
TRP CE2  C Y N 335 
TRP CE3  C Y N 336 
TRP CZ2  C Y N 337 
TRP CZ3  C Y N 338 
TRP CH2  C Y N 339 
TRP OXT  O N N 340 
TRP H    H N N 341 
TRP H2   H N N 342 
TRP HA   H N N 343 
TRP HB2  H N N 344 
TRP HB3  H N N 345 
TRP HD1  H N N 346 
TRP HE1  H N N 347 
TRP HE3  H N N 348 
TRP HZ2  H N N 349 
TRP HZ3  H N N 350 
TRP HH2  H N N 351 
TRP HXT  H N N 352 
TYR N    N N N 353 
TYR CA   C N S 354 
TYR C    C N N 355 
TYR O    O N N 356 
TYR CB   C N N 357 
TYR CG   C Y N 358 
TYR CD1  C Y N 359 
TYR CD2  C Y N 360 
TYR CE1  C Y N 361 
TYR CE2  C Y N 362 
TYR CZ   C Y N 363 
TYR OH   O N N 364 
TYR OXT  O N N 365 
TYR H    H N N 366 
TYR H2   H N N 367 
TYR HA   H N N 368 
TYR HB2  H N N 369 
TYR HB3  H N N 370 
TYR HD1  H N N 371 
TYR HD2  H N N 372 
TYR HE1  H N N 373 
TYR HE2  H N N 374 
TYR HH   H N N 375 
TYR HXT  H N N 376 
VAL N    N N N 377 
VAL CA   C N S 378 
VAL C    C N N 379 
VAL O    O N N 380 
VAL CB   C N N 381 
VAL CG1  C N N 382 
VAL CG2  C N N 383 
VAL OXT  O N N 384 
VAL H    H N N 385 
VAL H2   H N N 386 
VAL HA   H N N 387 
VAL HB   H N N 388 
VAL HG11 H N N 389 
VAL HG12 H N N 390 
VAL HG13 H N N 391 
VAL HG21 H N N 392 
VAL HG22 H N N 393 
VAL HG23 H N N 394 
VAL HXT  H N N 395 
# 
loop_
_chem_comp_bond.comp_id 
_chem_comp_bond.atom_id_1 
_chem_comp_bond.atom_id_2 
_chem_comp_bond.value_order 
_chem_comp_bond.pdbx_aromatic_flag 
_chem_comp_bond.pdbx_stereo_config 
_chem_comp_bond.pdbx_ordinal 
ALA N   CA   sing N N 1   
ALA N   H    sing N N 2   
ALA N   H2   sing N N 3   
ALA CA  C    sing N N 4   
ALA CA  CB   sing N N 5   
ALA CA  HA   sing N N 6   
ALA C   O    doub N N 7   
ALA C   OXT  sing N N 8   
ALA CB  HB1  sing N N 9   
ALA CB  HB2  sing N N 10  
ALA CB  HB3  sing N N 11  
ALA OXT HXT  sing N N 12  
ARG N   CA   sing N N 13  
ARG N   H    sing N N 14  
ARG N   H2   sing N N 15  
ARG CA  C    sing N N 16  
ARG CA  CB   sing N N 17  
ARG CA  HA   sing N N 18  
ARG C   O    doub N N 19  
ARG C   OXT  sing N N 20  
ARG CB  CG   sing N N 21  
ARG CB  HB2  sing N N 22  
ARG CB  HB3  sing N N 23  
ARG CG  CD   sing N N 24  
ARG CG  HG2  sing N N 25  
ARG CG  HG3  sing N N 26  
ARG CD  NE   sing N N 27  
ARG CD  HD2  sing N N 28  
ARG CD  HD3  sing N N 29  
ARG NE  CZ   sing N N 30  
ARG NE  HE   sing N N 31  
ARG CZ  NH1  sing N N 32  
ARG CZ  NH2  doub N N 33  
ARG NH1 HH11 sing N N 34  
ARG NH1 HH12 sing N N 35  
ARG NH2 HH21 sing N N 36  
ARG NH2 HH22 sing N N 37  
ARG OXT HXT  sing N N 38  
ASN N   CA   sing N N 39  
ASN N   H    sing N N 40  
ASN N   H2   sing N N 41  
ASN CA  C    sing N N 42  
ASN CA  CB   sing N N 43  
ASN CA  HA   sing N N 44  
ASN C   O    doub N N 45  
ASN C   OXT  sing N N 46  
ASN CB  CG   sing N N 47  
ASN CB  HB2  sing N N 48  
ASN CB  HB3  sing N N 49  
ASN CG  OD1  doub N N 50  
ASN CG  ND2  sing N N 51  
ASN ND2 HD21 sing N N 52  
ASN ND2 HD22 sing N N 53  
ASN OXT HXT  sing N N 54  
ASP N   CA   sing N N 55  
ASP N   H    sing N N 56  
ASP N   H2   sing N N 57  
ASP CA  C    sing N N 58  
ASP CA  CB   sing N N 59  
ASP CA  HA   sing N N 60  
ASP C   O    doub N N 61  
ASP C   OXT  sing N N 62  
ASP CB  CG   sing N N 63  
ASP CB  HB2  sing N N 64  
ASP CB  HB3  sing N N 65  
ASP CG  OD1  doub N N 66  
ASP CG  OD2  sing N N 67  
ASP OD2 HD2  sing N N 68  
ASP OXT HXT  sing N N 69  
CYS N   CA   sing N N 70  
CYS N   H    sing N N 71  
CYS N   H2   sing N N 72  
CYS CA  C    sing N N 73  
CYS CA  CB   sing N N 74  
CYS CA  HA   sing N N 75  
CYS C   O    doub N N 76  
CYS C   OXT  sing N N 77  
CYS CB  SG   sing N N 78  
CYS CB  HB2  sing N N 79  
CYS CB  HB3  sing N N 80  
CYS SG  HG   sing N N 81  
CYS OXT HXT  sing N N 82  
GLN N   CA   sing N N 83  
GLN N   H    sing N N 84  
GLN N   H2   sing N N 85  
GLN CA  C    sing N N 86  
GLN CA  CB   sing N N 87  
GLN CA  HA   sing N N 88  
GLN C   O    doub N N 89  
GLN C   OXT  sing N N 90  
GLN CB  CG   sing N N 91  
GLN CB  HB2  sing N N 92  
GLN CB  HB3  sing N N 93  
GLN CG  CD   sing N N 94  
GLN CG  HG2  sing N N 95  
GLN CG  HG3  sing N N 96  
GLN CD  OE1  doub N N 97  
GLN CD  NE2  sing N N 98  
GLN NE2 HE21 sing N N 99  
GLN NE2 HE22 sing N N 100 
GLN OXT HXT  sing N N 101 
GLU N   CA   sing N N 102 
GLU N   H    sing N N 103 
GLU N   H2   sing N N 104 
GLU CA  C    sing N N 105 
GLU CA  CB   sing N N 106 
GLU CA  HA   sing N N 107 
GLU C   O    doub N N 108 
GLU C   OXT  sing N N 109 
GLU CB  CG   sing N N 110 
GLU CB  HB2  sing N N 111 
GLU CB  HB3  sing N N 112 
GLU CG  CD   sing N N 113 
GLU CG  HG2  sing N N 114 
GLU CG  HG3  sing N N 115 
GLU CD  OE1  doub N N 116 
GLU CD  OE2  sing N N 117 
GLU OE2 HE2  sing N N 118 
GLU OXT HXT  sing N N 119 
GLY N   CA   sing N N 120 
GLY N   H    sing N N 121 
GLY N   H2   sing N N 122 
GLY CA  C    sing N N 123 
GLY CA  HA2  sing N N 124 
GLY CA  HA3  sing N N 125 
GLY C   O    doub N N 126 
GLY C   OXT  sing N N 127 
GLY OXT HXT  sing N N 128 
HIS N   CA   sing N N 129 
HIS N   H    sing N N 130 
HIS N   H2   sing N N 131 
HIS CA  C    sing N N 132 
HIS CA  CB   sing N N 133 
HIS CA  HA   sing N N 134 
HIS C   O    doub N N 135 
HIS C   OXT  sing N N 136 
HIS CB  CG   sing N N 137 
HIS CB  HB2  sing N N 138 
HIS CB  HB3  sing N N 139 
HIS CG  ND1  sing Y N 140 
HIS CG  CD2  doub Y N 141 
HIS ND1 CE1  doub Y N 142 
HIS ND1 HD1  sing N N 143 
HIS CD2 NE2  sing Y N 144 
HIS CD2 HD2  sing N N 145 
HIS CE1 NE2  sing Y N 146 
HIS CE1 HE1  sing N N 147 
HIS NE2 HE2  sing N N 148 
HIS OXT HXT  sing N N 149 
HOH O   H1   sing N N 150 
HOH O   H2   sing N N 151 
ILE N   CA   sing N N 152 
ILE N   H    sing N N 153 
ILE N   H2   sing N N 154 
ILE CA  C    sing N N 155 
ILE CA  CB   sing N N 156 
ILE CA  HA   sing N N 157 
ILE C   O    doub N N 158 
ILE C   OXT  sing N N 159 
ILE CB  CG1  sing N N 160 
ILE CB  CG2  sing N N 161 
ILE CB  HB   sing N N 162 
ILE CG1 CD1  sing N N 163 
ILE CG1 HG12 sing N N 164 
ILE CG1 HG13 sing N N 165 
ILE CG2 HG21 sing N N 166 
ILE CG2 HG22 sing N N 167 
ILE CG2 HG23 sing N N 168 
ILE CD1 HD11 sing N N 169 
ILE CD1 HD12 sing N N 170 
ILE CD1 HD13 sing N N 171 
ILE OXT HXT  sing N N 172 
LEU N   CA   sing N N 173 
LEU N   H    sing N N 174 
LEU N   H2   sing N N 175 
LEU CA  C    sing N N 176 
LEU CA  CB   sing N N 177 
LEU CA  HA   sing N N 178 
LEU C   O    doub N N 179 
LEU C   OXT  sing N N 180 
LEU CB  CG   sing N N 181 
LEU CB  HB2  sing N N 182 
LEU CB  HB3  sing N N 183 
LEU CG  CD1  sing N N 184 
LEU CG  CD2  sing N N 185 
LEU CG  HG   sing N N 186 
LEU CD1 HD11 sing N N 187 
LEU CD1 HD12 sing N N 188 
LEU CD1 HD13 sing N N 189 
LEU CD2 HD21 sing N N 190 
LEU CD2 HD22 sing N N 191 
LEU CD2 HD23 sing N N 192 
LEU OXT HXT  sing N N 193 
LYS N   CA   sing N N 194 
LYS N   H    sing N N 195 
LYS N   H2   sing N N 196 
LYS CA  C    sing N N 197 
LYS CA  CB   sing N N 198 
LYS CA  HA   sing N N 199 
LYS C   O    doub N N 200 
LYS C   OXT  sing N N 201 
LYS CB  CG   sing N N 202 
LYS CB  HB2  sing N N 203 
LYS CB  HB3  sing N N 204 
LYS CG  CD   sing N N 205 
LYS CG  HG2  sing N N 206 
LYS CG  HG3  sing N N 207 
LYS CD  CE   sing N N 208 
LYS CD  HD2  sing N N 209 
LYS CD  HD3  sing N N 210 
LYS CE  NZ   sing N N 211 
LYS CE  HE2  sing N N 212 
LYS CE  HE3  sing N N 213 
LYS NZ  HZ1  sing N N 214 
LYS NZ  HZ2  sing N N 215 
LYS NZ  HZ3  sing N N 216 
LYS OXT HXT  sing N N 217 
MET N   CA   sing N N 218 
MET N   H    sing N N 219 
MET N   H2   sing N N 220 
MET CA  C    sing N N 221 
MET CA  CB   sing N N 222 
MET CA  HA   sing N N 223 
MET C   O    doub N N 224 
MET C   OXT  sing N N 225 
MET CB  CG   sing N N 226 
MET CB  HB2  sing N N 227 
MET CB  HB3  sing N N 228 
MET CG  SD   sing N N 229 
MET CG  HG2  sing N N 230 
MET CG  HG3  sing N N 231 
MET SD  CE   sing N N 232 
MET CE  HE1  sing N N 233 
MET CE  HE2  sing N N 234 
MET CE  HE3  sing N N 235 
MET OXT HXT  sing N N 236 
PHE N   CA   sing N N 237 
PHE N   H    sing N N 238 
PHE N   H2   sing N N 239 
PHE CA  C    sing N N 240 
PHE CA  CB   sing N N 241 
PHE CA  HA   sing N N 242 
PHE C   O    doub N N 243 
PHE C   OXT  sing N N 244 
PHE CB  CG   sing N N 245 
PHE CB  HB2  sing N N 246 
PHE CB  HB3  sing N N 247 
PHE CG  CD1  doub Y N 248 
PHE CG  CD2  sing Y N 249 
PHE CD1 CE1  sing Y N 250 
PHE CD1 HD1  sing N N 251 
PHE CD2 CE2  doub Y N 252 
PHE CD2 HD2  sing N N 253 
PHE CE1 CZ   doub Y N 254 
PHE CE1 HE1  sing N N 255 
PHE CE2 CZ   sing Y N 256 
PHE CE2 HE2  sing N N 257 
PHE CZ  HZ   sing N N 258 
PHE OXT HXT  sing N N 259 
PRO N   CA   sing N N 260 
PRO N   CD   sing N N 261 
PRO N   H    sing N N 262 
PRO CA  C    sing N N 263 
PRO CA  CB   sing N N 264 
PRO CA  HA   sing N N 265 
PRO C   O    doub N N 266 
PRO C   OXT  sing N N 267 
PRO CB  CG   sing N N 268 
PRO CB  HB2  sing N N 269 
PRO CB  HB3  sing N N 270 
PRO CG  CD   sing N N 271 
PRO CG  HG2  sing N N 272 
PRO CG  HG3  sing N N 273 
PRO CD  HD2  sing N N 274 
PRO CD  HD3  sing N N 275 
PRO OXT HXT  sing N N 276 
SER N   CA   sing N N 277 
SER N   H    sing N N 278 
SER N   H2   sing N N 279 
SER CA  C    sing N N 280 
SER CA  CB   sing N N 281 
SER CA  HA   sing N N 282 
SER C   O    doub N N 283 
SER C   OXT  sing N N 284 
SER CB  OG   sing N N 285 
SER CB  HB2  sing N N 286 
SER CB  HB3  sing N N 287 
SER OG  HG   sing N N 288 
SER OXT HXT  sing N N 289 
SO4 S   O1   doub N N 290 
SO4 S   O2   doub N N 291 
SO4 S   O3   sing N N 292 
SO4 S   O4   sing N N 293 
THR N   CA   sing N N 294 
THR N   H    sing N N 295 
THR N   H2   sing N N 296 
THR CA  C    sing N N 297 
THR CA  CB   sing N N 298 
THR CA  HA   sing N N 299 
THR C   O    doub N N 300 
THR C   OXT  sing N N 301 
THR CB  OG1  sing N N 302 
THR CB  CG2  sing N N 303 
THR CB  HB   sing N N 304 
THR OG1 HG1  sing N N 305 
THR CG2 HG21 sing N N 306 
THR CG2 HG22 sing N N 307 
THR CG2 HG23 sing N N 308 
THR OXT HXT  sing N N 309 
TRP N   CA   sing N N 310 
TRP N   H    sing N N 311 
TRP N   H2   sing N N 312 
TRP CA  C    sing N N 313 
TRP CA  CB   sing N N 314 
TRP CA  HA   sing N N 315 
TRP C   O    doub N N 316 
TRP C   OXT  sing N N 317 
TRP CB  CG   sing N N 318 
TRP CB  HB2  sing N N 319 
TRP CB  HB3  sing N N 320 
TRP CG  CD1  doub Y N 321 
TRP CG  CD2  sing Y N 322 
TRP CD1 NE1  sing Y N 323 
TRP CD1 HD1  sing N N 324 
TRP CD2 CE2  doub Y N 325 
TRP CD2 CE3  sing Y N 326 
TRP NE1 CE2  sing Y N 327 
TRP NE1 HE1  sing N N 328 
TRP CE2 CZ2  sing Y N 329 
TRP CE3 CZ3  doub Y N 330 
TRP CE3 HE3  sing N N 331 
TRP CZ2 CH2  doub Y N 332 
TRP CZ2 HZ2  sing N N 333 
TRP CZ3 CH2  sing Y N 334 
TRP CZ3 HZ3  sing N N 335 
TRP CH2 HH2  sing N N 336 
TRP OXT HXT  sing N N 337 
TYR N   CA   sing N N 338 
TYR N   H    sing N N 339 
TYR N   H2   sing N N 340 
TYR CA  C    sing N N 341 
TYR CA  CB   sing N N 342 
TYR CA  HA   sing N N 343 
TYR C   O    doub N N 344 
TYR C   OXT  sing N N 345 
TYR CB  CG   sing N N 346 
TYR CB  HB2  sing N N 347 
TYR CB  HB3  sing N N 348 
TYR CG  CD1  doub Y N 349 
TYR CG  CD2  sing Y N 350 
TYR CD1 CE1  sing Y N 351 
TYR CD1 HD1  sing N N 352 
TYR CD2 CE2  doub Y N 353 
TYR CD2 HD2  sing N N 354 
TYR CE1 CZ   doub Y N 355 
TYR CE1 HE1  sing N N 356 
TYR CE2 CZ   sing Y N 357 
TYR CE2 HE2  sing N N 358 
TYR CZ  OH   sing N N 359 
TYR OH  HH   sing N N 360 
TYR OXT HXT  sing N N 361 
VAL N   CA   sing N N 362 
VAL N   H    sing N N 363 
VAL N   H2   sing N N 364 
VAL CA  C    sing N N 365 
VAL CA  CB   sing N N 366 
VAL CA  HA   sing N N 367 
VAL C   O    doub N N 368 
VAL C   OXT  sing N N 369 
VAL CB  CG1  sing N N 370 
VAL CB  CG2  sing N N 371 
VAL CB  HB   sing N N 372 
VAL CG1 HG11 sing N N 373 
VAL CG1 HG12 sing N N 374 
VAL CG1 HG13 sing N N 375 
VAL CG2 HG21 sing N N 376 
VAL CG2 HG22 sing N N 377 
VAL CG2 HG23 sing N N 378 
VAL OXT HXT  sing N N 379 
# 
_atom_sites.entry_id                    1LY1 
_atom_sites.fract_transf_matrix[1][1]   -0.01438566 
_atom_sites.fract_transf_matrix[1][2]   -0.00431704 
_atom_sites.fract_transf_matrix[1][3]   -0.00298907 
_atom_sites.fract_transf_matrix[2][1]   -0.00340555 
_atom_sites.fract_transf_matrix[2][2]   0.00512455 
_atom_sites.fract_transf_matrix[2][3]   0.00898881 
_atom_sites.fract_transf_matrix[3][1]   -0.00207369 
_atom_sites.fract_transf_matrix[3][2]   0.01231541 
_atom_sites.fract_transf_matrix[3][3]   -0.00780670 
_atom_sites.fract_transf_vector[1]      0.326489 
_atom_sites.fract_transf_vector[2]      0.367782 
_atom_sites.fract_transf_vector[3]      0.348206 
# 
loop_
_atom_type.symbol 
C 
N 
O 
S 
# 
loop_
_atom_site.group_PDB 
_atom_site.id 
_atom_site.type_symbol 
_atom_site.label_atom_id 
_atom_site.label_alt_id 
_atom_site.label_comp_id 
_atom_site.label_asym_id 
_atom_site.label_entity_id 
_atom_site.label_seq_id 
_atom_site.pdbx_PDB_ins_code 
_atom_site.Cartn_x 
_atom_site.Cartn_y 
_atom_site.Cartn_z 
_atom_site.occupancy 
_atom_site.B_iso_or_equiv 
_atom_site.pdbx_formal_charge 
_atom_site.auth_seq_id 
_atom_site.auth_comp_id 
_atom_site.auth_asym_id 
_atom_site.auth_atom_id 
_atom_site.pdbx_PDB_model_num 
ATOM   1    N N   . MET A 1 1   ? 6.935   -1.854  21.193  1.00 45.05 ? 1   MET A N   1 
ATOM   2    C CA  . MET A 1 1   ? 6.038   -0.914  20.468  1.00 44.56 ? 1   MET A CA  1 
ATOM   3    C C   . MET A 1 1   ? 5.724   -1.446  19.075  1.00 43.55 ? 1   MET A C   1 
ATOM   4    O O   . MET A 1 1   ? 6.583   -1.458  18.192  1.00 43.11 ? 1   MET A O   1 
ATOM   5    C CB  . MET A 1 1   ? 6.694   0.463   20.370  1.00 46.49 ? 1   MET A CB  1 
ATOM   6    C CG  . MET A 1 1   ? 5.884   1.500   19.611  1.00 48.93 ? 1   MET A CG  1 
ATOM   7    S SD  . MET A 1 1   ? 6.578   3.166   19.793  1.00 53.17 ? 1   MET A SD  1 
ATOM   8    C CE  . MET A 1 1   ? 5.131   4.070   20.378  1.00 50.97 ? 1   MET A CE  1 
ATOM   9    N N   . LYS A 1 2   ? 4.485   -1.893  18.890  1.00 41.68 ? 2   LYS A N   1 
ATOM   10   C CA  . LYS A 1 2   ? 4.034   -2.446  17.615  1.00 40.11 ? 2   LYS A CA  1 
ATOM   11   C C   . LYS A 1 2   ? 4.284   -1.460  16.471  1.00 38.46 ? 2   LYS A C   1 
ATOM   12   O O   . LYS A 1 2   ? 4.210   -0.247  16.652  1.00 38.10 ? 2   LYS A O   1 
ATOM   13   C CB  . LYS A 1 2   ? 2.549   -2.809  17.721  1.00 40.23 ? 2   LYS A CB  1 
ATOM   14   C CG  . LYS A 1 2   ? 2.262   -3.802  18.841  1.00 40.02 ? 2   LYS A CG  1 
ATOM   15   C CD  . LYS A 1 2   ? 0.802   -3.771  19.262  1.00 40.85 ? 2   LYS A CD  1 
ATOM   16   C CE  . LYS A 1 2   ? 0.566   -4.624  20.503  1.00 40.73 ? 2   LYS A CE  1 
ATOM   17   N NZ  . LYS A 1 2   ? 0.959   -6.040  20.286  1.00 40.90 ? 2   LYS A NZ  1 
ATOM   18   N N   . LYS A 1 3   ? 4.577   -1.991  15.291  1.00 36.72 ? 3   LYS A N   1 
ATOM   19   C CA  . LYS A 1 3   ? 4.880   -1.155  14.141  1.00 34.57 ? 3   LYS A CA  1 
ATOM   20   C C   . LYS A 1 3   ? 3.854   -1.172  13.015  1.00 32.39 ? 3   LYS A C   1 
ATOM   21   O O   . LYS A 1 3   ? 3.148   -2.161  12.793  1.00 30.87 ? 3   LYS A O   1 
ATOM   22   C CB  . LYS A 1 3   ? 6.242   -1.563  13.572  1.00 36.43 ? 3   LYS A CB  1 
ATOM   23   C CG  . LYS A 1 3   ? 7.284   -1.808  14.644  1.00 38.43 ? 3   LYS A CG  1 
ATOM   24   C CD  . LYS A 1 3   ? 8.615   -2.261  14.073  1.00 40.94 ? 3   LYS A CD  1 
ATOM   25   C CE  . LYS A 1 3   ? 9.567   -2.625  15.206  1.00 42.39 ? 3   LYS A CE  1 
ATOM   26   N NZ  . LYS A 1 3   ? 9.644   -1.525  16.214  1.00 43.00 ? 3   LYS A NZ  1 
ATOM   27   N N   . ILE A 1 4   ? 3.780   -0.052  12.309  1.00 29.61 ? 4   ILE A N   1 
ATOM   28   C CA  . ILE A 1 4   ? 2.900   0.076   11.162  1.00 28.08 ? 4   ILE A CA  1 
ATOM   29   C C   . ILE A 1 4   ? 3.859   0.367   10.016  1.00 27.20 ? 4   ILE A C   1 
ATOM   30   O O   . ILE A 1 4   ? 4.401   1.467   9.917   1.00 27.22 ? 4   ILE A O   1 
ATOM   31   C CB  . ILE A 1 4   ? 1.899   1.241   11.326  1.00 27.75 ? 4   ILE A CB  1 
ATOM   32   C CG1 . ILE A 1 4   ? 0.902   0.910   12.443  1.00 27.07 ? 4   ILE A CG1 1 
ATOM   33   C CG2 . ILE A 1 4   ? 1.165   1.482   10.015  1.00 26.76 ? 4   ILE A CG2 1 
ATOM   34   C CD1 . ILE A 1 4   ? -0.162  1.954   12.658  1.00 25.67 ? 4   ILE A CD1 1 
ATOM   35   N N   . ILE A 1 5   ? 4.086   -0.634  9.175   1.00 26.00 ? 5   ILE A N   1 
ATOM   36   C CA  . ILE A 1 5   ? 5.001   -0.499  8.053   1.00 25.00 ? 5   ILE A CA  1 
ATOM   37   C C   . ILE A 1 5   ? 4.274   -0.136  6.763   1.00 24.42 ? 5   ILE A C   1 
ATOM   38   O O   . ILE A 1 5   ? 3.412   -0.878  6.288   1.00 24.97 ? 5   ILE A O   1 
ATOM   39   C CB  . ILE A 1 5   ? 5.799   -1.806  7.812   1.00 25.00 ? 5   ILE A CB  1 
ATOM   40   C CG1 . ILE A 1 5   ? 6.540   -2.214  9.086   1.00 24.87 ? 5   ILE A CG1 1 
ATOM   41   C CG2 . ILE A 1 5   ? 6.799   -1.603  6.679   1.00 26.04 ? 5   ILE A CG2 1 
ATOM   42   C CD1 . ILE A 1 5   ? 7.330   -3.510  8.952   1.00 24.35 ? 5   ILE A CD1 1 
ATOM   43   N N   . LEU A 1 6   ? 4.624   1.017   6.205   1.00 23.39 ? 6   LEU A N   1 
ATOM   44   C CA  . LEU A 1 6   ? 4.020   1.477   4.959   1.00 22.82 ? 6   LEU A CA  1 
ATOM   45   C C   . LEU A 1 6   ? 4.980   1.245   3.811   1.00 20.95 ? 6   LEU A C   1 
ATOM   46   O O   . LEU A 1 6   ? 6.109   1.719   3.849   1.00 20.33 ? 6   LEU A O   1 
ATOM   47   C CB  . LEU A 1 6   ? 3.724   2.972   5.035   1.00 23.12 ? 6   LEU A CB  1 
ATOM   48   C CG  . LEU A 1 6   ? 2.883   3.480   6.204   1.00 24.90 ? 6   LEU A CG  1 
ATOM   49   C CD1 . LEU A 1 6   ? 2.798   4.999   6.106   1.00 24.59 ? 6   LEU A CD1 1 
ATOM   50   C CD2 . LEU A 1 6   ? 1.505   2.865   6.174   1.00 24.71 ? 6   LEU A CD2 1 
ATOM   51   N N   . THR A 1 7   ? 4.540   0.505   2.800   1.00 20.54 ? 7   THR A N   1 
ATOM   52   C CA  . THR A 1 7   ? 5.383   0.288   1.642   1.00 20.13 ? 7   THR A CA  1 
ATOM   53   C C   . THR A 1 7   ? 5.171   1.512   0.732   1.00 20.14 ? 7   THR A C   1 
ATOM   54   O O   . THR A 1 7   ? 4.044   2.007   0.593   1.00 20.32 ? 7   THR A O   1 
ATOM   55   C CB  . THR A 1 7   ? 4.990   -1.019  0.878   1.00 19.44 ? 7   THR A CB  1 
ATOM   56   O OG1 . THR A 1 7   ? 3.616   -0.946  0.465   1.00 18.26 ? 7   THR A OG1 1 
ATOM   57   C CG2 . THR A 1 7   ? 5.202   -2.250  1.773   1.00 17.26 ? 7   THR A CG2 1 
ATOM   58   N N   . ILE A 1 8   ? 6.246   2.014   0.136   1.00 20.24 ? 8   ILE A N   1 
ATOM   59   C CA  . ILE A 1 8   ? 6.154   3.186   -0.741  1.00 23.13 ? 8   ILE A CA  1 
ATOM   60   C C   . ILE A 1 8   ? 6.731   2.858   -2.100  1.00 22.56 ? 8   ILE A C   1 
ATOM   61   O O   . ILE A 1 8   ? 7.920   2.564   -2.214  1.00 22.22 ? 8   ILE A O   1 
ATOM   62   C CB  . ILE A 1 8   ? 6.961   4.394   -0.200  1.00 24.02 ? 8   ILE A CB  1 
ATOM   63   C CG1 . ILE A 1 8   ? 6.743   4.545   1.305   1.00 25.97 ? 8   ILE A CG1 1 
ATOM   64   C CG2 . ILE A 1 8   ? 6.527   5.681   -0.923  1.00 24.53 ? 8   ILE A CG2 1 
ATOM   65   C CD1 . ILE A 1 8   ? 5.339   4.872   1.688   1.00 26.06 ? 8   ILE A CD1 1 
ATOM   66   N N   . GLY A 1 9   ? 5.898   2.920   -3.132  1.00 23.23 ? 9   GLY A N   1 
ATOM   67   C CA  . GLY A 1 9   ? 6.381   2.624   -4.464  1.00 23.91 ? 9   GLY A CA  1 
ATOM   68   C C   . GLY A 1 9   ? 5.260   2.440   -5.461  1.00 24.70 ? 9   GLY A C   1 
ATOM   69   O O   . GLY A 1 9   ? 4.118   2.152   -5.079  1.00 23.69 ? 9   GLY A O   1 
ATOM   70   N N   . CYS A 1 10  ? 5.590   2.608   -6.740  1.00 24.88 ? 10  CYS A N   1 
ATOM   71   C CA  . CYS A 1 10  ? 4.630   2.463   -7.829  1.00 26.26 ? 10  CYS A CA  1 
ATOM   72   C C   . CYS A 1 10  ? 4.279   0.999   -8.030  1.00 26.66 ? 10  CYS A C   1 
ATOM   73   O O   . CYS A 1 10  ? 4.996   0.111   -7.575  1.00 27.00 ? 10  CYS A O   1 
ATOM   74   C CB  . CYS A 1 10  ? 5.229   2.990   -9.141  1.00 26.48 ? 10  CYS A CB  1 
ATOM   75   S SG  . CYS A 1 10  ? 5.890   4.653   -9.067  1.00 28.80 ? 10  CYS A SG  1 
ATOM   76   N N   . PRO A 1 11  ? 3.153   0.727   -8.705  1.00 26.25 ? 11  PRO A N   1 
ATOM   77   C CA  . PRO A 1 11  ? 2.836   -0.681  -8.909  1.00 26.28 ? 11  PRO A CA  1 
ATOM   78   C C   . PRO A 1 11  ? 3.974   -1.280  -9.727  1.00 26.58 ? 11  PRO A C   1 
ATOM   79   O O   . PRO A 1 11  ? 4.526   -0.620  -10.615 1.00 26.83 ? 11  PRO A O   1 
ATOM   80   C CB  . PRO A 1 11  ? 1.510   -0.641  -9.681  1.00 25.63 ? 11  PRO A CB  1 
ATOM   81   C CG  . PRO A 1 11  ? 1.542   0.664   -10.370 1.00 27.26 ? 11  PRO A CG  1 
ATOM   82   C CD  . PRO A 1 11  ? 2.133   1.589   -9.319  1.00 26.27 ? 11  PRO A CD  1 
ATOM   83   N N   . GLY A 1 12  ? 4.329   -2.518  -9.414  1.00 26.33 ? 12  GLY A N   1 
ATOM   84   C CA  . GLY A 1 12  ? 5.411   -3.171  -10.117 1.00 25.92 ? 12  GLY A CA  1 
ATOM   85   C C   . GLY A 1 12  ? 6.758   -2.964  -9.451  1.00 25.60 ? 12  GLY A C   1 
ATOM   86   O O   . GLY A 1 12  ? 7.768   -3.464  -9.950  1.00 25.06 ? 12  GLY A O   1 
ATOM   87   N N   . SER A 1 13  ? 6.783   -2.243  -8.329  1.00 24.52 ? 13  SER A N   1 
ATOM   88   C CA  . SER A 1 13  ? 8.033   -1.979  -7.619  1.00 24.19 ? 13  SER A CA  1 
ATOM   89   C C   . SER A 1 13  ? 8.479   -3.103  -6.679  1.00 24.98 ? 13  SER A C   1 
ATOM   90   O O   . SER A 1 13  ? 9.555   -3.027  -6.092  1.00 25.42 ? 13  SER A O   1 
ATOM   91   C CB  . SER A 1 13  ? 7.936   -0.653  -6.849  1.00 24.29 ? 13  SER A CB  1 
ATOM   92   O OG  . SER A 1 13  ? 6.899   -0.691  -5.862  1.00 24.41 ? 13  SER A OG  1 
ATOM   93   N N   . GLY A 1 14  ? 7.661   -4.143  -6.546  1.00 24.46 ? 14  GLY A N   1 
ATOM   94   C CA  . GLY A 1 14  ? 8.024   -5.266  -5.701  1.00 24.74 ? 14  GLY A CA  1 
ATOM   95   C C   . GLY A 1 14  ? 7.393   -5.285  -4.318  1.00 24.61 ? 14  GLY A C   1 
ATOM   96   O O   . GLY A 1 14  ? 7.758   -6.111  -3.485  1.00 24.97 ? 14  GLY A O   1 
ATOM   97   N N   . LYS A 1 15  ? 6.437   -4.392  -4.080  1.00 24.61 ? 15  LYS A N   1 
ATOM   98   C CA  . LYS A 1 15  ? 5.773   -4.290  -2.786  1.00 25.01 ? 15  LYS A CA  1 
ATOM   99   C C   . LYS A 1 15  ? 5.098   -5.562  -2.277  1.00 25.31 ? 15  LYS A C   1 
ATOM   100  O O   . LYS A 1 15  ? 5.327   -5.975  -1.139  1.00 24.99 ? 15  LYS A O   1 
ATOM   101  C CB  . LYS A 1 15  ? 4.740   -3.162  -2.820  1.00 24.51 ? 15  LYS A CB  1 
ATOM   102  C CG  . LYS A 1 15  ? 5.320   -1.817  -3.218  1.00 24.70 ? 15  LYS A CG  1 
ATOM   103  C CD  . LYS A 1 15  ? 4.330   -0.675  -3.017  1.00 24.41 ? 15  LYS A CD  1 
ATOM   104  C CE  . LYS A 1 15  ? 3.038   -0.874  -3.796  1.00 25.03 ? 15  LYS A CE  1 
ATOM   105  N NZ  . LYS A 1 15  ? 3.238   -0.840  -5.271  1.00 24.86 ? 15  LYS A NZ  1 
ATOM   106  N N   . SER A 1 16  ? 4.262   -6.179  -3.107  1.00 26.86 ? 16  SER A N   1 
ATOM   107  C CA  . SER A 1 16  ? 3.550   -7.378  -2.679  1.00 27.69 ? 16  SER A CA  1 
ATOM   108  C C   . SER A 1 16  ? 4.494   -8.534  -2.391  1.00 27.10 ? 16  SER A C   1 
ATOM   109  O O   . SER A 1 16  ? 4.332   -9.251  -1.402  1.00 27.61 ? 16  SER A O   1 
ATOM   110  C CB  . SER A 1 16  ? 2.509   -7.788  -3.731  1.00 29.92 ? 16  SER A CB  1 
ATOM   111  O OG  . SER A 1 16  ? 3.123   -8.038  -4.995  1.00 35.80 ? 16  SER A OG  1 
ATOM   112  N N   . THR A 1 17  ? 5.493   -8.719  -3.244  1.00 26.07 ? 17  THR A N   1 
ATOM   113  C CA  . THR A 1 17  ? 6.443   -9.802  -3.024  1.00 24.83 ? 17  THR A CA  1 
ATOM   114  C C   . THR A 1 17  ? 7.168   -9.604  -1.697  1.00 24.17 ? 17  THR A C   1 
ATOM   115  O O   . THR A 1 17  ? 7.275   -10.538 -0.895  1.00 23.88 ? 17  THR A O   1 
ATOM   116  C CB  . THR A 1 17  ? 7.478   -9.870  -4.153  1.00 25.24 ? 17  THR A CB  1 
ATOM   117  O OG1 . THR A 1 17  ? 6.814   -10.229 -5.369  1.00 26.00 ? 17  THR A OG1 1 
ATOM   118  C CG2 . THR A 1 17  ? 8.547   -10.906 -3.835  1.00 26.62 ? 17  THR A CG2 1 
ATOM   119  N N   . TRP A 1 18  ? 7.662   -8.390  -1.467  1.00 22.24 ? 18  TRP A N   1 
ATOM   120  C CA  . TRP A 1 18  ? 8.377   -8.094  -0.233  1.00 22.84 ? 18  TRP A CA  1 
ATOM   121  C C   . TRP A 1 18  ? 7.476   -8.371  0.966   1.00 21.62 ? 18  TRP A C   1 
ATOM   122  O O   . TRP A 1 18  ? 7.889   -9.025  1.916   1.00 22.85 ? 18  TRP A O   1 
ATOM   123  C CB  . TRP A 1 18  ? 8.838   -6.630  -0.206  1.00 23.03 ? 18  TRP A CB  1 
ATOM   124  C CG  . TRP A 1 18  ? 9.475   -6.237  1.098   1.00 25.23 ? 18  TRP A CG  1 
ATOM   125  C CD1 . TRP A 1 18  ? 10.781  -6.432  1.475   1.00 26.80 ? 18  TRP A CD1 1 
ATOM   126  C CD2 . TRP A 1 18  ? 8.812   -5.677  2.235   1.00 25.74 ? 18  TRP A CD2 1 
ATOM   127  N NE1 . TRP A 1 18  ? 10.961  -6.033  2.775   1.00 26.75 ? 18  TRP A NE1 1 
ATOM   128  C CE2 . TRP A 1 18  ? 9.771   -5.566  3.265   1.00 26.54 ? 18  TRP A CE2 1 
ATOM   129  C CE3 . TRP A 1 18  ? 7.498   -5.259  2.484   1.00 25.36 ? 18  TRP A CE3 1 
ATOM   130  C CZ2 . TRP A 1 18  ? 9.452   -5.056  4.535   1.00 26.32 ? 18  TRP A CZ2 1 
ATOM   131  C CZ3 . TRP A 1 18  ? 7.179   -4.752  3.741   1.00 25.46 ? 18  TRP A CZ3 1 
ATOM   132  C CH2 . TRP A 1 18  ? 8.154   -4.654  4.751   1.00 25.51 ? 18  TRP A CH2 1 
ATOM   133  N N   . ALA A 1 19  ? 6.243   -7.878  0.912   1.00 21.81 ? 19  ALA A N   1 
ATOM   134  C CA  . ALA A 1 19  ? 5.299   -8.075  2.008   1.00 21.26 ? 19  ALA A CA  1 
ATOM   135  C C   . ALA A 1 19  ? 5.072   -9.554  2.317   1.00 22.72 ? 19  ALA A C   1 
ATOM   136  O O   . ALA A 1 19  ? 5.067   -9.967  3.480   1.00 21.89 ? 19  ALA A O   1 
ATOM   137  C CB  . ALA A 1 19  ? 3.966   -7.400  1.688   1.00 19.97 ? 19  ALA A CB  1 
ATOM   138  N N   . ARG A 1 20  ? 4.867   -10.351 1.274   1.00 23.98 ? 20  ARG A N   1 
ATOM   139  C CA  . ARG A 1 20  ? 4.643   -11.777 1.461   1.00 25.74 ? 20  ARG A CA  1 
ATOM   140  C C   . ARG A 1 20  ? 5.855   -12.458 2.090   1.00 25.59 ? 20  ARG A C   1 
ATOM   141  O O   . ARG A 1 20  ? 5.712   -13.219 3.041   1.00 25.71 ? 20  ARG A O   1 
ATOM   142  C CB  . ARG A 1 20  ? 4.291   -12.443 0.124   1.00 26.09 ? 20  ARG A CB  1 
ATOM   143  C CG  . ARG A 1 20  ? 4.305   -13.957 0.162   1.00 29.39 ? 20  ARG A CG  1 
ATOM   144  C CD  . ARG A 1 20  ? 3.501   -14.578 -0.974  1.00 30.54 ? 20  ARG A CD  1 
ATOM   145  N NE  . ARG A 1 20  ? 3.526   -13.808 -2.217  1.00 34.63 ? 20  ARG A NE  1 
ATOM   146  C CZ  . ARG A 1 20  ? 4.591   -13.646 -2.997  1.00 35.11 ? 20  ARG A CZ  1 
ATOM   147  N NH1 . ARG A 1 20  ? 5.754   -14.201 -2.675  1.00 35.76 ? 20  ARG A NH1 1 
ATOM   148  N NH2 . ARG A 1 20  ? 4.483   -12.931 -4.107  1.00 34.56 ? 20  ARG A NH2 1 
ATOM   149  N N   . GLU A 1 21  ? 7.045   -12.178 1.569   1.00 26.14 ? 21  GLU A N   1 
ATOM   150  C CA  . GLU A 1 21  ? 8.251   -12.797 2.095   1.00 26.86 ? 21  GLU A CA  1 
ATOM   151  C C   . GLU A 1 21  ? 8.600   -12.288 3.491   1.00 27.00 ? 21  GLU A C   1 
ATOM   152  O O   . GLU A 1 21  ? 9.104   -13.042 4.324   1.00 27.54 ? 21  GLU A O   1 
ATOM   153  C CB  . GLU A 1 21  ? 9.430   -12.583 1.131   1.00 26.94 ? 21  GLU A CB  1 
ATOM   154  C CG  . GLU A 1 21  ? 9.262   -13.284 -0.226  1.00 27.34 ? 21  GLU A CG  1 
ATOM   155  C CD  . GLU A 1 21  ? 9.109   -14.805 -0.092  1.00 28.95 ? 21  GLU A CD  1 
ATOM   156  O OE1 . GLU A 1 21  ? 9.977   -15.449 0.533   1.00 29.43 ? 21  GLU A OE1 1 
ATOM   157  O OE2 . GLU A 1 21  ? 8.118   -15.358 -0.611  1.00 29.66 ? 21  GLU A OE2 1 
ATOM   158  N N   . PHE A 1 22  ? 8.322   -11.018 3.758   1.00 26.99 ? 22  PHE A N   1 
ATOM   159  C CA  . PHE A 1 22  ? 8.610   -10.448 5.071   1.00 26.89 ? 22  PHE A CA  1 
ATOM   160  C C   . PHE A 1 22  ? 7.757   -11.120 6.152   1.00 27.38 ? 22  PHE A C   1 
ATOM   161  O O   . PHE A 1 22  ? 8.263   -11.499 7.209   1.00 27.48 ? 22  PHE A O   1 
ATOM   162  C CB  . PHE A 1 22  ? 8.333   -8.943  5.081   1.00 27.17 ? 22  PHE A CB  1 
ATOM   163  C CG  . PHE A 1 22  ? 8.695   -8.270  6.377   1.00 27.77 ? 22  PHE A CG  1 
ATOM   164  C CD1 . PHE A 1 22  ? 10.021  -7.948  6.665   1.00 27.46 ? 22  PHE A CD1 1 
ATOM   165  C CD2 . PHE A 1 22  ? 7.717   -7.986  7.322   1.00 28.08 ? 22  PHE A CD2 1 
ATOM   166  C CE1 . PHE A 1 22  ? 10.360  -7.355  7.868   1.00 28.79 ? 22  PHE A CE1 1 
ATOM   167  C CE2 . PHE A 1 22  ? 8.048   -7.393  8.531   1.00 27.85 ? 22  PHE A CE2 1 
ATOM   168  C CZ  . PHE A 1 22  ? 9.372   -7.077  8.805   1.00 27.62 ? 22  PHE A CZ  1 
ATOM   169  N N   . ILE A 1 23  ? 6.462   -11.259 5.884   1.00 27.02 ? 23  ILE A N   1 
ATOM   170  C CA  . ILE A 1 23  ? 5.544   -11.887 6.825   1.00 26.63 ? 23  ILE A CA  1 
ATOM   171  C C   . ILE A 1 23  ? 5.904   -13.355 7.076   1.00 26.71 ? 23  ILE A C   1 
ATOM   172  O O   . ILE A 1 23  ? 5.741   -13.861 8.189   1.00 26.49 ? 23  ILE A O   1 
ATOM   173  C CB  . ILE A 1 23  ? 4.079   -11.788 6.315   1.00 25.92 ? 23  ILE A CB  1 
ATOM   174  C CG1 . ILE A 1 23  ? 3.590   -10.349 6.454   1.00 25.99 ? 23  ILE A CG1 1 
ATOM   175  C CG2 . ILE A 1 23  ? 3.166   -12.746 7.091   1.00 25.73 ? 23  ILE A CG2 1 
ATOM   176  C CD1 . ILE A 1 23  ? 2.213   -10.092 5.886   1.00 26.47 ? 23  ILE A CD1 1 
ATOM   177  N N   . ALA A 1 24  ? 6.406   -14.030 6.047   1.00 27.65 ? 24  ALA A N   1 
ATOM   178  C CA  . ALA A 1 24  ? 6.785   -15.431 6.181   1.00 28.68 ? 24  ALA A CA  1 
ATOM   179  C C   . ALA A 1 24  ? 8.035   -15.600 7.048   1.00 29.70 ? 24  ALA A C   1 
ATOM   180  O O   . ALA A 1 24  ? 8.179   -16.600 7.749   1.00 30.16 ? 24  ALA A O   1 
ATOM   181  C CB  . ALA A 1 24  ? 7.021   -16.038 4.800   1.00 29.14 ? 24  ALA A CB  1 
ATOM   182  N N   . LYS A 1 25  ? 8.927   -14.617 6.999   1.00 30.17 ? 25  LYS A N   1 
ATOM   183  C CA  . LYS A 1 25  ? 10.168  -14.662 7.761   1.00 31.12 ? 25  LYS A CA  1 
ATOM   184  C C   . LYS A 1 25  ? 10.074  -13.919 9.088   1.00 31.48 ? 25  LYS A C   1 
ATOM   185  O O   . LYS A 1 25  ? 10.992  -13.990 9.915   1.00 31.76 ? 25  LYS A O   1 
ATOM   186  C CB  . LYS A 1 25  ? 11.306  -14.051 6.951   1.00 31.67 ? 25  LYS A CB  1 
ATOM   187  C CG  . LYS A 1 25  ? 11.582  -14.748 5.641   1.00 32.96 ? 25  LYS A CG  1 
ATOM   188  C CD  . LYS A 1 25  ? 12.608  -13.967 4.834   1.00 34.46 ? 25  LYS A CD  1 
ATOM   189  C CE  . LYS A 1 25  ? 12.847  -14.631 3.488   1.00 36.74 ? 25  LYS A CE  1 
ATOM   190  N NZ  . LYS A 1 25  ? 13.799  -13.862 2.648   1.00 38.47 ? 25  LYS A NZ  1 
ATOM   191  N N   . ASN A 1 26  ? 8.974   -13.201 9.288   1.00 31.42 ? 26  ASN A N   1 
ATOM   192  C CA  . ASN A 1 26  ? 8.770   -12.430 10.510  1.00 32.41 ? 26  ASN A CA  1 
ATOM   193  C C   . ASN A 1 26  ? 7.411   -12.680 11.141  1.00 33.38 ? 26  ASN A C   1 
ATOM   194  O O   . ASN A 1 26  ? 6.451   -11.953 10.887  1.00 32.83 ? 26  ASN A O   1 
ATOM   195  C CB  . ASN A 1 26  ? 8.910   -10.939 10.215  1.00 33.19 ? 26  ASN A CB  1 
ATOM   196  C CG  . ASN A 1 26  ? 10.305  -10.565 9.803   1.00 33.72 ? 26  ASN A CG  1 
ATOM   197  O OD1 . ASN A 1 26  ? 11.187  -10.420 10.643  1.00 34.70 ? 26  ASN A OD1 1 
ATOM   198  N ND2 . ASN A 1 26  ? 10.524  -10.428 8.501   1.00 34.13 ? 26  ASN A ND2 1 
ATOM   199  N N   . PRO A 1 27  ? 7.310   -13.722 11.975  1.00 33.96 ? 27  PRO A N   1 
ATOM   200  C CA  . PRO A 1 27  ? 6.062   -14.070 12.657  1.00 34.03 ? 27  PRO A CA  1 
ATOM   201  C C   . PRO A 1 27  ? 5.539   -12.889 13.476  1.00 32.94 ? 27  PRO A C   1 
ATOM   202  O O   . PRO A 1 27  ? 6.309   -12.179 14.122  1.00 34.75 ? 27  PRO A O   1 
ATOM   203  C CB  . PRO A 1 27  ? 6.475   -15.246 13.537  1.00 34.83 ? 27  PRO A CB  1 
ATOM   204  C CG  . PRO A 1 27  ? 7.538   -15.918 12.696  1.00 35.21 ? 27  PRO A CG  1 
ATOM   205  C CD  . PRO A 1 27  ? 8.350   -14.736 12.231  1.00 34.42 ? 27  PRO A CD  1 
ATOM   206  N N   . GLY A 1 28  ? 4.232   -12.671 13.444  1.00 31.72 ? 28  GLY A N   1 
ATOM   207  C CA  . GLY A 1 28  ? 3.673   -11.567 14.197  1.00 29.92 ? 28  GLY A CA  1 
ATOM   208  C C   . GLY A 1 28  ? 3.229   -10.402 13.335  1.00 28.30 ? 28  GLY A C   1 
ATOM   209  O O   . GLY A 1 28  ? 2.613   -9.471  13.836  1.00 28.44 ? 28  GLY A O   1 
ATOM   210  N N   . PHE A 1 29  ? 3.541   -10.437 12.042  1.00 27.38 ? 29  PHE A N   1 
ATOM   211  C CA  . PHE A 1 29  ? 3.126   -9.357  11.159  1.00 26.08 ? 29  PHE A CA  1 
ATOM   212  C C   . PHE A 1 29  ? 1.973   -9.791  10.270  1.00 25.86 ? 29  PHE A C   1 
ATOM   213  O O   . PHE A 1 29  ? 1.869   -10.962 9.889   1.00 24.95 ? 29  PHE A O   1 
ATOM   214  C CB  . PHE A 1 29  ? 4.290   -8.868  10.285  1.00 27.06 ? 29  PHE A CB  1 
ATOM   215  C CG  . PHE A 1 29  ? 5.256   -7.976  11.009  1.00 28.17 ? 29  PHE A CG  1 
ATOM   216  C CD1 . PHE A 1 29  ? 6.228   -8.514  11.835  1.00 29.73 ? 29  PHE A CD1 1 
ATOM   217  C CD2 . PHE A 1 29  ? 5.166   -6.592  10.893  1.00 28.98 ? 29  PHE A CD2 1 
ATOM   218  C CE1 . PHE A 1 29  ? 7.101   -7.687  12.543  1.00 30.21 ? 29  PHE A CE1 1 
ATOM   219  C CE2 . PHE A 1 29  ? 6.030   -5.754  11.595  1.00 29.36 ? 29  PHE A CE2 1 
ATOM   220  C CZ  . PHE A 1 29  ? 6.996   -6.306  12.420  1.00 30.14 ? 29  PHE A CZ  1 
ATOM   221  N N   . TYR A 1 30  ? 1.111   -8.831  9.953   1.00 23.65 ? 30  TYR A N   1 
ATOM   222  C CA  . TYR A 1 30  ? -0.051  -9.068  9.103   1.00 24.14 ? 30  TYR A CA  1 
ATOM   223  C C   . TYR A 1 30  ? -0.174  -8.008  8.017   1.00 22.54 ? 30  TYR A C   1 
ATOM   224  O O   . TYR A 1 30  ? 0.174   -6.844  8.221   1.00 21.91 ? 30  TYR A O   1 
ATOM   225  C CB  . TYR A 1 30  ? -1.335  -9.083  9.933   1.00 24.37 ? 30  TYR A CB  1 
ATOM   226  C CG  . TYR A 1 30  ? -1.320  -10.113 11.035  1.00 26.94 ? 30  TYR A CG  1 
ATOM   227  C CD1 . TYR A 1 30  ? -0.634  -9.879  12.225  1.00 27.34 ? 30  TYR A CD1 1 
ATOM   228  C CD2 . TYR A 1 30  ? -1.955  -11.343 10.871  1.00 27.58 ? 30  TYR A CD2 1 
ATOM   229  C CE1 . TYR A 1 30  ? -0.578  -10.848 13.225  1.00 28.80 ? 30  TYR A CE1 1 
ATOM   230  C CE2 . TYR A 1 30  ? -1.901  -12.316 11.860  1.00 28.48 ? 30  TYR A CE2 1 
ATOM   231  C CZ  . TYR A 1 30  ? -1.213  -12.065 13.032  1.00 29.11 ? 30  TYR A CZ  1 
ATOM   232  O OH  . TYR A 1 30  ? -1.149  -13.045 13.999  1.00 30.27 ? 30  TYR A OH  1 
ATOM   233  N N   . ASN A 1 31  ? -0.717  -8.424  6.878   1.00 20.25 ? 31  ASN A N   1 
ATOM   234  C CA  . ASN A 1 31  ? -0.886  -7.555  5.720   1.00 19.77 ? 31  ASN A CA  1 
ATOM   235  C C   . ASN A 1 31  ? -2.253  -6.885  5.615   1.00 20.04 ? 31  ASN A C   1 
ATOM   236  O O   . ASN A 1 31  ? -3.277  -7.506  5.866   1.00 19.57 ? 31  ASN A O   1 
ATOM   237  C CB  . ASN A 1 31  ? -0.648  -8.375  4.443   1.00 18.67 ? 31  ASN A CB  1 
ATOM   238  C CG  . ASN A 1 31  ? -0.610  -7.519  3.198   1.00 21.33 ? 31  ASN A CG  1 
ATOM   239  O OD1 . ASN A 1 31  ? 0.231   -6.625  3.078   1.00 21.77 ? 31  ASN A OD1 1 
ATOM   240  N ND2 . ASN A 1 31  ? -1.520  -7.780  2.263   1.00 19.74 ? 31  ASN A ND2 1 
ATOM   241  N N   . ILE A 1 32  ? -2.250  -5.616  5.219   1.00 19.54 ? 32  ILE A N   1 
ATOM   242  C CA  . ILE A 1 32  ? -3.480  -4.845  5.018   1.00 19.34 ? 32  ILE A CA  1 
ATOM   243  C C   . ILE A 1 32  ? -3.290  -4.185  3.664   1.00 19.47 ? 32  ILE A C   1 
ATOM   244  O O   . ILE A 1 32  ? -2.312  -3.471  3.461   1.00 19.10 ? 32  ILE A O   1 
ATOM   245  C CB  . ILE A 1 32  ? -3.672  -3.788  6.111   1.00 19.74 ? 32  ILE A CB  1 
ATOM   246  C CG1 . ILE A 1 32  ? -3.904  -4.491  7.460   1.00 19.89 ? 32  ILE A CG1 1 
ATOM   247  C CG2 . ILE A 1 32  ? -4.869  -2.886  5.755   1.00 19.43 ? 32  ILE A CG2 1 
ATOM   248  C CD1 . ILE A 1 32  ? -4.075  -3.543  8.657   1.00 21.55 ? 32  ILE A CD1 1 
ATOM   249  N N   . ASN A 1 33  ? -4.235  -4.402  2.749   1.00 20.18 ? 33  ASN A N   1 
ATOM   250  C CA  . ASN A 1 33  ? -4.075  -3.914  1.374   1.00 20.25 ? 33  ASN A CA  1 
ATOM   251  C C   . ASN A 1 33  ? -5.349  -3.357  0.717   1.00 20.36 ? 33  ASN A C   1 
ATOM   252  O O   . ASN A 1 33  ? -6.371  -4.040  0.677   1.00 20.61 ? 33  ASN A O   1 
ATOM   253  C CB  . ASN A 1 33  ? -3.519  -5.105  0.569   1.00 21.54 ? 33  ASN A CB  1 
ATOM   254  C CG  . ASN A 1 33  ? -3.220  -4.765  -0.862  1.00 22.91 ? 33  ASN A CG  1 
ATOM   255  O OD1 . ASN A 1 33  ? -4.111  -4.766  -1.706  1.00 24.38 ? 33  ASN A OD1 1 
ATOM   256  N ND2 . ASN A 1 33  ? -1.960  -4.454  -1.146  1.00 23.81 ? 33  ASN A ND2 1 
ATOM   257  N N   . ARG A 1 34  ? -5.287  -2.125  0.201   1.00 20.19 ? 34  ARG A N   1 
ATOM   258  C CA  . ARG A 1 34  ? -6.459  -1.516  -0.444  1.00 21.14 ? 34  ARG A CA  1 
ATOM   259  C C   . ARG A 1 34  ? -6.990  -2.279  -1.662  1.00 21.62 ? 34  ARG A C   1 
ATOM   260  O O   . ARG A 1 34  ? -8.204  -2.402  -1.833  1.00 20.72 ? 34  ARG A O   1 
ATOM   261  C CB  . ARG A 1 34  ? -6.202  -0.050  -0.867  1.00 21.72 ? 34  ARG A CB  1 
ATOM   262  C CG  . ARG A 1 34  ? -6.070  0.957   0.269   1.00 23.59 ? 34  ARG A CG  1 
ATOM   263  C CD  . ARG A 1 34  ? -5.982  2.397   -0.268  1.00 25.75 ? 34  ARG A CD  1 
ATOM   264  N NE  . ARG A 1 34  ? -7.275  2.930   -0.713  1.00 25.20 ? 34  ARG A NE  1 
ATOM   265  C CZ  . ARG A 1 34  ? -8.223  3.397   0.102   1.00 27.07 ? 34  ARG A CZ  1 
ATOM   266  N NH1 . ARG A 1 34  ? -9.363  3.864   -0.396  1.00 26.59 ? 34  ARG A NH1 1 
ATOM   267  N NH2 . ARG A 1 34  ? -8.030  3.419   1.414   1.00 26.22 ? 34  ARG A NH2 1 
ATOM   268  N N   . ASP A 1 35  ? -6.104  -2.779  -2.520  1.00 21.99 ? 35  ASP A N   1 
ATOM   269  C CA  . ASP A 1 35  ? -6.575  -3.510  -3.699  1.00 22.97 ? 35  ASP A CA  1 
ATOM   270  C C   . ASP A 1 35  ? -7.359  -4.763  -3.304  1.00 22.28 ? 35  ASP A C   1 
ATOM   271  O O   . ASP A 1 35  ? -8.389  -5.071  -3.911  1.00 22.51 ? 35  ASP A O   1 
ATOM   272  C CB  . ASP A 1 35  ? -5.412  -3.903  -4.624  1.00 26.39 ? 35  ASP A CB  1 
ATOM   273  C CG  . ASP A 1 35  ? -4.912  -2.736  -5.446  1.00 30.44 ? 35  ASP A CG  1 
ATOM   274  O OD1 . ASP A 1 35  ? -5.746  -1.866  -5.824  1.00 31.85 ? 35  ASP A OD1 1 
ATOM   275  O OD2 . ASP A 1 35  ? -3.690  -2.675  -5.744  1.00 32.87 ? 35  ASP A OD2 1 
ATOM   276  N N   . ASP A 1 36  ? -6.869  -5.485  -2.299  1.00 20.42 ? 36  ASP A N   1 
ATOM   277  C CA  . ASP A 1 36  ? -7.542  -6.689  -1.843  1.00 20.74 ? 36  ASP A CA  1 
ATOM   278  C C   . ASP A 1 36  ? -8.955  -6.366  -1.381  1.00 19.78 ? 36  ASP A C   1 
ATOM   279  O O   . ASP A 1 36  ? -9.900  -7.083  -1.705  1.00 19.32 ? 36  ASP A O   1 
ATOM   280  C CB  . ASP A 1 36  ? -6.776  -7.352  -0.685  1.00 20.08 ? 36  ASP A CB  1 
ATOM   281  C CG  . ASP A 1 36  ? -5.413  -7.859  -1.091  1.00 21.56 ? 36  ASP A CG  1 
ATOM   282  O OD1 . ASP A 1 36  ? -5.199  -8.110  -2.297  1.00 22.44 ? 36  ASP A OD1 1 
ATOM   283  O OD2 . ASP A 1 36  ? -4.557  -8.031  -0.193  1.00 21.30 ? 36  ASP A OD2 1 
ATOM   284  N N   . TYR A 1 37  ? -9.101  -5.288  -0.620  1.00 19.58 ? 37  TYR A N   1 
ATOM   285  C CA  . TYR A 1 37  ? -10.419 -4.909  -0.113  1.00 19.20 ? 37  TYR A CA  1 
ATOM   286  C C   . TYR A 1 37  ? -11.359 -4.446  -1.225  1.00 19.84 ? 37  TYR A C   1 
ATOM   287  O O   . TYR A 1 37  ? -12.545 -4.790  -1.218  1.00 19.39 ? 37  TYR A O   1 
ATOM   288  C CB  . TYR A 1 37  ? -10.289 -3.809  0.937   1.00 19.08 ? 37  TYR A CB  1 
ATOM   289  C CG  . TYR A 1 37  ? -9.533  -4.226  2.194   1.00 18.69 ? 37  TYR A CG  1 
ATOM   290  C CD1 . TYR A 1 37  ? -9.184  -5.561  2.421   1.00 19.48 ? 37  TYR A CD1 1 
ATOM   291  C CD2 . TYR A 1 37  ? -9.168  -3.286  3.150   1.00 19.00 ? 37  TYR A CD2 1 
ATOM   292  C CE1 . TYR A 1 37  ? -8.491  -5.943  3.567   1.00 18.84 ? 37  TYR A CE1 1 
ATOM   293  C CE2 . TYR A 1 37  ? -8.468  -3.653  4.305   1.00 18.40 ? 37  TYR A CE2 1 
ATOM   294  C CZ  . TYR A 1 37  ? -8.133  -4.973  4.504   1.00 18.97 ? 37  TYR A CZ  1 
ATOM   295  O OH  . TYR A 1 37  ? -7.417  -5.334  5.614   1.00 18.11 ? 37  TYR A OH  1 
ATOM   296  N N   . ARG A 1 38  ? -10.827 -3.680  -2.178  1.00 20.99 ? 38  ARG A N   1 
ATOM   297  C CA  . ARG A 1 38  ? -11.629 -3.199  -3.297  1.00 23.10 ? 38  ARG A CA  1 
ATOM   298  C C   . ARG A 1 38  ? -12.151 -4.382  -4.110  1.00 22.53 ? 38  ARG A C   1 
ATOM   299  O O   . ARG A 1 38  ? -13.336 -4.435  -4.463  1.00 23.47 ? 38  ARG A O   1 
ATOM   300  C CB  . ARG A 1 38  ? -10.809 -2.243  -4.181  1.00 24.32 ? 38  ARG A CB  1 
ATOM   301  C CG  . ARG A 1 38  ? -10.521 -0.904  -3.495  1.00 28.68 ? 38  ARG A CG  1 
ATOM   302  C CD  . ARG A 1 38  ? -9.897  0.159   -4.407  1.00 31.35 ? 38  ARG A CD  1 
ATOM   303  N NE  . ARG A 1 38  ? -8.473  -0.041  -4.619  1.00 33.64 ? 38  ARG A NE  1 
ATOM   304  C CZ  . ARG A 1 38  ? -7.545  0.886   -4.400  1.00 33.32 ? 38  ARG A CZ  1 
ATOM   305  N NH1 . ARG A 1 38  ? -7.886  2.092   -3.960  1.00 34.04 ? 38  ARG A NH1 1 
ATOM   306  N NH2 . ARG A 1 38  ? -6.267  0.594   -4.608  1.00 32.05 ? 38  ARG A NH2 1 
ATOM   307  N N   . GLN A 1 39  ? -11.280 -5.338  -4.399  1.00 22.49 ? 39  GLN A N   1 
ATOM   308  C CA  . GLN A 1 39  ? -11.701 -6.506  -5.158  1.00 22.51 ? 39  GLN A CA  1 
ATOM   309  C C   . GLN A 1 39  ? -12.695 -7.330  -4.357  1.00 22.37 ? 39  GLN A C   1 
ATOM   310  O O   . GLN A 1 39  ? -13.687 -7.803  -4.899  1.00 23.37 ? 39  GLN A O   1 
ATOM   311  C CB  . GLN A 1 39  ? -10.500 -7.375  -5.535  1.00 23.81 ? 39  GLN A CB  1 
ATOM   312  C CG  . GLN A 1 39  ? -9.663  -6.814  -6.682  1.00 27.48 ? 39  GLN A CG  1 
ATOM   313  C CD  . GLN A 1 39  ? -10.507 -6.458  -7.900  1.00 28.30 ? 39  GLN A CD  1 
ATOM   314  O OE1 . GLN A 1 39  ? -11.041 -5.351  -8.007  1.00 30.52 ? 39  GLN A OE1 1 
ATOM   315  N NE2 . GLN A 1 39  ? -10.627 -7.399  -8.823  1.00 30.52 ? 39  GLN A NE2 1 
ATOM   316  N N   . SER A 1 40  ? -12.436 -7.480  -3.063  1.00 21.89 ? 40  SER A N   1 
ATOM   317  C CA  . SER A 1 40  ? -13.306 -8.263  -2.204  1.00 21.43 ? 40  SER A CA  1 
ATOM   318  C C   . SER A 1 40  ? -14.737 -7.756  -2.123  1.00 21.41 ? 40  SER A C   1 
ATOM   319  O O   . SER A 1 40  ? -15.673 -8.529  -2.322  1.00 21.26 ? 40  SER A O   1 
ATOM   320  C CB  . SER A 1 40  ? -12.737 -8.329  -0.790  1.00 20.57 ? 40  SER A CB  1 
ATOM   321  O OG  . SER A 1 40  ? -13.543 -9.177  0.027   1.00 20.12 ? 40  SER A OG  1 
ATOM   322  N N   . ILE A 1 41  ? -14.909 -6.472  -1.815  1.00 21.57 ? 41  ILE A N   1 
ATOM   323  C CA  . ILE A 1 41  ? -16.250 -5.922  -1.682  1.00 21.76 ? 41  ILE A CA  1 
ATOM   324  C C   . ILE A 1 41  ? -17.041 -5.960  -2.982  1.00 23.06 ? 41  ILE A C   1 
ATOM   325  O O   . ILE A 1 41  ? -18.268 -5.945  -2.954  1.00 22.89 ? 41  ILE A O   1 
ATOM   326  C CB  . ILE A 1 41  ? -16.227 -4.475  -1.152  1.00 22.96 ? 41  ILE A CB  1 
ATOM   327  C CG1 . ILE A 1 41  ? -15.594 -3.532  -2.178  1.00 23.73 ? 41  ILE A CG1 1 
ATOM   328  C CG2 . ILE A 1 41  ? -15.480 -4.431  0.178   1.00 21.16 ? 41  ILE A CG2 1 
ATOM   329  C CD1 . ILE A 1 41  ? -15.575 -2.095  -1.718  1.00 27.17 ? 41  ILE A CD1 1 
ATOM   330  N N   . MET A 1 42  ? -16.350 -6.013  -4.121  1.00 23.16 ? 42  MET A N   1 
ATOM   331  C CA  . MET A 1 42  ? -17.042 -6.063  -5.401  1.00 25.05 ? 42  MET A CA  1 
ATOM   332  C C   . MET A 1 42  ? -17.170 -7.499  -5.915  1.00 25.59 ? 42  MET A C   1 
ATOM   333  O O   . MET A 1 42  ? -17.578 -7.729  -7.057  1.00 24.43 ? 42  MET A O   1 
ATOM   334  C CB  . MET A 1 42  ? -16.328 -5.187  -6.441  1.00 27.42 ? 42  MET A CB  1 
ATOM   335  C CG  . MET A 1 42  ? -16.388 -3.686  -6.150  1.00 28.76 ? 42  MET A CG  1 
ATOM   336  S SD  . MET A 1 42  ? -18.110 -3.139  -5.968  1.00 33.82 ? 42  MET A SD  1 
ATOM   337  C CE  . MET A 1 42  ? -18.818 -3.738  -7.529  1.00 33.90 ? 42  MET A CE  1 
ATOM   338  N N   . ALA A 1 43  ? -16.827 -8.461  -5.060  1.00 25.48 ? 43  ALA A N   1 
ATOM   339  C CA  . ALA A 1 43  ? -16.906 -9.881  -5.397  1.00 27.60 ? 43  ALA A CA  1 
ATOM   340  C C   . ALA A 1 43  ? -15.989 -10.282 -6.552  1.00 28.17 ? 43  ALA A C   1 
ATOM   341  O O   . ALA A 1 43  ? -16.320 -11.165 -7.347  1.00 27.21 ? 43  ALA A O   1 
ATOM   342  C CB  . ALA A 1 43  ? -18.342 -10.267 -5.718  1.00 26.47 ? 43  ALA A CB  1 
ATOM   343  N N   . HIS A 1 44  ? -14.841 -9.620  -6.634  1.00 29.21 ? 44  HIS A N   1 
ATOM   344  C CA  . HIS A 1 44  ? -13.853 -9.909  -7.657  1.00 32.14 ? 44  HIS A CA  1 
ATOM   345  C C   . HIS A 1 44  ? -14.303 -9.654  -9.087  1.00 33.49 ? 44  HIS A C   1 
ATOM   346  O O   . HIS A 1 44  ? -14.255 -10.544 -9.930  1.00 33.44 ? 44  HIS A O   1 
ATOM   347  C CB  . HIS A 1 44  ? -13.374 -11.353 -7.509  1.00 31.54 ? 44  HIS A CB  1 
ATOM   348  C CG  . HIS A 1 44  ? -12.629 -11.601 -6.233  1.00 32.78 ? 44  HIS A CG  1 
ATOM   349  N ND1 . HIS A 1 44  ? -11.291 -11.334 -6.097  1.00 33.40 ? 44  HIS A ND1 1 
ATOM   350  C CD2 . HIS A 1 44  ? -13.060 -12.036 -5.024  1.00 32.63 ? 44  HIS A CD2 1 
ATOM   351  C CE1 . HIS A 1 44  ? -10.917 -11.596 -4.850  1.00 33.48 ? 44  HIS A CE1 1 
ATOM   352  N NE2 . HIS A 1 44  ? -11.970 -12.020 -4.187  1.00 33.99 ? 44  HIS A NE2 1 
ATOM   353  N N   . GLU A 1 45  ? -14.751 -8.435  -9.355  1.00 35.44 ? 45  GLU A N   1 
ATOM   354  C CA  . GLU A 1 45  ? -15.159 -8.070  -10.701 1.00 37.49 ? 45  GLU A CA  1 
ATOM   355  C C   . GLU A 1 45  ? -13.835 -7.825  -11.415 1.00 38.48 ? 45  GLU A C   1 
ATOM   356  O O   . GLU A 1 45  ? -12.787 -7.754  -10.767 1.00 37.97 ? 45  GLU A O   1 
ATOM   357  C CB  . GLU A 1 45  ? -15.984 -6.784  -10.675 1.00 38.64 ? 45  GLU A CB  1 
ATOM   358  C CG  . GLU A 1 45  ? -15.167 -5.526  -10.430 1.00 40.64 ? 45  GLU A CG  1 
ATOM   359  C CD  . GLU A 1 45  ? -16.025 -4.319  -10.091 1.00 41.45 ? 45  GLU A CD  1 
ATOM   360  O OE1 . GLU A 1 45  ? -17.131 -4.190  -10.669 1.00 41.71 ? 45  GLU A OE1 1 
ATOM   361  O OE2 . GLU A 1 45  ? -15.585 -3.490  -9.259  1.00 41.20 ? 45  GLU A OE2 1 
ATOM   362  N N   . GLU A 1 46  ? -13.872 -7.711  -12.738 1.00 39.16 ? 46  GLU A N   1 
ATOM   363  C CA  . GLU A 1 46  ? -12.652 -7.458  -13.499 1.00 40.23 ? 46  GLU A CA  1 
ATOM   364  C C   . GLU A 1 46  ? -12.039 -6.156  -12.997 1.00 39.91 ? 46  GLU A C   1 
ATOM   365  O O   . GLU A 1 46  ? -12.734 -5.155  -12.846 1.00 39.32 ? 46  GLU A O   1 
ATOM   366  C CB  . GLU A 1 46  ? -12.962 -7.333  -14.990 1.00 41.06 ? 46  GLU A CB  1 
ATOM   367  C CG  . GLU A 1 46  ? -13.480 -8.603  -15.651 1.00 42.76 ? 46  GLU A CG  1 
ATOM   368  C CD  . GLU A 1 46  ? -12.471 -9.731  -15.634 1.00 44.49 ? 46  GLU A CD  1 
ATOM   369  O OE1 . GLU A 1 46  ? -11.262 -9.453  -15.468 1.00 45.43 ? 46  GLU A OE1 1 
ATOM   370  O OE2 . GLU A 1 46  ? -12.878 -10.905 -15.807 1.00 44.56 ? 46  GLU A OE2 1 
ATOM   371  N N   . ARG A 1 47  ? -10.736 -6.184  -12.740 1.00 41.29 ? 47  ARG A N   1 
ATOM   372  C CA  . ARG A 1 47  ? -10.006 -5.022  -12.240 1.00 42.39 ? 47  ARG A CA  1 
ATOM   373  C C   . ARG A 1 47  ? -10.312 -3.719  -12.977 1.00 42.46 ? 47  ARG A C   1 
ATOM   374  O O   . ARG A 1 47  ? -10.562 -2.690  -12.347 1.00 42.54 ? 47  ARG A O   1 
ATOM   375  C CB  . ARG A 1 47  ? -8.501  -5.294  -12.294 1.00 43.83 ? 47  ARG A CB  1 
ATOM   376  C CG  . ARG A 1 47  ? -8.058  -6.444  -11.405 1.00 45.47 ? 47  ARG A CG  1 
ATOM   377  C CD  . ARG A 1 47  ? -6.552  -6.624  -11.429 1.00 46.49 ? 47  ARG A CD  1 
ATOM   378  N NE  . ARG A 1 47  ? -6.095  -7.391  -10.270 1.00 48.23 ? 47  ARG A NE  1 
ATOM   379  C CZ  . ARG A 1 47  ? -6.193  -6.967  -9.013  1.00 48.32 ? 47  ARG A CZ  1 
ATOM   380  N NH1 . ARG A 1 47  ? -6.731  -5.781  -8.752  1.00 49.12 ? 47  ARG A NH1 1 
ATOM   381  N NH2 . ARG A 1 47  ? -5.765  -7.731  -8.017  1.00 48.05 ? 47  ARG A NH2 1 
ATOM   382  N N   . ASP A 1 48  ? -10.298 -3.762  -14.307 1.00 42.83 ? 48  ASP A N   1 
ATOM   383  C CA  . ASP A 1 48  ? -10.561 -2.569  -15.105 1.00 42.97 ? 48  ASP A CA  1 
ATOM   384  C C   . ASP A 1 48  ? -11.960 -2.012  -14.875 1.00 43.57 ? 48  ASP A C   1 
ATOM   385  O O   . ASP A 1 48  ? -12.234 -0.863  -15.210 1.00 43.19 ? 48  ASP A O   1 
ATOM   386  C CB  . ASP A 1 48  ? -10.394 -2.868  -16.597 1.00 43.22 ? 48  ASP A CB  1 
ATOM   387  C CG  . ASP A 1 48  ? -11.444 -3.833  -17.116 1.00 42.84 ? 48  ASP A CG  1 
ATOM   388  O OD1 . ASP A 1 48  ? -11.294 -5.051  -16.891 1.00 43.31 ? 48  ASP A OD1 1 
ATOM   389  O OD2 . ASP A 1 48  ? -12.425 -3.367  -17.733 1.00 42.18 ? 48  ASP A OD2 1 
ATOM   390  N N   . GLU A 1 49  ? -12.847 -2.824  -14.310 1.00 44.08 ? 49  GLU A N   1 
ATOM   391  C CA  . GLU A 1 49  ? -14.214 -2.382  -14.067 1.00 45.05 ? 49  GLU A CA  1 
ATOM   392  C C   . GLU A 1 49  ? -14.375 -1.586  -12.781 1.00 45.53 ? 49  GLU A C   1 
ATOM   393  O O   . GLU A 1 49  ? -15.332 -0.833  -12.644 1.00 45.00 ? 49  GLU A O   1 
ATOM   394  C CB  . GLU A 1 49  ? -15.165 -3.581  -14.034 1.00 45.22 ? 49  GLU A CB  1 
ATOM   395  C CG  . GLU A 1 49  ? -15.133 -4.438  -15.282 1.00 45.48 ? 49  GLU A CG  1 
ATOM   396  C CD  . GLU A 1 49  ? -16.238 -5.475  -15.301 1.00 46.56 ? 49  GLU A CD  1 
ATOM   397  O OE1 . GLU A 1 49  ? -17.409 -5.089  -15.488 1.00 46.72 ? 49  GLU A OE1 1 
ATOM   398  O OE2 . GLU A 1 49  ? -15.940 -6.672  -15.112 1.00 47.30 ? 49  GLU A OE2 1 
ATOM   399  N N   . TYR A 1 50  ? -13.446 -1.745  -11.842 1.00 46.53 ? 50  TYR A N   1 
ATOM   400  C CA  . TYR A 1 50  ? -13.548 -1.026  -10.576 1.00 47.95 ? 50  TYR A CA  1 
ATOM   401  C C   . TYR A 1 50  ? -13.540 0.484   -10.771 1.00 48.91 ? 50  TYR A C   1 
ATOM   402  O O   . TYR A 1 50  ? -12.621 1.044   -11.371 1.00 48.77 ? 50  TYR A O   1 
ATOM   403  C CB  . TYR A 1 50  ? -12.410 -1.409  -9.627  1.00 47.83 ? 50  TYR A CB  1 
ATOM   404  C CG  . TYR A 1 50  ? -12.532 -0.755  -8.265  1.00 47.60 ? 50  TYR A CG  1 
ATOM   405  C CD1 . TYR A 1 50  ? -13.376 -1.279  -7.289  1.00 47.64 ? 50  TYR A CD1 1 
ATOM   406  C CD2 . TYR A 1 50  ? -11.840 0.417   -7.971  1.00 47.43 ? 50  TYR A CD2 1 
ATOM   407  C CE1 . TYR A 1 50  ? -13.526 -0.652  -6.051  1.00 47.17 ? 50  TYR A CE1 1 
ATOM   408  C CE2 . TYR A 1 50  ? -11.985 1.055   -6.740  1.00 46.68 ? 50  TYR A CE2 1 
ATOM   409  C CZ  . TYR A 1 50  ? -12.828 0.516   -5.784  1.00 46.86 ? 50  TYR A CZ  1 
ATOM   410  O OH  . TYR A 1 50  ? -12.971 1.138   -4.566  1.00 45.37 ? 50  TYR A OH  1 
ATOM   411  N N   . LYS A 1 51  ? -14.577 1.137   -10.261 1.00 50.00 ? 51  LYS A N   1 
ATOM   412  C CA  . LYS A 1 51  ? -14.695 2.585   -10.362 1.00 51.04 ? 51  LYS A CA  1 
ATOM   413  C C   . LYS A 1 51  ? -14.374 3.199   -9.004  1.00 51.10 ? 51  LYS A C   1 
ATOM   414  O O   . LYS A 1 51  ? -15.088 2.971   -8.027  1.00 51.53 ? 51  LYS A O   1 
ATOM   415  C CB  . LYS A 1 51  ? -16.116 2.966   -10.801 1.00 51.98 ? 51  LYS A CB  1 
ATOM   416  C CG  . LYS A 1 51  ? -17.231 2.406   -9.913  1.00 52.63 ? 51  LYS A CG  1 
ATOM   417  C CD  . LYS A 1 51  ? -18.614 2.691   -10.495 1.00 52.99 ? 51  LYS A CD  1 
ATOM   418  C CE  . LYS A 1 51  ? -18.836 4.184   -10.706 1.00 53.79 ? 51  LYS A CE  1 
ATOM   419  N NZ  . LYS A 1 51  ? -20.181 4.489   -11.274 1.00 54.41 ? 51  LYS A NZ  1 
ATOM   420  N N   . TYR A 1 52  ? -13.291 3.968   -8.945  1.00 50.78 ? 52  TYR A N   1 
ATOM   421  C CA  . TYR A 1 52  ? -12.887 4.602   -7.696  1.00 50.56 ? 52  TYR A CA  1 
ATOM   422  C C   . TYR A 1 52  ? -13.878 5.677   -7.272  1.00 50.17 ? 52  TYR A C   1 
ATOM   423  O O   . TYR A 1 52  ? -13.658 6.862   -7.519  1.00 50.97 ? 52  TYR A O   1 
ATOM   424  C CB  . TYR A 1 52  ? -11.489 5.220   -7.828  1.00 50.63 ? 52  TYR A CB  1 
ATOM   425  C CG  . TYR A 1 52  ? -10.375 4.215   -8.030  1.00 50.79 ? 52  TYR A CG  1 
ATOM   426  C CD1 . TYR A 1 52  ? -10.191 3.583   -9.259  1.00 50.53 ? 52  TYR A CD1 1 
ATOM   427  C CD2 . TYR A 1 52  ? -9.506  3.894   -6.989  1.00 51.26 ? 52  TYR A CD2 1 
ATOM   428  C CE1 . TYR A 1 52  ? -9.164  2.657   -9.444  1.00 51.18 ? 52  TYR A CE1 1 
ATOM   429  C CE2 . TYR A 1 52  ? -8.481  2.969   -7.161  1.00 51.15 ? 52  TYR A CE2 1 
ATOM   430  C CZ  . TYR A 1 52  ? -8.314  2.356   -8.388  1.00 51.83 ? 52  TYR A CZ  1 
ATOM   431  O OH  . TYR A 1 52  ? -7.297  1.445   -8.562  1.00 52.21 ? 52  TYR A OH  1 
ATOM   432  N N   . THR A 1 53  ? -14.971 5.259   -6.639  1.00 49.20 ? 53  THR A N   1 
ATOM   433  C CA  . THR A 1 53  ? -15.990 6.192   -6.179  1.00 48.28 ? 53  THR A CA  1 
ATOM   434  C C   . THR A 1 53  ? -15.700 6.585   -4.734  1.00 47.70 ? 53  THR A C   1 
ATOM   435  O O   . THR A 1 53  ? -14.997 5.867   -4.017  1.00 47.12 ? 53  THR A O   1 
ATOM   436  C CB  . THR A 1 53  ? -17.394 5.568   -6.233  1.00 48.37 ? 53  THR A CB  1 
ATOM   437  O OG1 . THR A 1 53  ? -17.501 4.534   -5.245  1.00 49.09 ? 53  THR A OG1 1 
ATOM   438  C CG2 . THR A 1 53  ? -17.656 4.971   -7.606  1.00 48.82 ? 53  THR A CG2 1 
ATOM   439  N N   . LYS A 1 54  ? -16.246 7.724   -4.312  1.00 46.77 ? 54  LYS A N   1 
ATOM   440  C CA  . LYS A 1 54  ? -16.053 8.224   -2.953  1.00 46.35 ? 54  LYS A CA  1 
ATOM   441  C C   . LYS A 1 54  ? -16.629 7.255   -1.920  1.00 45.41 ? 54  LYS A C   1 
ATOM   442  O O   . LYS A 1 54  ? -16.050 7.061   -0.852  1.00 44.17 ? 54  LYS A O   1 
ATOM   443  C CB  . LYS A 1 54  ? -16.719 9.601   -2.802  1.00 47.81 ? 54  LYS A CB  1 
ATOM   444  C CG  . LYS A 1 54  ? -16.685 10.168  -1.384  1.00 49.63 ? 54  LYS A CG  1 
ATOM   445  C CD  . LYS A 1 54  ? -17.213 11.605  -1.330  1.00 50.79 ? 54  LYS A CD  1 
ATOM   446  C CE  . LYS A 1 54  ? -17.142 12.177  0.090   1.00 51.19 ? 54  LYS A CE  1 
ATOM   447  N NZ  . LYS A 1 54  ? -17.576 13.608  0.159   1.00 50.66 ? 54  LYS A NZ  1 
ATOM   448  N N   . LYS A 1 55  ? -17.765 6.648   -2.252  1.00 43.57 ? 55  LYS A N   1 
ATOM   449  C CA  . LYS A 1 55  ? -18.428 5.704   -1.357  1.00 42.65 ? 55  LYS A CA  1 
ATOM   450  C C   . LYS A 1 55  ? -17.558 4.465   -1.114  1.00 40.93 ? 55  LYS A C   1 
ATOM   451  O O   . LYS A 1 55  ? -17.244 4.130   0.030   1.00 40.36 ? 55  LYS A O   1 
ATOM   452  C CB  . LYS A 1 55  ? -19.779 5.289   -1.949  1.00 43.56 ? 55  LYS A CB  1 
ATOM   453  C CG  . LYS A 1 55  ? -20.656 4.446   -1.029  1.00 45.15 ? 55  LYS A CG  1 
ATOM   454  C CD  . LYS A 1 55  ? -21.070 5.213   0.219   1.00 46.99 ? 55  LYS A CD  1 
ATOM   455  C CE  . LYS A 1 55  ? -22.014 4.392   1.098   1.00 47.95 ? 55  LYS A CE  1 
ATOM   456  N NZ  . LYS A 1 55  ? -22.345 5.114   2.370   1.00 47.91 ? 55  LYS A NZ  1 
ATOM   457  N N   . LYS A 1 56  ? -17.170 3.795   -2.194  1.00 38.63 ? 56  LYS A N   1 
ATOM   458  C CA  . LYS A 1 56  ? -16.343 2.600   -2.094  1.00 37.54 ? 56  LYS A CA  1 
ATOM   459  C C   . LYS A 1 56  ? -14.994 2.866   -1.430  1.00 35.91 ? 56  LYS A C   1 
ATOM   460  O O   . LYS A 1 56  ? -14.590 2.138   -0.521  1.00 36.05 ? 56  LYS A O   1 
ATOM   461  C CB  . LYS A 1 56  ? -16.142 1.987   -3.483  1.00 37.23 ? 56  LYS A CB  1 
ATOM   462  C CG  . LYS A 1 56  ? -17.404 1.338   -4.031  1.00 39.29 ? 56  LYS A CG  1 
ATOM   463  C CD  . LYS A 1 56  ? -17.341 1.113   -5.532  1.00 40.87 ? 56  LYS A CD  1 
ATOM   464  C CE  . LYS A 1 56  ? -18.700 0.676   -6.056  1.00 42.53 ? 56  LYS A CE  1 
ATOM   465  N NZ  . LYS A 1 56  ? -18.850 0.905   -7.517  1.00 44.48 ? 56  LYS A NZ  1 
ATOM   466  N N   . GLU A 1 57  ? -14.296 3.906   -1.870  1.00 34.38 ? 57  GLU A N   1 
ATOM   467  C CA  . GLU A 1 57  ? -13.001 4.228   -1.286  1.00 32.91 ? 57  GLU A CA  1 
ATOM   468  C C   . GLU A 1 57  ? -13.102 4.492   0.220   1.00 31.55 ? 57  GLU A C   1 
ATOM   469  O O   . GLU A 1 57  ? -12.212 4.112   0.981   1.00 29.99 ? 57  GLU A O   1 
ATOM   470  C CB  . GLU A 1 57  ? -12.376 5.433   -1.996  1.00 34.11 ? 57  GLU A CB  1 
ATOM   471  C CG  . GLU A 1 57  ? -11.876 5.139   -3.417  1.00 34.48 ? 57  GLU A CG  1 
ATOM   472  C CD  . GLU A 1 57  ? -10.862 4.007   -3.466  1.00 35.14 ? 57  GLU A CD  1 
ATOM   473  O OE1 . GLU A 1 57  ? -11.259 2.866   -3.798  1.00 34.85 ? 57  GLU A OE1 1 
ATOM   474  O OE2 . GLU A 1 57  ? -9.669  4.252   -3.169  1.00 34.21 ? 57  GLU A OE2 1 
ATOM   475  N N   . GLY A 1 58  ? -14.184 5.138   0.647   1.00 29.75 ? 58  GLY A N   1 
ATOM   476  C CA  . GLY A 1 58  ? -14.363 5.410   2.062   1.00 28.06 ? 58  GLY A CA  1 
ATOM   477  C C   . GLY A 1 58  ? -14.526 4.116   2.836   1.00 27.31 ? 58  GLY A C   1 
ATOM   478  O O   . GLY A 1 58  ? -14.025 3.970   3.957   1.00 27.11 ? 58  GLY A O   1 
ATOM   479  N N   . ILE A 1 59  ? -15.242 3.169   2.238   1.00 25.56 ? 59  ILE A N   1 
ATOM   480  C CA  . ILE A 1 59  ? -15.457 1.865   2.863   1.00 24.74 ? 59  ILE A CA  1 
ATOM   481  C C   . ILE A 1 59  ? -14.119 1.142   2.990   1.00 23.01 ? 59  ILE A C   1 
ATOM   482  O O   . ILE A 1 59  ? -13.774 0.643   4.055   1.00 22.90 ? 59  ILE A O   1 
ATOM   483  C CB  . ILE A 1 59  ? -16.428 0.998   2.029   1.00 25.46 ? 59  ILE A CB  1 
ATOM   484  C CG1 . ILE A 1 59  ? -17.855 1.542   2.179   1.00 27.07 ? 59  ILE A CG1 1 
ATOM   485  C CG2 . ILE A 1 59  ? -16.361 -0.454  2.491   1.00 26.15 ? 59  ILE A CG2 1 
ATOM   486  C CD1 . ILE A 1 59  ? -18.864 0.881   1.256   1.00 29.89 ? 59  ILE A CD1 1 
ATOM   487  N N   . VAL A 1 60  ? -13.367 1.103   1.895   1.00 23.90 ? 60  VAL A N   1 
ATOM   488  C CA  . VAL A 1 60  ? -12.063 0.456   1.887   1.00 22.68 ? 60  VAL A CA  1 
ATOM   489  C C   . VAL A 1 60  ? -11.133 1.072   2.933   1.00 23.15 ? 60  VAL A C   1 
ATOM   490  O O   . VAL A 1 60  ? -10.420 0.353   3.627   1.00 23.28 ? 60  VAL A O   1 
ATOM   491  C CB  . VAL A 1 60  ? -11.400 0.550   0.487   1.00 23.32 ? 60  VAL A CB  1 
ATOM   492  C CG1 . VAL A 1 60  ? -9.964  0.041   0.548   1.00 21.43 ? 60  VAL A CG1 1 
ATOM   493  C CG2 . VAL A 1 60  ? -12.198 -0.267  -0.518  1.00 22.82 ? 60  VAL A CG2 1 
ATOM   494  N N   . THR A 1 61  ? -11.132 2.399   3.043   1.00 23.10 ? 61  THR A N   1 
ATOM   495  C CA  . THR A 1 61  ? -10.283 3.063   4.028   1.00 22.61 ? 61  THR A CA  1 
ATOM   496  C C   . THR A 1 61  ? -10.715 2.623   5.422   1.00 23.12 ? 61  THR A C   1 
ATOM   497  O O   . THR A 1 61  ? -9.878  2.318   6.272   1.00 22.68 ? 61  THR A O   1 
ATOM   498  C CB  . THR A 1 61  ? -10.394 4.609   3.929   1.00 23.20 ? 61  THR A CB  1 
ATOM   499  O OG1 . THR A 1 61  ? -9.774  5.051   2.716   1.00 24.20 ? 61  THR A OG1 1 
ATOM   500  C CG2 . THR A 1 61  ? -9.703  5.288   5.122   1.00 22.13 ? 61  THR A CG2 1 
ATOM   501  N N   . GLY A 1 62  ? -12.026 2.581   5.645   1.00 22.73 ? 62  GLY A N   1 
ATOM   502  C CA  . GLY A 1 62  ? -12.550 2.168   6.936   1.00 22.74 ? 62  GLY A CA  1 
ATOM   503  C C   . GLY A 1 62  ? -12.106 0.762   7.308   1.00 22.48 ? 62  GLY A C   1 
ATOM   504  O O   . GLY A 1 62  ? -11.785 0.490   8.461   1.00 21.75 ? 62  GLY A O   1 
ATOM   505  N N   . MET A 1 63  ? -12.091 -0.142  6.330   1.00 23.00 ? 63  MET A N   1 
ATOM   506  C CA  . MET A 1 63  ? -11.671 -1.512  6.579   1.00 22.54 ? 63  MET A CA  1 
ATOM   507  C C   . MET A 1 63  ? -10.192 -1.545  6.982   1.00 22.15 ? 63  MET A C   1 
ATOM   508  O O   . MET A 1 63  ? -9.805  -2.288  7.888   1.00 22.43 ? 63  MET A O   1 
ATOM   509  C CB  . MET A 1 63  ? -11.890 -2.376  5.333   1.00 23.66 ? 63  MET A CB  1 
ATOM   510  C CG  . MET A 1 63  ? -13.365 -2.584  4.955   1.00 22.94 ? 63  MET A CG  1 
ATOM   511  S SD  . MET A 1 63  ? -13.668 -3.282  3.303   1.00 23.21 ? 63  MET A SD  1 
ATOM   512  C CE  . MET A 1 63  ? -13.033 -4.951  3.505   1.00 22.71 ? 63  MET A CE  1 
ATOM   513  N N   . GLN A 1 64  ? -9.364  -0.740  6.318   1.00 23.25 ? 64  GLN A N   1 
ATOM   514  C CA  . GLN A 1 64  ? -7.934  -0.699  6.648   1.00 22.69 ? 64  GLN A CA  1 
ATOM   515  C C   . GLN A 1 64  ? -7.658  -0.278  8.091   1.00 22.90 ? 64  GLN A C   1 
ATOM   516  O O   . GLN A 1 64  ? -6.970  -0.988  8.817   1.00 22.69 ? 64  GLN A O   1 
ATOM   517  C CB  . GLN A 1 64  ? -7.169  0.237   5.702   1.00 22.61 ? 64  GLN A CB  1 
ATOM   518  C CG  . GLN A 1 64  ? -7.067  -0.254  4.255   1.00 22.83 ? 64  GLN A CG  1 
ATOM   519  C CD  . GLN A 1 64  ? -5.999  0.490   3.461   1.00 22.74 ? 64  GLN A CD  1 
ATOM   520  O OE1 . GLN A 1 64  ? -6.119  1.692   3.216   1.00 21.12 ? 64  GLN A OE1 1 
ATOM   521  N NE2 . GLN A 1 64  ? -4.950  -0.227  3.052   1.00 19.92 ? 64  GLN A NE2 1 
ATOM   522  N N   . PHE A 1 65  ? -8.175  0.874   8.511   1.00 22.85 ? 65  PHE A N   1 
ATOM   523  C CA  . PHE A 1 65  ? -7.930  1.319   9.879   1.00 23.36 ? 65  PHE A CA  1 
ATOM   524  C C   . PHE A 1 65  ? -8.553  0.452   10.954  1.00 22.87 ? 65  PHE A C   1 
ATOM   525  O O   . PHE A 1 65  ? -7.951  0.255   12.003  1.00 23.39 ? 65  PHE A O   1 
ATOM   526  C CB  . PHE A 1 65  ? -8.364  2.776   10.074  1.00 23.75 ? 65  PHE A CB  1 
ATOM   527  C CG  . PHE A 1 65  ? -7.464  3.760   9.386   1.00 26.70 ? 65  PHE A CG  1 
ATOM   528  C CD1 . PHE A 1 65  ? -7.725  4.173   8.090   1.00 27.34 ? 65  PHE A CD1 1 
ATOM   529  C CD2 . PHE A 1 65  ? -6.324  4.242   10.023  1.00 27.52 ? 65  PHE A CD2 1 
ATOM   530  C CE1 . PHE A 1 65  ? -6.862  5.056   7.431   1.00 29.60 ? 65  PHE A CE1 1 
ATOM   531  C CE2 . PHE A 1 65  ? -5.456  5.126   9.374   1.00 27.70 ? 65  PHE A CE2 1 
ATOM   532  C CZ  . PHE A 1 65  ? -5.726  5.532   8.079   1.00 28.89 ? 65  PHE A CZ  1 
ATOM   533  N N   . ASP A 1 66  ? -9.752  -0.069  10.714  1.00 24.28 ? 66  ASP A N   1 
ATOM   534  C CA  . ASP A 1 66  ? -10.395 -0.919  11.718  1.00 24.96 ? 66  ASP A CA  1 
ATOM   535  C C   . ASP A 1 66  ? -9.639  -2.237  11.837  1.00 24.79 ? 66  ASP A C   1 
ATOM   536  O O   . ASP A 1 66  ? -9.460  -2.756  12.935  1.00 24.38 ? 66  ASP A O   1 
ATOM   537  C CB  . ASP A 1 66  ? -11.855 -1.190  11.352  1.00 27.49 ? 66  ASP A CB  1 
ATOM   538  C CG  . ASP A 1 66  ? -12.724 0.045   11.485  1.00 30.49 ? 66  ASP A CG  1 
ATOM   539  O OD1 . ASP A 1 66  ? -12.314 1.005   12.184  1.00 32.67 ? 66  ASP A OD1 1 
ATOM   540  O OD2 . ASP A 1 66  ? -13.832 0.064   10.909  1.00 33.32 ? 66  ASP A OD2 1 
ATOM   541  N N   . THR A 1 67  ? -9.190  -2.774  10.704  1.00 22.84 ? 67  THR A N   1 
ATOM   542  C CA  . THR A 1 67  ? -8.449  -4.028  10.717  1.00 22.38 ? 67  THR A CA  1 
ATOM   543  C C   . THR A 1 67  ? -7.116  -3.797  11.439  1.00 21.39 ? 67  THR A C   1 
ATOM   544  O O   . THR A 1 67  ? -6.724  -4.579  12.303  1.00 21.09 ? 67  THR A O   1 
ATOM   545  C CB  . THR A 1 67  ? -8.217  -4.555  9.269   1.00 23.08 ? 67  THR A CB  1 
ATOM   546  O OG1 . THR A 1 67  ? -9.487  -4.799  8.650   1.00 23.87 ? 67  THR A OG1 1 
ATOM   547  C CG2 . THR A 1 67  ? -7.420  -5.856  9.279   1.00 23.27 ? 67  THR A CG2 1 
ATOM   548  N N   . ALA A 1 68  ? -6.424  -2.716  11.090  1.00 22.18 ? 68  ALA A N   1 
ATOM   549  C CA  . ALA A 1 68  ? -5.146  -2.398  11.730  1.00 21.63 ? 68  ALA A CA  1 
ATOM   550  C C   . ALA A 1 68  ? -5.348  -2.310  13.247  1.00 22.93 ? 68  ALA A C   1 
ATOM   551  O O   . ALA A 1 68  ? -4.627  -2.940  14.022  1.00 22.83 ? 68  ALA A O   1 
ATOM   552  C CB  . ALA A 1 68  ? -4.609  -1.075  11.203  1.00 21.22 ? 68  ALA A CB  1 
ATOM   553  N N   . LYS A 1 69  ? -6.336  -1.523  13.662  1.00 24.91 ? 69  LYS A N   1 
ATOM   554  C CA  . LYS A 1 69  ? -6.623  -1.359  15.079  1.00 26.95 ? 69  LYS A CA  1 
ATOM   555  C C   . LYS A 1 69  ? -6.971  -2.687  15.753  1.00 27.45 ? 69  LYS A C   1 
ATOM   556  O O   . LYS A 1 69  ? -6.483  -2.970  16.840  1.00 27.63 ? 69  LYS A O   1 
ATOM   557  C CB  . LYS A 1 69  ? -7.757  -0.344  15.266  1.00 28.65 ? 69  LYS A CB  1 
ATOM   558  C CG  . LYS A 1 69  ? -8.014  0.051   16.712  1.00 31.58 ? 69  LYS A CG  1 
ATOM   559  C CD  . LYS A 1 69  ? -9.099  1.110   16.791  1.00 33.03 ? 69  LYS A CD  1 
ATOM   560  C CE  . LYS A 1 69  ? -9.436  1.450   18.232  1.00 34.28 ? 69  LYS A CE  1 
ATOM   561  N NZ  . LYS A 1 69  ? -10.465 2.539   18.326  1.00 37.00 ? 69  LYS A NZ  1 
ATOM   562  N N   . SER A 1 70  ? -7.804  -3.509  15.117  1.00 28.40 ? 70  SER A N   1 
ATOM   563  C CA  . SER A 1 70  ? -8.178  -4.798  15.713  1.00 29.04 ? 70  SER A CA  1 
ATOM   564  C C   . SER A 1 70  ? -6.976  -5.715  15.864  1.00 29.24 ? 70  SER A C   1 
ATOM   565  O O   . SER A 1 70  ? -6.824  -6.392  16.879  1.00 28.71 ? 70  SER A O   1 
ATOM   566  C CB  . SER A 1 70  ? -9.229  -5.524  14.867  1.00 29.03 ? 70  SER A CB  1 
ATOM   567  O OG  . SER A 1 70  ? -10.473 -4.861  14.911  1.00 29.68 ? 70  SER A OG  1 
ATOM   568  N N   . ILE A 1 71  ? -6.128  -5.751  14.844  1.00 29.85 ? 71  ILE A N   1 
ATOM   569  C CA  . ILE A 1 71  ? -4.955  -6.604  14.899  1.00 31.08 ? 71  ILE A CA  1 
ATOM   570  C C   . ILE A 1 71  ? -3.921  -6.084  15.890  1.00 31.99 ? 71  ILE A C   1 
ATOM   571  O O   . ILE A 1 71  ? -3.434  -6.838  16.725  1.00 30.97 ? 71  ILE A O   1 
ATOM   572  C CB  . ILE A 1 71  ? -4.292  -6.745  13.510  1.00 30.73 ? 71  ILE A CB  1 
ATOM   573  C CG1 . ILE A 1 71  ? -5.199  -7.559  12.582  1.00 30.77 ? 71  ILE A CG1 1 
ATOM   574  C CG2 . ILE A 1 71  ? -2.934  -7.411  13.647  1.00 29.80 ? 71  ILE A CG2 1 
ATOM   575  C CD1 . ILE A 1 71  ? -4.716  -7.628  11.145  1.00 32.07 ? 71  ILE A CD1 1 
ATOM   576  N N   . LEU A 1 72  ? -3.590  -4.799  15.795  1.00 33.96 ? 72  LEU A N   1 
ATOM   577  C CA  . LEU A 1 72  ? -2.596  -4.200  16.681  1.00 36.77 ? 72  LEU A CA  1 
ATOM   578  C C   . LEU A 1 72  ? -2.995  -4.284  18.153  1.00 39.41 ? 72  LEU A C   1 
ATOM   579  O O   . LEU A 1 72  ? -2.136  -4.280  19.034  1.00 40.39 ? 72  LEU A O   1 
ATOM   580  C CB  . LEU A 1 72  ? -2.344  -2.742  16.282  1.00 35.55 ? 72  LEU A CB  1 
ATOM   581  C CG  . LEU A 1 72  ? -1.648  -2.576  14.927  1.00 35.09 ? 72  LEU A CG  1 
ATOM   582  C CD1 . LEU A 1 72  ? -1.522  -1.109  14.580  1.00 35.02 ? 72  LEU A CD1 1 
ATOM   583  C CD2 . LEU A 1 72  ? -0.283  -3.243  14.973  1.00 34.53 ? 72  LEU A CD2 1 
ATOM   584  N N   . TYR A 1 73  ? -4.295  -4.354  18.417  1.00 41.42 ? 73  TYR A N   1 
ATOM   585  C CA  . TYR A 1 73  ? -4.779  -4.464  19.783  1.00 44.28 ? 73  TYR A CA  1 
ATOM   586  C C   . TYR A 1 73  ? -4.716  -5.920  20.204  1.00 45.01 ? 73  TYR A C   1 
ATOM   587  O O   . TYR A 1 73  ? -5.342  -6.326  21.180  1.00 45.36 ? 73  TYR A O   1 
ATOM   588  C CB  . TYR A 1 73  ? -6.218  -3.964  19.892  1.00 45.53 ? 73  TYR A CB  1 
ATOM   589  C CG  . TYR A 1 73  ? -6.340  -2.582  20.478  1.00 47.80 ? 73  TYR A CG  1 
ATOM   590  C CD1 . TYR A 1 73  ? -5.892  -1.462  19.783  1.00 48.36 ? 73  TYR A CD1 1 
ATOM   591  C CD2 . TYR A 1 73  ? -6.911  -2.392  21.733  1.00 49.14 ? 73  TYR A CD2 1 
ATOM   592  C CE1 . TYR A 1 73  ? -6.013  -0.183  20.324  1.00 49.80 ? 73  TYR A CE1 1 
ATOM   593  C CE2 . TYR A 1 73  ? -7.035  -1.125  22.283  1.00 50.11 ? 73  TYR A CE2 1 
ATOM   594  C CZ  . TYR A 1 73  ? -6.587  -0.024  21.574  1.00 50.53 ? 73  TYR A CZ  1 
ATOM   595  O OH  . TYR A 1 73  ? -6.726  1.237   22.110  1.00 51.64 ? 73  TYR A OH  1 
ATOM   596  N N   . GLY A 1 74  ? -3.959  -6.706  19.449  1.00 46.11 ? 74  GLY A N   1 
ATOM   597  C CA  . GLY A 1 74  ? -3.822  -8.114  19.757  1.00 47.43 ? 74  GLY A CA  1 
ATOM   598  C C   . GLY A 1 74  ? -2.891  -8.346  20.929  1.00 48.18 ? 74  GLY A C   1 
ATOM   599  O O   . GLY A 1 74  ? -2.530  -7.410  21.647  1.00 48.47 ? 74  GLY A O   1 
ATOM   600  N N   . GLY A 1 75  ? -2.496  -9.600  21.117  1.00 48.62 ? 75  GLY A N   1 
ATOM   601  C CA  . GLY A 1 75  ? -1.613  -9.944  22.215  1.00 48.86 ? 75  GLY A CA  1 
ATOM   602  C C   . GLY A 1 75  ? -0.180  -9.504  22.013  1.00 48.64 ? 75  GLY A C   1 
ATOM   603  O O   . GLY A 1 75  ? 0.101   -8.570  21.258  1.00 48.51 ? 75  GLY A O   1 
ATOM   604  N N   . ASP A 1 76  ? 0.733   -10.183 22.696  1.00 48.27 ? 76  ASP A N   1 
ATOM   605  C CA  . ASP A 1 76  ? 2.149   -9.869  22.599  1.00 47.83 ? 76  ASP A CA  1 
ATOM   606  C C   . ASP A 1 76  ? 2.735   -10.496 21.348  1.00 46.50 ? 76  ASP A C   1 
ATOM   607  O O   . ASP A 1 76  ? 3.815   -10.116 20.904  1.00 46.33 ? 76  ASP A O   1 
ATOM   608  C CB  . ASP A 1 76  ? 2.896   -10.391 23.827  1.00 49.05 ? 76  ASP A CB  1 
ATOM   609  C CG  . ASP A 1 76  ? 2.344   -9.841  25.121  1.00 50.42 ? 76  ASP A CG  1 
ATOM   610  O OD1 . ASP A 1 76  ? 2.272   -8.598  25.262  1.00 51.10 ? 76  ASP A OD1 1 
ATOM   611  O OD2 . ASP A 1 76  ? 1.989   -10.655 26.003  1.00 51.49 ? 76  ASP A OD2 1 
ATOM   612  N N   . SER A 1 77  ? 2.024   -11.467 20.785  1.00 45.52 ? 77  SER A N   1 
ATOM   613  C CA  . SER A 1 77  ? 2.504   -12.131 19.582  1.00 44.63 ? 77  SER A CA  1 
ATOM   614  C C   . SER A 1 77  ? 2.442   -11.193 18.378  1.00 43.62 ? 77  SER A C   1 
ATOM   615  O O   . SER A 1 77  ? 3.174   -11.377 17.407  1.00 44.55 ? 77  SER A O   1 
ATOM   616  C CB  . SER A 1 77  ? 1.688   -13.400 19.304  1.00 44.39 ? 77  SER A CB  1 
ATOM   617  O OG  . SER A 1 77  ? 0.332   -13.097 19.021  1.00 44.72 ? 77  SER A OG  1 
ATOM   618  N N   . VAL A 1 78  ? 1.575   -10.187 18.448  1.00 41.93 ? 78  VAL A N   1 
ATOM   619  C CA  . VAL A 1 78  ? 1.426   -9.222  17.359  1.00 40.22 ? 78  VAL A CA  1 
ATOM   620  C C   . VAL A 1 78  ? 2.565   -8.203  17.367  1.00 38.78 ? 78  VAL A C   1 
ATOM   621  O O   . VAL A 1 78  ? 2.691   -7.409  18.296  1.00 38.69 ? 78  VAL A O   1 
ATOM   622  C CB  . VAL A 1 78  ? 0.079   -8.470  17.463  1.00 40.07 ? 78  VAL A CB  1 
ATOM   623  C CG1 . VAL A 1 78  ? -0.061  -7.481  16.312  1.00 39.23 ? 78  VAL A CG1 1 
ATOM   624  C CG2 . VAL A 1 78  ? -1.075  -9.469  17.443  1.00 39.79 ? 78  VAL A CG2 1 
ATOM   625  N N   . LYS A 1 79  ? 3.391   -8.233  16.325  1.00 37.02 ? 79  LYS A N   1 
ATOM   626  C CA  . LYS A 1 79  ? 4.521   -7.318  16.214  1.00 34.97 ? 79  LYS A CA  1 
ATOM   627  C C   . LYS A 1 79  ? 4.195   -6.079  15.380  1.00 33.71 ? 79  LYS A C   1 
ATOM   628  O O   . LYS A 1 79  ? 4.799   -5.018  15.553  1.00 33.25 ? 79  LYS A O   1 
ATOM   629  C CB  . LYS A 1 79  ? 5.734   -8.042  15.622  1.00 36.48 ? 79  LYS A CB  1 
ATOM   630  C CG  . LYS A 1 79  ? 6.334   -9.100  16.538  1.00 38.35 ? 79  LYS A CG  1 
ATOM   631  C CD  . LYS A 1 79  ? 7.796   -9.360  16.209  1.00 40.93 ? 79  LYS A CD  1 
ATOM   632  C CE  . LYS A 1 79  ? 8.498   -10.098 17.353  1.00 42.69 ? 79  LYS A CE  1 
ATOM   633  N NZ  . LYS A 1 79  ? 9.990   -10.015 17.228  1.00 44.17 ? 79  LYS A NZ  1 
ATOM   634  N N   . GLY A 1 80  ? 3.238   -6.210  14.469  1.00 32.03 ? 80  GLY A N   1 
ATOM   635  C CA  . GLY A 1 80  ? 2.863   -5.069  13.653  1.00 30.10 ? 80  GLY A CA  1 
ATOM   636  C C   . GLY A 1 80  ? 2.031   -5.430  12.440  1.00 28.11 ? 80  GLY A C   1 
ATOM   637  O O   . GLY A 1 80  ? 1.628   -6.578  12.267  1.00 27.22 ? 80  GLY A O   1 
ATOM   638  N N   . VAL A 1 81  ? 1.764   -4.432  11.606  1.00 27.43 ? 81  VAL A N   1 
ATOM   639  C CA  . VAL A 1 81  ? 1.002   -4.632  10.387  1.00 25.89 ? 81  VAL A CA  1 
ATOM   640  C C   . VAL A 1 81  ? 1.727   -3.927  9.243   1.00 26.11 ? 81  VAL A C   1 
ATOM   641  O O   . VAL A 1 81  ? 2.490   -2.983  9.465   1.00 25.26 ? 81  VAL A O   1 
ATOM   642  C CB  . VAL A 1 81  ? -0.434  -4.062  10.497  1.00 25.81 ? 81  VAL A CB  1 
ATOM   643  C CG1 . VAL A 1 81  ? -1.209  -4.792  11.594  1.00 25.63 ? 81  VAL A CG1 1 
ATOM   644  C CG2 . VAL A 1 81  ? -0.396  -2.571  10.768  1.00 24.94 ? 81  VAL A CG2 1 
ATOM   645  N N   . ILE A 1 82  ? 1.489   -4.409  8.027   1.00 23.71 ? 82  ILE A N   1 
ATOM   646  C CA  . ILE A 1 82  ? 2.092   -3.855  6.832   1.00 22.17 ? 82  ILE A CA  1 
ATOM   647  C C   . ILE A 1 82  ? 0.974   -3.299  5.953   1.00 21.94 ? 82  ILE A C   1 
ATOM   648  O O   . ILE A 1 82  ? -0.018  -3.988  5.681   1.00 20.76 ? 82  ILE A O   1 
ATOM   649  C CB  . ILE A 1 82  ? 2.864   -4.941  6.048   1.00 23.17 ? 82  ILE A CB  1 
ATOM   650  C CG1 . ILE A 1 82  ? 4.017   -5.469  6.896   1.00 23.10 ? 82  ILE A CG1 1 
ATOM   651  C CG2 . ILE A 1 82  ? 3.388   -4.364  4.735   1.00 21.78 ? 82  ILE A CG2 1 
ATOM   652  C CD1 . ILE A 1 82  ? 4.712   -6.652  6.306   1.00 24.74 ? 82  ILE A CD1 1 
ATOM   653  N N   . ILE A 1 83  ? 1.114   -2.042  5.549   1.00 20.64 ? 83  ILE A N   1 
ATOM   654  C CA  . ILE A 1 83  ? 0.124   -1.402  4.682   1.00 20.79 ? 83  ILE A CA  1 
ATOM   655  C C   . ILE A 1 83  ? 0.746   -1.406  3.290   1.00 19.90 ? 83  ILE A C   1 
ATOM   656  O O   . ILE A 1 83  ? 1.321   -0.413  2.844   1.00 20.69 ? 83  ILE A O   1 
ATOM   657  C CB  . ILE A 1 83  ? -0.143  0.044   5.116   1.00 21.48 ? 83  ILE A CB  1 
ATOM   658  C CG1 . ILE A 1 83  ? -0.354  0.093   6.637   1.00 21.91 ? 83  ILE A CG1 1 
ATOM   659  C CG2 . ILE A 1 83  ? -1.369  0.594   4.382   1.00 22.18 ? 83  ILE A CG2 1 
ATOM   660  C CD1 . ILE A 1 83  ? -1.450  -0.810  7.148   1.00 22.14 ? 83  ILE A CD1 1 
ATOM   661  N N   . SER A 1 84  ? 0.609   -2.542  2.618   1.00 19.36 ? 84  SER A N   1 
ATOM   662  C CA  . SER A 1 84  ? 1.191   -2.770  1.302   1.00 19.31 ? 84  SER A CA  1 
ATOM   663  C C   . SER A 1 84  ? 0.607   -2.016  0.101   1.00 19.38 ? 84  SER A C   1 
ATOM   664  O O   . SER A 1 84  ? 0.472   -2.593  -0.978  1.00 18.83 ? 84  SER A O   1 
ATOM   665  C CB  . SER A 1 84  ? 1.191   -4.278  1.012   1.00 17.67 ? 84  SER A CB  1 
ATOM   666  O OG  . SER A 1 84  ? -0.117  -4.803  1.138   1.00 18.60 ? 84  SER A OG  1 
ATOM   667  N N   . ASP A 1 85  ? 0.274   -0.736  0.274   1.00 19.07 ? 85  ASP A N   1 
ATOM   668  C CA  . ASP A 1 85  ? -0.270  0.070   -0.827  1.00 20.78 ? 85  ASP A CA  1 
ATOM   669  C C   . ASP A 1 85  ? 0.840   0.900   -1.445  1.00 20.41 ? 85  ASP A C   1 
ATOM   670  O O   . ASP A 1 85  ? 1.973   0.869   -0.979  1.00 20.41 ? 85  ASP A O   1 
ATOM   671  C CB  . ASP A 1 85  ? -1.348  1.040   -0.337  1.00 21.34 ? 85  ASP A CB  1 
ATOM   672  C CG  . ASP A 1 85  ? -2.450  0.352   0.403   1.00 23.29 ? 85  ASP A CG  1 
ATOM   673  O OD1 . ASP A 1 85  ? -2.893  -0.712  -0.088  1.00 21.38 ? 85  ASP A OD1 1 
ATOM   674  O OD2 . ASP A 1 85  ? -2.877  0.880   1.462   1.00 21.85 ? 85  ASP A OD2 1 
ATOM   675  N N   . THR A 1 86  ? 0.508   1.660   -2.486  1.00 20.93 ? 86  THR A N   1 
ATOM   676  C CA  . THR A 1 86  ? 1.499   2.517   -3.122  1.00 21.43 ? 86  THR A CA  1 
ATOM   677  C C   . THR A 1 86  ? 1.889   3.610   -2.124  1.00 20.11 ? 86  THR A C   1 
ATOM   678  O O   . THR A 1 86  ? 3.050   3.983   -2.038  1.00 19.24 ? 86  THR A O   1 
ATOM   679  C CB  . THR A 1 86  ? 0.942   3.178   -4.408  1.00 22.16 ? 86  THR A CB  1 
ATOM   680  O OG1 . THR A 1 86  ? -0.224  3.940   -4.090  1.00 25.72 ? 86  THR A OG1 1 
ATOM   681  C CG2 . THR A 1 86  ? 0.565   2.119   -5.442  1.00 22.30 ? 86  THR A CG2 1 
ATOM   682  N N   . ASN A 1 87  ? 0.912   4.105   -1.363  1.00 19.21 ? 87  ASN A N   1 
ATOM   683  C CA  . ASN A 1 87  ? 1.149   5.148   -0.361  1.00 19.99 ? 87  ASN A CA  1 
ATOM   684  C C   . ASN A 1 87  ? 1.880   6.364   -0.930  1.00 20.90 ? 87  ASN A C   1 
ATOM   685  O O   . ASN A 1 87  ? 2.636   7.031   -0.227  1.00 21.74 ? 87  ASN A O   1 
ATOM   686  C CB  . ASN A 1 87  ? 1.948   4.582   0.818   1.00 18.58 ? 87  ASN A CB  1 
ATOM   687  C CG  . ASN A 1 87  ? 1.102   3.718   1.733   1.00 19.07 ? 87  ASN A CG  1 
ATOM   688  O OD1 . ASN A 1 87  ? 0.047   4.147   2.197   1.00 21.07 ? 87  ASN A OD1 1 
ATOM   689  N ND2 . ASN A 1 87  ? 1.560   2.499   1.996   1.00 17.86 ? 87  ASN A ND2 1 
ATOM   690  N N   . LEU A 1 88  ? 1.629   6.643   -2.202  1.00 21.45 ? 88  LEU A N   1 
ATOM   691  C CA  . LEU A 1 88  ? 2.242   7.762   -2.885  1.00 23.74 ? 88  LEU A CA  1 
ATOM   692  C C   . LEU A 1 88  ? 1.591   9.089   -2.524  1.00 24.76 ? 88  LEU A C   1 
ATOM   693  O O   . LEU A 1 88  ? 2.208   10.146  -2.640  1.00 25.68 ? 88  LEU A O   1 
ATOM   694  C CB  . LEU A 1 88  ? 2.154   7.550   -4.395  1.00 23.32 ? 88  LEU A CB  1 
ATOM   695  C CG  . LEU A 1 88  ? 2.938   6.352   -4.929  1.00 24.44 ? 88  LEU A CG  1 
ATOM   696  C CD1 . LEU A 1 88  ? 2.590   6.113   -6.393  1.00 23.91 ? 88  LEU A CD1 1 
ATOM   697  C CD2 . LEU A 1 88  ? 4.418   6.625   -4.760  1.00 23.25 ? 88  LEU A CD2 1 
ATOM   698  N N   . ASN A 1 89  ? 0.335   9.023   -2.090  1.00 26.01 ? 89  ASN A N   1 
ATOM   699  C CA  . ASN A 1 89  ? -0.430  10.212  -1.726  1.00 26.36 ? 89  ASN A CA  1 
ATOM   700  C C   . ASN A 1 89  ? -0.077  10.675  -0.312  1.00 27.11 ? 89  ASN A C   1 
ATOM   701  O O   . ASN A 1 89  ? -0.357  9.982   0.668   1.00 26.77 ? 89  ASN A O   1 
ATOM   702  C CB  . ASN A 1 89  ? -1.931  9.915   -1.816  1.00 28.20 ? 89  ASN A CB  1 
ATOM   703  C CG  . ASN A 1 89  ? -2.779  11.169  -1.736  1.00 29.95 ? 89  ASN A CG  1 
ATOM   704  O OD1 . ASN A 1 89  ? -2.564  12.029  -0.879  1.00 30.94 ? 89  ASN A OD1 1 
ATOM   705  N ND2 . ASN A 1 89  ? -3.760  11.274  -2.620  1.00 31.46 ? 89  ASN A ND2 1 
ATOM   706  N N   . PRO A 1 90  ? 0.532   11.865  -0.192  1.00 27.41 ? 90  PRO A N   1 
ATOM   707  C CA  . PRO A 1 90  ? 0.937   12.442  1.093   1.00 27.23 ? 90  PRO A CA  1 
ATOM   708  C C   . PRO A 1 90  ? -0.160  12.422  2.155   1.00 26.58 ? 90  PRO A C   1 
ATOM   709  O O   . PRO A 1 90  ? 0.108   12.166  3.324   1.00 25.64 ? 90  PRO A O   1 
ATOM   710  C CB  . PRO A 1 90  ? 1.331   13.872  0.725   1.00 27.95 ? 90  PRO A CB  1 
ATOM   711  C CG  . PRO A 1 90  ? 1.763   13.755  -0.699  1.00 28.49 ? 90  PRO A CG  1 
ATOM   712  C CD  . PRO A 1 90  ? 0.732   12.835  -1.284  1.00 27.73 ? 90  PRO A CD  1 
ATOM   713  N N   . GLU A 1 91  ? -1.394  12.693  1.742   1.00 27.95 ? 91  GLU A N   1 
ATOM   714  C CA  . GLU A 1 91  ? -2.510  12.719  2.683   1.00 29.44 ? 91  GLU A CA  1 
ATOM   715  C C   . GLU A 1 91  ? -2.772  11.358  3.314   1.00 29.64 ? 91  GLU A C   1 
ATOM   716  O O   . GLU A 1 91  ? -3.090  11.275  4.503   1.00 29.24 ? 91  GLU A O   1 
ATOM   717  C CB  . GLU A 1 91  ? -3.770  13.244  1.992   1.00 31.85 ? 91  GLU A CB  1 
ATOM   718  C CG  . GLU A 1 91  ? -3.579  14.656  1.453   1.00 36.60 ? 91  GLU A CG  1 
ATOM   719  C CD  . GLU A 1 91  ? -4.838  15.259  0.874   1.00 39.92 ? 91  GLU A CD  1 
ATOM   720  O OE1 . GLU A 1 91  ? -4.742  16.356  0.273   1.00 41.85 ? 91  GLU A OE1 1 
ATOM   721  O OE2 . GLU A 1 91  ? -5.923  14.650  1.010   1.00 42.62 ? 91  GLU A OE2 1 
ATOM   722  N N   . ARG A 1 92  ? -2.641  10.291  2.531   1.00 28.18 ? 92  ARG A N   1 
ATOM   723  C CA  . ARG A 1 92  ? -2.851  8.963   3.085   1.00 29.31 ? 92  ARG A CA  1 
ATOM   724  C C   . ARG A 1 92  ? -1.754  8.628   4.093   1.00 27.20 ? 92  ARG A C   1 
ATOM   725  O O   . ARG A 1 92  ? -2.028  8.050   5.142   1.00 26.32 ? 92  ARG A O   1 
ATOM   726  C CB  . ARG A 1 92  ? -2.898  7.898   1.981   1.00 31.14 ? 92  ARG A CB  1 
ATOM   727  C CG  . ARG A 1 92  ? -4.197  7.885   1.175   1.00 34.61 ? 92  ARG A CG  1 
ATOM   728  C CD  . ARG A 1 92  ? -4.362  6.559   0.433   1.00 36.73 ? 92  ARG A CD  1 
ATOM   729  N NE  . ARG A 1 92  ? -5.414  6.587   -0.589  1.00 39.00 ? 92  ARG A NE  1 
ATOM   730  C CZ  . ARG A 1 92  ? -6.712  6.735   -0.342  1.00 39.44 ? 92  ARG A CZ  1 
ATOM   731  N NH1 . ARG A 1 92  ? -7.146  6.868   0.903   1.00 39.01 ? 92  ARG A NH1 1 
ATOM   732  N NH2 . ARG A 1 92  ? -7.578  6.745   -1.346  1.00 40.17 ? 92  ARG A NH2 1 
ATOM   733  N N   . ARG A 1 93  ? -0.514  8.998   3.785   1.00 25.90 ? 93  ARG A N   1 
ATOM   734  C CA  . ARG A 1 93  ? 0.586   8.712   4.700   1.00 25.35 ? 93  ARG A CA  1 
ATOM   735  C C   . ARG A 1 93  ? 0.400   9.459   6.018   1.00 25.51 ? 93  ARG A C   1 
ATOM   736  O O   . ARG A 1 93  ? 0.660   8.921   7.097   1.00 25.58 ? 93  ARG A O   1 
ATOM   737  C CB  . ARG A 1 93  ? 1.935   9.088   4.076   1.00 25.38 ? 93  ARG A CB  1 
ATOM   738  C CG  . ARG A 1 93  ? 2.329   8.233   2.872   1.00 25.35 ? 93  ARG A CG  1 
ATOM   739  C CD  . ARG A 1 93  ? 3.815   8.368   2.557   1.00 26.73 ? 93  ARG A CD  1 
ATOM   740  N NE  . ARG A 1 93  ? 4.228   9.758   2.358   1.00 26.99 ? 93  ARG A NE  1 
ATOM   741  C CZ  . ARG A 1 93  ? 4.106   10.428  1.217   1.00 26.94 ? 93  ARG A CZ  1 
ATOM   742  N NH1 . ARG A 1 93  ? 3.581   9.838   0.146   1.00 26.52 ? 93  ARG A NH1 1 
ATOM   743  N NH2 . ARG A 1 93  ? 4.512   11.689  1.147   1.00 26.77 ? 93  ARG A NH2 1 
ATOM   744  N N   . LEU A 1 94  ? -0.054  10.701  5.930   1.00 25.41 ? 94  LEU A N   1 
ATOM   745  C CA  . LEU A 1 94  ? -0.282  11.516  7.125   1.00 26.24 ? 94  LEU A CA  1 
ATOM   746  C C   . LEU A 1 94  ? -1.374  10.885  7.986   1.00 26.64 ? 94  LEU A C   1 
ATOM   747  O O   . LEU A 1 94  ? -1.331  10.953  9.212   1.00 27.90 ? 94  LEU A O   1 
ATOM   748  C CB  . LEU A 1 94  ? -0.699  12.933  6.715   1.00 26.04 ? 94  LEU A CB  1 
ATOM   749  C CG  . LEU A 1 94  ? -1.150  13.867  7.842   1.00 27.09 ? 94  LEU A CG  1 
ATOM   750  C CD1 . LEU A 1 94  ? -0.046  13.975  8.887   1.00 26.17 ? 94  LEU A CD1 1 
ATOM   751  C CD2 . LEU A 1 94  ? -1.494  15.242  7.268   1.00 27.52 ? 94  LEU A CD2 1 
ATOM   752  N N   . ALA A 1 95  ? -2.358  10.277  7.333   1.00 26.60 ? 95  ALA A N   1 
ATOM   753  C CA  . ALA A 1 95  ? -3.453  9.637   8.051   1.00 27.85 ? 95  ALA A CA  1 
ATOM   754  C C   . ALA A 1 95  ? -2.933  8.501   8.930   1.00 27.66 ? 95  ALA A C   1 
ATOM   755  O O   . ALA A 1 95  ? -3.332  8.375   10.083  1.00 27.80 ? 95  ALA A O   1 
ATOM   756  C CB  . ALA A 1 95  ? -4.499  9.109   7.064   1.00 27.12 ? 95  ALA A CB  1 
ATOM   757  N N   . TRP A 1 96  ? -2.045  7.674   8.382   1.00 28.56 ? 96  TRP A N   1 
ATOM   758  C CA  . TRP A 1 96  ? -1.486  6.569   9.147   1.00 28.82 ? 96  TRP A CA  1 
ATOM   759  C C   . TRP A 1 96  ? -0.578  7.062   10.267  1.00 31.15 ? 96  TRP A C   1 
ATOM   760  O O   . TRP A 1 96  ? -0.438  6.403   11.295  1.00 31.33 ? 96  TRP A O   1 
ATOM   761  C CB  . TRP A 1 96  ? -0.710  5.607   8.237   1.00 27.70 ? 96  TRP A CB  1 
ATOM   762  C CG  . TRP A 1 96  ? -1.604  4.742   7.415   1.00 26.02 ? 96  TRP A CG  1 
ATOM   763  C CD1 . TRP A 1 96  ? -1.879  4.871   6.086   1.00 25.79 ? 96  TRP A CD1 1 
ATOM   764  C CD2 . TRP A 1 96  ? -2.390  3.640   7.884   1.00 25.33 ? 96  TRP A CD2 1 
ATOM   765  N NE1 . TRP A 1 96  ? -2.798  3.912   5.692   1.00 25.32 ? 96  TRP A NE1 1 
ATOM   766  C CE2 . TRP A 1 96  ? -3.125  3.147   6.780   1.00 25.44 ? 96  TRP A CE2 1 
ATOM   767  C CE3 . TRP A 1 96  ? -2.546  3.021   9.133   1.00 25.80 ? 96  TRP A CE3 1 
ATOM   768  C CZ2 . TRP A 1 96  ? -4.001  2.067   6.888   1.00 24.91 ? 96  TRP A CZ2 1 
ATOM   769  C CZ3 . TRP A 1 96  ? -3.422  1.942   9.238   1.00 25.18 ? 96  TRP A CZ3 1 
ATOM   770  C CH2 . TRP A 1 96  ? -4.137  1.480   8.119   1.00 25.62 ? 96  TRP A CH2 1 
ATOM   771  N N   . GLU A 1 97  ? 0.049   8.214   10.061  1.00 33.28 ? 97  GLU A N   1 
ATOM   772  C CA  . GLU A 1 97  ? 0.927   8.786   11.072  1.00 35.28 ? 97  GLU A CA  1 
ATOM   773  C C   . GLU A 1 97  ? 0.116   9.277   12.267  1.00 35.60 ? 97  GLU A C   1 
ATOM   774  O O   . GLU A 1 97  ? 0.410   8.920   13.406  1.00 34.89 ? 97  GLU A O   1 
ATOM   775  C CB  . GLU A 1 97  ? 1.734   9.943   10.477  1.00 37.17 ? 97  GLU A CB  1 
ATOM   776  C CG  . GLU A 1 97  ? 2.846   9.500   9.533   1.00 39.82 ? 97  GLU A CG  1 
ATOM   777  C CD  . GLU A 1 97  ? 3.434   10.651  8.743   1.00 42.26 ? 97  GLU A CD  1 
ATOM   778  O OE1 . GLU A 1 97  ? 3.758   11.696  9.361   1.00 44.02 ? 97  GLU A OE1 1 
ATOM   779  O OE2 . GLU A 1 97  ? 3.573   10.517  7.502   1.00 43.34 ? 97  GLU A OE2 1 
ATOM   780  N N   . THR A 1 98  ? -0.910  10.084  12.011  1.00 36.20 ? 98  THR A N   1 
ATOM   781  C CA  . THR A 1 98  ? -1.736  10.595  13.100  1.00 37.99 ? 98  THR A CA  1 
ATOM   782  C C   . THR A 1 98  ? -2.434  9.426   13.800  1.00 37.94 ? 98  THR A C   1 
ATOM   783  O O   . THR A 1 98  ? -2.650  9.450   15.014  1.00 37.59 ? 98  THR A O   1 
ATOM   784  C CB  . THR A 1 98  ? -2.798  11.609  12.590  1.00 38.40 ? 98  THR A CB  1 
ATOM   785  O OG1 . THR A 1 98  ? -3.813  10.926  11.845  1.00 41.10 ? 98  THR A OG1 1 
ATOM   786  C CG2 . THR A 1 98  ? -2.146  12.651  11.695  1.00 39.43 ? 98  THR A CG2 1 
ATOM   787  N N   . PHE A 1 99  ? -2.765  8.397   13.024  1.00 38.27 ? 99  PHE A N   1 
ATOM   788  C CA  . PHE A 1 99  ? -3.423  7.200   13.548  1.00 38.90 ? 99  PHE A CA  1 
ATOM   789  C C   . PHE A 1 99  ? -2.519  6.496   14.558  1.00 39.57 ? 99  PHE A C   1 
ATOM   790  O O   . PHE A 1 99  ? -2.952  6.134   15.657  1.00 39.92 ? 99  PHE A O   1 
ATOM   791  C CB  . PHE A 1 99  ? -3.745  6.239   12.398  1.00 38.56 ? 99  PHE A CB  1 
ATOM   792  C CG  . PHE A 1 99  ? -4.358  4.937   12.839  1.00 38.28 ? 99  PHE A CG  1 
ATOM   793  C CD1 . PHE A 1 99  ? -5.624  4.908   13.417  1.00 38.80 ? 99  PHE A CD1 1 
ATOM   794  C CD2 . PHE A 1 99  ? -3.681  3.736   12.645  1.00 38.53 ? 99  PHE A CD2 1 
ATOM   795  C CE1 . PHE A 1 99  ? -6.213  3.700   13.795  1.00 37.71 ? 99  PHE A CE1 1 
ATOM   796  C CE2 . PHE A 1 99  ? -4.255  2.523   13.017  1.00 38.25 ? 99  PHE A CE2 1 
ATOM   797  C CZ  . PHE A 1 99  ? -5.527  2.508   13.593  1.00 38.76 ? 99  PHE A CZ  1 
ATOM   798  N N   . ALA A 1 100 ? -1.261  6.307   14.177  1.00 40.08 ? 100 ALA A N   1 
ATOM   799  C CA  . ALA A 1 100 ? -0.287  5.642   15.033  1.00 41.72 ? 100 ALA A CA  1 
ATOM   800  C C   . ALA A 1 100 ? 0.050   6.467   16.263  1.00 42.51 ? 100 ALA A C   1 
ATOM   801  O O   . ALA A 1 100 ? 0.210   5.928   17.360  1.00 42.89 ? 100 ALA A O   1 
ATOM   802  C CB  . ALA A 1 100 ? 0.976   5.351   14.247  1.00 40.50 ? 100 ALA A CB  1 
ATOM   803  N N   . LYS A 1 101 ? 0.162   7.777   16.079  1.00 44.10 ? 101 LYS A N   1 
ATOM   804  C CA  . LYS A 1 101 ? 0.491   8.667   17.185  1.00 45.95 ? 101 LYS A CA  1 
ATOM   805  C C   . LYS A 1 101 ? -0.653  8.715   18.192  1.00 46.11 ? 101 LYS A C   1 
ATOM   806  O O   . LYS A 1 101 ? -0.449  9.018   19.365  1.00 46.29 ? 101 LYS A O   1 
ATOM   807  C CB  . LYS A 1 101 ? 0.789   10.072  16.655  1.00 47.08 ? 101 LYS A CB  1 
ATOM   808  C CG  . LYS A 1 101 ? 1.361   11.019  17.697  1.00 49.03 ? 101 LYS A CG  1 
ATOM   809  C CD  . LYS A 1 101 ? 1.865   12.301  17.052  1.00 50.40 ? 101 LYS A CD  1 
ATOM   810  C CE  . LYS A 1 101 ? 2.651   13.144  18.044  1.00 50.84 ? 101 LYS A CE  1 
ATOM   811  N NZ  . LYS A 1 101 ? 3.324   14.294  17.381  1.00 51.53 ? 101 LYS A NZ  1 
ATOM   812  N N   . GLU A 1 102 ? -1.856  8.402   17.723  1.00 46.51 ? 102 GLU A N   1 
ATOM   813  C CA  . GLU A 1 102 ? -3.030  8.412   18.581  1.00 46.77 ? 102 GLU A CA  1 
ATOM   814  C C   . GLU A 1 102 ? -3.119  7.183   19.476  1.00 46.39 ? 102 GLU A C   1 
ATOM   815  O O   . GLU A 1 102 ? -3.646  7.256   20.586  1.00 46.60 ? 102 GLU A O   1 
ATOM   816  C CB  . GLU A 1 102 ? -4.293  8.512   17.735  1.00 48.08 ? 102 GLU A CB  1 
ATOM   817  C CG  . GLU A 1 102 ? -5.579  8.310   18.510  1.00 50.33 ? 102 GLU A CG  1 
ATOM   818  C CD  . GLU A 1 102 ? -6.793  8.309   17.605  1.00 51.62 ? 102 GLU A CD  1 
ATOM   819  O OE1 . GLU A 1 102 ? -7.908  8.024   18.092  1.00 52.00 ? 102 GLU A OE1 1 
ATOM   820  O OE2 . GLU A 1 102 ? -6.627  8.597   16.399  1.00 53.28 ? 102 GLU A OE2 1 
ATOM   821  N N   . TYR A 1 103 ? -2.603  6.053   19.000  1.00 45.41 ? 103 TYR A N   1 
ATOM   822  C CA  . TYR A 1 103 ? -2.654  4.825   19.781  1.00 44.68 ? 103 TYR A CA  1 
ATOM   823  C C   . TYR A 1 103 ? -1.291  4.329   20.248  1.00 44.13 ? 103 TYR A C   1 
ATOM   824  O O   . TYR A 1 103 ? -1.160  3.188   20.687  1.00 43.88 ? 103 TYR A O   1 
ATOM   825  C CB  . TYR A 1 103 ? -3.355  3.719   18.986  1.00 45.21 ? 103 TYR A CB  1 
ATOM   826  C CG  . TYR A 1 103 ? -4.790  4.027   18.623  1.00 46.04 ? 103 TYR A CG  1 
ATOM   827  C CD1 . TYR A 1 103 ? -5.100  4.729   17.461  1.00 46.18 ? 103 TYR A CD1 1 
ATOM   828  C CD2 . TYR A 1 103 ? -5.839  3.629   19.453  1.00 46.28 ? 103 TYR A CD2 1 
ATOM   829  C CE1 . TYR A 1 103 ? -6.422  5.030   17.131  1.00 46.97 ? 103 TYR A CE1 1 
ATOM   830  C CE2 . TYR A 1 103 ? -7.163  3.925   19.134  1.00 46.30 ? 103 TYR A CE2 1 
ATOM   831  C CZ  . TYR A 1 103 ? -7.449  4.624   17.975  1.00 46.99 ? 103 TYR A CZ  1 
ATOM   832  O OH  . TYR A 1 103 ? -8.758  4.917   17.656  1.00 47.22 ? 103 TYR A OH  1 
ATOM   833  N N   . GLY A 1 104 ? -0.278  5.181   20.150  1.00 43.49 ? 104 GLY A N   1 
ATOM   834  C CA  . GLY A 1 104 ? 1.048   4.789   20.587  1.00 42.60 ? 104 GLY A CA  1 
ATOM   835  C C   . GLY A 1 104 ? 1.710   3.693   19.771  1.00 42.01 ? 104 GLY A C   1 
ATOM   836  O O   . GLY A 1 104 ? 2.222   2.718   20.326  1.00 42.24 ? 104 GLY A O   1 
ATOM   837  N N   . TRP A 1 105 ? 1.698   3.847   18.451  1.00 41.02 ? 105 TRP A N   1 
ATOM   838  C CA  . TRP A 1 105 ? 2.325   2.881   17.559  1.00 39.27 ? 105 TRP A CA  1 
ATOM   839  C C   . TRP A 1 105 ? 3.363   3.593   16.703  1.00 38.82 ? 105 TRP A C   1 
ATOM   840  O O   . TRP A 1 105 ? 3.277   4.802   16.492  1.00 38.09 ? 105 TRP A O   1 
ATOM   841  C CB  . TRP A 1 105 ? 1.279   2.212   16.672  1.00 39.23 ? 105 TRP A CB  1 
ATOM   842  C CG  . TRP A 1 105 ? 0.311   1.359   17.434  1.00 38.78 ? 105 TRP A CG  1 
ATOM   843  C CD1 . TRP A 1 105 ? 0.610   0.457   18.423  1.00 38.23 ? 105 TRP A CD1 1 
ATOM   844  C CD2 . TRP A 1 105 ? -1.102  1.282   17.237  1.00 38.62 ? 105 TRP A CD2 1 
ATOM   845  N NE1 . TRP A 1 105 ? -0.531  -0.175  18.846  1.00 38.64 ? 105 TRP A NE1 1 
ATOM   846  C CE2 . TRP A 1 105 ? -1.599  0.311   18.135  1.00 38.46 ? 105 TRP A CE2 1 
ATOM   847  C CE3 . TRP A 1 105 ? -2.001  1.939   16.386  1.00 39.20 ? 105 TRP A CE3 1 
ATOM   848  C CZ2 . TRP A 1 105 ? -2.953  -0.021  18.207  1.00 38.50 ? 105 TRP A CZ2 1 
ATOM   849  C CZ3 . TRP A 1 105 ? -3.354  1.606   16.456  1.00 38.95 ? 105 TRP A CZ3 1 
ATOM   850  C CH2 . TRP A 1 105 ? -3.813  0.635   17.362  1.00 38.79 ? 105 TRP A CH2 1 
ATOM   851  N N   . LYS A 1 106 ? 4.343   2.842   16.215  1.00 38.44 ? 106 LYS A N   1 
ATOM   852  C CA  . LYS A 1 106 ? 5.412   3.414   15.404  1.00 38.67 ? 106 LYS A CA  1 
ATOM   853  C C   . LYS A 1 106 ? 5.254   3.148   13.910  1.00 38.32 ? 106 LYS A C   1 
ATOM   854  O O   . LYS A 1 106 ? 5.055   2.010   13.485  1.00 38.12 ? 106 LYS A O   1 
ATOM   855  C CB  . LYS A 1 106 ? 6.762   2.863   15.863  1.00 39.31 ? 106 LYS A CB  1 
ATOM   856  C CG  . LYS A 1 106 ? 7.954   3.478   15.152  1.00 40.12 ? 106 LYS A CG  1 
ATOM   857  C CD  . LYS A 1 106 ? 9.238   2.764   15.525  1.00 41.33 ? 106 LYS A CD  1 
ATOM   858  C CE  . LYS A 1 106 ? 10.427  3.348   14.780  1.00 42.57 ? 106 LYS A CE  1 
ATOM   859  N NZ  . LYS A 1 106 ? 11.670  2.568   15.032  1.00 44.29 ? 106 LYS A NZ  1 
ATOM   860  N N   . VAL A 1 107 ? 5.362   4.209   13.120  1.00 37.72 ? 107 VAL A N   1 
ATOM   861  C CA  . VAL A 1 107 ? 5.245   4.108   11.673  1.00 37.71 ? 107 VAL A CA  1 
ATOM   862  C C   . VAL A 1 107 ? 6.617   4.024   11.013  1.00 37.25 ? 107 VAL A C   1 
ATOM   863  O O   . VAL A 1 107 ? 7.502   4.832   11.294  1.00 37.42 ? 107 VAL A O   1 
ATOM   864  C CB  . VAL A 1 107 ? 4.504   5.328   11.086  1.00 37.43 ? 107 VAL A CB  1 
ATOM   865  C CG1 . VAL A 1 107 ? 4.557   5.291   9.569   1.00 38.18 ? 107 VAL A CG1 1 
ATOM   866  C CG2 . VAL A 1 107 ? 3.063   5.342   11.560  1.00 37.70 ? 107 VAL A CG2 1 
ATOM   867  N N   . GLU A 1 108 ? 6.792   3.038   10.142  1.00 36.10 ? 108 GLU A N   1 
ATOM   868  C CA  . GLU A 1 108 ? 8.053   2.884   9.431   1.00 36.00 ? 108 GLU A CA  1 
ATOM   869  C C   . GLU A 1 108 ? 7.766   2.934   7.931   1.00 35.13 ? 108 GLU A C   1 
ATOM   870  O O   . GLU A 1 108 ? 6.625   2.753   7.505   1.00 34.06 ? 108 GLU A O   1 
ATOM   871  C CB  . GLU A 1 108 ? 8.722   1.556   9.791   1.00 37.27 ? 108 GLU A CB  1 
ATOM   872  C CG  . GLU A 1 108 ? 8.818   1.301   11.293  1.00 40.58 ? 108 GLU A CG  1 
ATOM   873  C CD  . GLU A 1 108 ? 9.778   0.175   11.643  1.00 42.97 ? 108 GLU A CD  1 
ATOM   874  O OE1 . GLU A 1 108 ? 9.715   -0.898  11.002  1.00 43.74 ? 108 GLU A OE1 1 
ATOM   875  O OE2 . GLU A 1 108 ? 10.594  0.364   12.570  1.00 44.60 ? 108 GLU A OE2 1 
ATOM   876  N N   . HIS A 1 109 ? 8.802   3.196   7.140   1.00 33.75 ? 109 HIS A N   1 
ATOM   877  C CA  . HIS A 1 109 ? 8.659   3.266   5.693   1.00 33.96 ? 109 HIS A CA  1 
ATOM   878  C C   . HIS A 1 109 ? 9.558   2.274   4.975   1.00 32.97 ? 109 HIS A C   1 
ATOM   879  O O   . HIS A 1 109 ? 10.746  2.154   5.285   1.00 32.25 ? 109 HIS A O   1 
ATOM   880  C CB  . HIS A 1 109 ? 8.983   4.671   5.173   1.00 35.33 ? 109 HIS A CB  1 
ATOM   881  C CG  . HIS A 1 109 ? 7.982   5.713   5.574   1.00 37.05 ? 109 HIS A CG  1 
ATOM   882  N ND1 . HIS A 1 109 ? 6.668   5.412   5.839   1.00 38.26 ? 109 HIS A ND1 1 
ATOM   883  C CD2 . HIS A 1 109 ? 8.105   7.053   5.712   1.00 38.14 ? 109 HIS A CD2 1 
ATOM   884  C CE1 . HIS A 1 109 ? 6.014   6.530   6.126   1.00 37.80 ? 109 HIS A CE1 1 
ATOM   885  N NE2 . HIS A 1 109 ? 6.861   7.534   6.055   1.00 38.22 ? 109 HIS A NE2 1 
ATOM   886  N N   . LYS A 1 110 ? 8.982   1.566   4.010   1.00 31.33 ? 110 LYS A N   1 
ATOM   887  C CA  . LYS A 1 110 ? 9.723   0.608   3.204   1.00 30.60 ? 110 LYS A CA  1 
ATOM   888  C C   . LYS A 1 110 ? 9.634   1.138   1.775   1.00 29.99 ? 110 LYS A C   1 
ATOM   889  O O   . LYS A 1 110 ? 8.620   0.977   1.101   1.00 29.13 ? 110 LYS A O   1 
ATOM   890  C CB  . LYS A 1 110 ? 9.094   -0.782  3.304   1.00 31.38 ? 110 LYS A CB  1 
ATOM   891  C CG  . LYS A 1 110 ? 9.849   -1.853  2.540   1.00 33.70 ? 110 LYS A CG  1 
ATOM   892  C CD  . LYS A 1 110 ? 11.274  -1.982  3.044   1.00 34.84 ? 110 LYS A CD  1 
ATOM   893  C CE  . LYS A 1 110 ? 12.105  -2.885  2.150   1.00 36.27 ? 110 LYS A CE  1 
ATOM   894  N NZ  . LYS A 1 110 ? 13.500  -3.005  2.675   1.00 37.20 ? 110 LYS A NZ  1 
ATOM   895  N N   . VAL A 1 111 ? 10.708  1.776   1.327   1.00 28.86 ? 111 VAL A N   1 
ATOM   896  C CA  . VAL A 1 111 ? 10.763  2.380   0.002   1.00 29.12 ? 111 VAL A CA  1 
ATOM   897  C C   . VAL A 1 111 ? 11.220  1.454   -1.121  1.00 28.61 ? 111 VAL A C   1 
ATOM   898  O O   . VAL A 1 111 ? 12.215  0.747   -0.993  1.00 28.14 ? 111 VAL A O   1 
ATOM   899  C CB  . VAL A 1 111 ? 11.691  3.613   0.022   1.00 29.07 ? 111 VAL A CB  1 
ATOM   900  C CG1 . VAL A 1 111 ? 11.706  4.282   -1.336  1.00 28.80 ? 111 VAL A CG1 1 
ATOM   901  C CG2 . VAL A 1 111 ? 11.232  4.585   1.102   1.00 29.59 ? 111 VAL A CG2 1 
ATOM   902  N N   . PHE A 1 112 ? 10.481  1.474   -2.226  1.00 28.44 ? 112 PHE A N   1 
ATOM   903  C CA  . PHE A 1 112 ? 10.818  0.669   -3.393  1.00 29.27 ? 112 PHE A CA  1 
ATOM   904  C C   . PHE A 1 112 ? 11.105  1.581   -4.587  1.00 29.34 ? 112 PHE A C   1 
ATOM   905  O O   . PHE A 1 112 ? 10.259  1.781   -5.458  1.00 29.35 ? 112 PHE A O   1 
ATOM   906  C CB  . PHE A 1 112 ? 9.678   -0.295  -3.739  1.00 29.67 ? 112 PHE A CB  1 
ATOM   907  C CG  . PHE A 1 112 ? 9.361   -1.283  -2.650  1.00 30.76 ? 112 PHE A CG  1 
ATOM   908  C CD1 . PHE A 1 112 ? 8.735   -0.871  -1.479  1.00 30.29 ? 112 PHE A CD1 1 
ATOM   909  C CD2 . PHE A 1 112 ? 9.714   -2.625  -2.784  1.00 31.62 ? 112 PHE A CD2 1 
ATOM   910  C CE1 . PHE A 1 112 ? 8.464   -1.776  -0.455  1.00 30.68 ? 112 PHE A CE1 1 
ATOM   911  C CE2 . PHE A 1 112 ? 9.447   -3.540  -1.764  1.00 31.24 ? 112 PHE A CE2 1 
ATOM   912  C CZ  . PHE A 1 112 ? 8.820   -3.112  -0.593  1.00 31.18 ? 112 PHE A CZ  1 
ATOM   913  N N   . ASP A 1 113 ? 12.312  2.132   -4.613  1.00 29.98 ? 113 ASP A N   1 
ATOM   914  C CA  . ASP A 1 113 ? 12.732  3.024   -5.686  1.00 29.74 ? 113 ASP A CA  1 
ATOM   915  C C   . ASP A 1 113 ? 13.234  2.201   -6.871  1.00 29.05 ? 113 ASP A C   1 
ATOM   916  O O   . ASP A 1 113 ? 14.334  1.659   -6.847  1.00 30.20 ? 113 ASP A O   1 
ATOM   917  C CB  . ASP A 1 113 ? 13.824  3.959   -5.163  1.00 30.40 ? 113 ASP A CB  1 
ATOM   918  C CG  . ASP A 1 113 ? 14.386  4.874   -6.239  1.00 31.62 ? 113 ASP A CG  1 
ATOM   919  O OD1 . ASP A 1 113 ? 13.672  5.188   -7.212  1.00 31.39 ? 113 ASP A OD1 1 
ATOM   920  O OD2 . ASP A 1 113 ? 15.545  5.300   -6.089  1.00 32.51 ? 113 ASP A OD2 1 
ATOM   921  N N   . VAL A 1 114 ? 12.400  2.108   -7.900  1.00 28.19 ? 114 VAL A N   1 
ATOM   922  C CA  . VAL A 1 114 ? 12.711  1.350   -9.100  1.00 27.75 ? 114 VAL A CA  1 
ATOM   923  C C   . VAL A 1 114 ? 12.722  2.276   -10.311 1.00 27.84 ? 114 VAL A C   1 
ATOM   924  O O   . VAL A 1 114 ? 11.836  3.111   -10.470 1.00 27.70 ? 114 VAL A O   1 
ATOM   925  C CB  . VAL A 1 114 ? 11.671  0.229   -9.317  1.00 27.07 ? 114 VAL A CB  1 
ATOM   926  C CG1 . VAL A 1 114 ? 11.923  -0.481  -10.649 1.00 25.63 ? 114 VAL A CG1 1 
ATOM   927  C CG2 . VAL A 1 114 ? 11.742  -0.769  -8.163  1.00 27.04 ? 114 VAL A CG2 1 
ATOM   928  N N   . PRO A 1 115 ? 13.736  2.143   -11.179 1.00 28.58 ? 115 PRO A N   1 
ATOM   929  C CA  . PRO A 1 115 ? 13.858  2.977   -12.383 1.00 29.04 ? 115 PRO A CA  1 
ATOM   930  C C   . PRO A 1 115 ? 12.638  2.883   -13.290 1.00 29.10 ? 115 PRO A C   1 
ATOM   931  O O   . PRO A 1 115 ? 12.059  1.808   -13.464 1.00 29.39 ? 115 PRO A O   1 
ATOM   932  C CB  . PRO A 1 115 ? 15.114  2.430   -13.060 1.00 29.19 ? 115 PRO A CB  1 
ATOM   933  C CG  . PRO A 1 115 ? 15.930  1.944   -11.913 1.00 29.35 ? 115 PRO A CG  1 
ATOM   934  C CD  . PRO A 1 115 ? 14.895  1.242   -11.053 1.00 29.01 ? 115 PRO A CD  1 
ATOM   935  N N   . TRP A 1 116 ? 12.266  4.018   -13.870 1.00 28.97 ? 116 TRP A N   1 
ATOM   936  C CA  . TRP A 1 116 ? 11.118  4.099   -14.762 1.00 29.54 ? 116 TRP A CA  1 
ATOM   937  C C   . TRP A 1 116 ? 11.108  3.014   -15.843 1.00 30.84 ? 116 TRP A C   1 
ATOM   938  O O   . TRP A 1 116 ? 10.105  2.310   -16.025 1.00 30.01 ? 116 TRP A O   1 
ATOM   939  C CB  . TRP A 1 116 ? 11.056  5.493   -15.407 1.00 29.73 ? 116 TRP A CB  1 
ATOM   940  C CG  . TRP A 1 116 ? 10.112  5.576   -16.562 1.00 29.53 ? 116 TRP A CG  1 
ATOM   941  C CD1 . TRP A 1 116 ? 10.447  5.664   -17.883 1.00 28.29 ? 116 TRP A CD1 1 
ATOM   942  C CD2 . TRP A 1 116 ? 8.681   5.479   -16.513 1.00 29.47 ? 116 TRP A CD2 1 
ATOM   943  N NE1 . TRP A 1 116 ? 9.315   5.618   -18.660 1.00 29.43 ? 116 TRP A NE1 1 
ATOM   944  C CE2 . TRP A 1 116 ? 8.218   5.506   -17.848 1.00 29.31 ? 116 TRP A CE2 1 
ATOM   945  C CE3 . TRP A 1 116 ? 7.750   5.363   -15.474 1.00 29.22 ? 116 TRP A CE3 1 
ATOM   946  C CZ2 . TRP A 1 116 ? 6.855   5.428   -18.172 1.00 29.67 ? 116 TRP A CZ2 1 
ATOM   947  C CZ3 . TRP A 1 116 ? 6.395   5.283   -15.794 1.00 29.24 ? 116 TRP A CZ3 1 
ATOM   948  C CH2 . TRP A 1 116 ? 5.961   5.314   -17.135 1.00 29.20 ? 116 TRP A CH2 1 
ATOM   949  N N   . THR A 1 117 ? 12.219  2.877   -16.561 1.00 31.87 ? 117 THR A N   1 
ATOM   950  C CA  . THR A 1 117 ? 12.312  1.877   -17.619 1.00 34.16 ? 117 THR A CA  1 
ATOM   951  C C   . THR A 1 117 ? 11.977  0.483   -17.095 1.00 33.93 ? 117 THR A C   1 
ATOM   952  O O   . THR A 1 117 ? 11.285  -0.290  -17.752 1.00 33.55 ? 117 THR A O   1 
ATOM   953  C CB  . THR A 1 117 ? 13.729  1.881   -18.246 1.00 35.33 ? 117 THR A CB  1 
ATOM   954  O OG1 . THR A 1 117 ? 14.704  1.633   -17.225 1.00 38.89 ? 117 THR A OG1 1 
ATOM   955  C CG2 . THR A 1 117 ? 14.018  3.223   -18.889 1.00 35.30 ? 117 THR A CG2 1 
ATOM   956  N N   . GLU A 1 118 ? 12.458  0.173   -15.899 1.00 35.06 ? 118 GLU A N   1 
ATOM   957  C CA  . GLU A 1 118 ? 12.193  -1.126  -15.294 1.00 36.22 ? 118 GLU A CA  1 
ATOM   958  C C   . GLU A 1 118 ? 10.710  -1.287  -14.929 1.00 36.07 ? 118 GLU A C   1 
ATOM   959  O O   . GLU A 1 118 ? 10.129  -2.356  -15.120 1.00 35.97 ? 118 GLU A O   1 
ATOM   960  C CB  . GLU A 1 118 ? 13.064  -1.307  -14.047 1.00 37.38 ? 118 GLU A CB  1 
ATOM   961  C CG  . GLU A 1 118 ? 12.947  -2.672  -13.402 1.00 41.35 ? 118 GLU A CG  1 
ATOM   962  C CD  . GLU A 1 118 ? 13.116  -3.798  -14.406 1.00 43.43 ? 118 GLU A CD  1 
ATOM   963  O OE1 . GLU A 1 118 ? 14.079  -3.741  -15.207 1.00 44.78 ? 118 GLU A OE1 1 
ATOM   964  O OE2 . GLU A 1 118 ? 12.294  -4.742  -14.389 1.00 43.85 ? 118 GLU A OE2 1 
ATOM   965  N N   . LEU A 1 119 ? 10.104  -0.225  -14.404 1.00 36.01 ? 119 LEU A N   1 
ATOM   966  C CA  . LEU A 1 119 ? 8.692   -0.256  -14.027 1.00 36.10 ? 119 LEU A CA  1 
ATOM   967  C C   . LEU A 1 119 ? 7.806   -0.533  -15.236 1.00 36.49 ? 119 LEU A C   1 
ATOM   968  O O   . LEU A 1 119 ? 6.808   -1.249  -15.137 1.00 36.18 ? 119 LEU A O   1 
ATOM   969  C CB  . LEU A 1 119 ? 8.279   1.074   -13.392 1.00 35.90 ? 119 LEU A CB  1 
ATOM   970  C CG  . LEU A 1 119 ? 8.820   1.371   -11.993 1.00 35.73 ? 119 LEU A CG  1 
ATOM   971  C CD1 . LEU A 1 119 ? 8.438   2.786   -11.587 1.00 35.51 ? 119 LEU A CD1 1 
ATOM   972  C CD2 . LEU A 1 119 ? 8.262   0.357   -11.003 1.00 34.39 ? 119 LEU A CD2 1 
ATOM   973  N N   . VAL A 1 120 ? 8.177   0.049   -16.374 1.00 36.77 ? 120 VAL A N   1 
ATOM   974  C CA  . VAL A 1 120 ? 7.432   -0.136  -17.614 1.00 37.82 ? 120 VAL A CA  1 
ATOM   975  C C   . VAL A 1 120 ? 7.522   -1.594  -18.059 1.00 38.89 ? 120 VAL A C   1 
ATOM   976  O O   . VAL A 1 120 ? 6.518   -2.203  -18.435 1.00 38.59 ? 120 VAL A O   1 
ATOM   977  C CB  . VAL A 1 120 ? 7.993   0.758   -18.746 1.00 37.27 ? 120 VAL A CB  1 
ATOM   978  C CG1 . VAL A 1 120 ? 7.229   0.508   -20.038 1.00 37.44 ? 120 VAL A CG1 1 
ATOM   979  C CG2 . VAL A 1 120 ? 7.899   2.214   -18.356 1.00 36.14 ? 120 VAL A CG2 1 
ATOM   980  N N   . LYS A 1 121 ? 8.730   -2.148  -18.012 1.00 39.52 ? 121 LYS A N   1 
ATOM   981  C CA  . LYS A 1 121 ? 8.943   -3.528  -18.417 1.00 41.15 ? 121 LYS A CA  1 
ATOM   982  C C   . LYS A 1 121 ? 8.099   -4.489  -17.588 1.00 41.17 ? 121 LYS A C   1 
ATOM   983  O O   . LYS A 1 121 ? 7.451   -5.383  -18.129 1.00 41.21 ? 121 LYS A O   1 
ATOM   984  C CB  . LYS A 1 121 ? 10.423  -3.898  -18.289 1.00 42.75 ? 121 LYS A CB  1 
ATOM   985  C CG  . LYS A 1 121 ? 10.747  -5.321  -18.722 1.00 44.73 ? 121 LYS A CG  1 
ATOM   986  C CD  . LYS A 1 121 ? 12.207  -5.648  -18.450 1.00 46.26 ? 121 LYS A CD  1 
ATOM   987  C CE  . LYS A 1 121 ? 12.505  -7.122  -18.680 1.00 46.87 ? 121 LYS A CE  1 
ATOM   988  N NZ  . LYS A 1 121 ? 13.865  -7.475  -18.208 1.00 46.91 ? 121 LYS A NZ  1 
ATOM   989  N N   . ARG A 1 122 ? 8.102   -4.299  -16.274 1.00 41.23 ? 122 ARG A N   1 
ATOM   990  C CA  . ARG A 1 122 ? 7.336   -5.160  -15.383 1.00 41.78 ? 122 ARG A CA  1 
ATOM   991  C C   . ARG A 1 122 ? 5.836   -4.966  -15.574 1.00 41.69 ? 122 ARG A C   1 
ATOM   992  O O   . ARG A 1 122 ? 5.068   -5.924  -15.558 1.00 41.53 ? 122 ARG A O   1 
ATOM   993  C CB  . ARG A 1 122 ? 7.714   -4.876  -13.932 1.00 42.15 ? 122 ARG A CB  1 
ATOM   994  C CG  . ARG A 1 122 ? 9.184   -5.098  -13.628 1.00 43.45 ? 122 ARG A CG  1 
ATOM   995  C CD  . ARG A 1 122 ? 9.485   -4.789  -12.175 1.00 44.15 ? 122 ARG A CD  1 
ATOM   996  N NE  . ARG A 1 122 ? 10.894  -4.978  -11.844 1.00 45.35 ? 122 ARG A NE  1 
ATOM   997  C CZ  . ARG A 1 122 ? 11.414  -4.719  -10.648 1.00 46.63 ? 122 ARG A CZ  1 
ATOM   998  N NH1 . ARG A 1 122 ? 10.634  -4.261  -9.678  1.00 46.42 ? 122 ARG A NH1 1 
ATOM   999  N NH2 . ARG A 1 122 ? 12.708  -4.917  -10.420 1.00 46.49 ? 122 ARG A NH2 1 
ATOM   1000 N N   . ASN A 1 123 ? 5.426   -3.720  -15.762 1.00 41.54 ? 123 ASN A N   1 
ATOM   1001 C CA  . ASN A 1 123 ? 4.021   -3.405  -15.947 1.00 42.70 ? 123 ASN A CA  1 
ATOM   1002 C C   . ASN A 1 123 ? 3.481   -3.965  -17.259 1.00 43.84 ? 123 ASN A C   1 
ATOM   1003 O O   . ASN A 1 123 ? 2.291   -4.262  -17.374 1.00 43.55 ? 123 ASN A O   1 
ATOM   1004 C CB  . ASN A 1 123 ? 3.822   -1.888  -15.904 1.00 41.83 ? 123 ASN A CB  1 
ATOM   1005 C CG  . ASN A 1 123 ? 2.380   -1.483  -16.114 1.00 41.55 ? 123 ASN A CG  1 
ATOM   1006 O OD1 . ASN A 1 123 ? 1.502   -1.839  -15.330 1.00 40.75 ? 123 ASN A OD1 1 
ATOM   1007 N ND2 . ASN A 1 123 ? 2.126   -0.731  -17.177 1.00 40.33 ? 123 ASN A ND2 1 
ATOM   1008 N N   . SER A 1 124 ? 4.357   -4.118  -18.248 1.00 45.43 ? 124 SER A N   1 
ATOM   1009 C CA  . SER A 1 124 ? 3.944   -4.632  -19.551 1.00 47.39 ? 124 SER A CA  1 
ATOM   1010 C C   . SER A 1 124 ? 3.708   -6.141  -19.529 1.00 48.38 ? 124 SER A C   1 
ATOM   1011 O O   . SER A 1 124 ? 3.216   -6.710  -20.501 1.00 48.81 ? 124 SER A O   1 
ATOM   1012 C CB  . SER A 1 124 ? 5.005   -4.306  -20.609 1.00 47.71 ? 124 SER A CB  1 
ATOM   1013 O OG  . SER A 1 124 ? 6.193   -5.058  -20.392 1.00 48.14 ? 124 SER A OG  1 
ATOM   1014 N N   . LYS A 1 125 ? 4.047   -6.784  -18.417 1.00 49.64 ? 125 LYS A N   1 
ATOM   1015 C CA  . LYS A 1 125 ? 3.882   -8.228  -18.308 1.00 50.73 ? 125 LYS A CA  1 
ATOM   1016 C C   . LYS A 1 125 ? 3.041   -8.649  -17.104 1.00 51.07 ? 125 LYS A C   1 
ATOM   1017 O O   . LYS A 1 125 ? 3.310   -9.673  -16.472 1.00 50.90 ? 125 LYS A O   1 
ATOM   1018 C CB  . LYS A 1 125 ? 5.260   -8.887  -18.240 1.00 51.05 ? 125 LYS A CB  1 
ATOM   1019 C CG  . LYS A 1 125 ? 6.234   -8.329  -19.267 1.00 51.89 ? 125 LYS A CG  1 
ATOM   1020 C CD  . LYS A 1 125 ? 7.557   -9.074  -19.283 1.00 52.65 ? 125 LYS A CD  1 
ATOM   1021 C CE  . LYS A 1 125 ? 8.499   -8.488  -20.335 1.00 53.49 ? 125 LYS A CE  1 
ATOM   1022 N NZ  . LYS A 1 125 ? 9.703   -9.346  -20.572 1.00 54.31 ? 125 LYS A NZ  1 
ATOM   1023 N N   . ARG A 1 126 ? 2.020   -7.859  -16.789 1.00 51.98 ? 126 ARG A N   1 
ATOM   1024 C CA  . ARG A 1 126 ? 1.147   -8.161  -15.662 1.00 52.48 ? 126 ARG A CA  1 
ATOM   1025 C C   . ARG A 1 126 ? -0.309  -8.331  -16.070 1.00 52.83 ? 126 ARG A C   1 
ATOM   1026 O O   . ARG A 1 126 ? -1.170  -8.583  -15.228 1.00 53.11 ? 126 ARG A O   1 
ATOM   1027 C CB  . ARG A 1 126 ? 1.261   -7.067  -14.603 1.00 52.87 ? 126 ARG A CB  1 
ATOM   1028 C CG  . ARG A 1 126 ? 2.566   -7.116  -13.843 1.00 53.32 ? 126 ARG A CG  1 
ATOM   1029 C CD  . ARG A 1 126 ? 2.486   -6.308  -12.572 1.00 52.90 ? 126 ARG A CD  1 
ATOM   1030 N NE  . ARG A 1 126 ? 3.418   -6.814  -11.572 1.00 53.15 ? 126 ARG A NE  1 
ATOM   1031 C CZ  . ARG A 1 126 ? 3.557   -6.302  -10.353 1.00 52.97 ? 126 ARG A CZ  1 
ATOM   1032 N NH1 . ARG A 1 126 ? 2.821   -5.263  -9.981  1.00 52.64 ? 126 ARG A NH1 1 
ATOM   1033 N NH2 . ARG A 1 126 ? 4.426   -6.832  -9.505  1.00 51.98 ? 126 ARG A NH2 1 
ATOM   1034 N N   . GLY A 1 127 ? -0.578  -8.183  -17.364 1.00 53.16 ? 127 GLY A N   1 
ATOM   1035 C CA  . GLY A 1 127 ? -1.931  -8.334  -17.872 1.00 53.05 ? 127 GLY A CA  1 
ATOM   1036 C C   . GLY A 1 127 ? -3.022  -7.617  -17.095 1.00 52.73 ? 127 GLY A C   1 
ATOM   1037 O O   . GLY A 1 127 ? -3.020  -6.393  -16.980 1.00 52.87 ? 127 GLY A O   1 
ATOM   1038 N N   . THR A 1 128 ? -3.959  -8.395  -16.564 1.00 52.30 ? 128 THR A N   1 
ATOM   1039 C CA  . THR A 1 128 ? -5.083  -7.864  -15.806 1.00 51.69 ? 128 THR A CA  1 
ATOM   1040 C C   . THR A 1 128 ? -4.640  -6.934  -14.684 1.00 50.89 ? 128 THR A C   1 
ATOM   1041 O O   . THR A 1 128 ? -5.316  -5.950  -14.380 1.00 50.40 ? 128 THR A O   1 
ATOM   1042 C CB  . THR A 1 128 ? -5.923  -9.009  -15.201 1.00 52.25 ? 128 THR A CB  1 
ATOM   1043 O OG1 . THR A 1 128 ? -6.224  -9.965  -16.223 1.00 53.09 ? 128 THR A OG1 1 
ATOM   1044 C CG2 . THR A 1 128 ? -7.226  -8.473  -14.622 1.00 52.71 ? 128 THR A CG2 1 
ATOM   1045 N N   . LYS A 1 129 ? -3.506  -7.245  -14.066 1.00 50.12 ? 129 LYS A N   1 
ATOM   1046 C CA  . LYS A 1 129 ? -3.000  -6.416  -12.981 1.00 49.68 ? 129 LYS A CA  1 
ATOM   1047 C C   . LYS A 1 129 ? -2.195  -5.224  -13.488 1.00 48.43 ? 129 LYS A C   1 
ATOM   1048 O O   . LYS A 1 129 ? -1.798  -4.360  -12.705 1.00 48.61 ? 129 LYS A O   1 
ATOM   1049 C CB  . LYS A 1 129 ? -2.146  -7.255  -12.026 1.00 50.51 ? 129 LYS A CB  1 
ATOM   1050 C CG  . LYS A 1 129 ? -2.932  -8.309  -11.257 1.00 51.58 ? 129 LYS A CG  1 
ATOM   1051 C CD  . LYS A 1 129 ? -2.071  -8.942  -10.175 1.00 52.17 ? 129 LYS A CD  1 
ATOM   1052 C CE  . LYS A 1 129 ? -2.881  -9.862  -9.278  1.00 52.59 ? 129 LYS A CE  1 
ATOM   1053 N NZ  . LYS A 1 129 ? -2.072  -10.298 -8.108  1.00 53.20 ? 129 LYS A NZ  1 
ATOM   1054 N N   . ALA A 1 130 ? -1.961  -5.176  -14.796 1.00 46.79 ? 130 ALA A N   1 
ATOM   1055 C CA  . ALA A 1 130 ? -1.209  -4.080  -15.398 1.00 45.51 ? 130 ALA A CA  1 
ATOM   1056 C C   . ALA A 1 130 ? -1.953  -2.760  -15.238 1.00 44.44 ? 130 ALA A C   1 
ATOM   1057 O O   . ALA A 1 130 ? -3.177  -2.729  -15.108 1.00 44.35 ? 130 ALA A O   1 
ATOM   1058 C CB  . ALA A 1 130 ? -0.958  -4.359  -16.881 1.00 45.43 ? 130 ALA A CB  1 
ATOM   1059 N N   . VAL A 1 131 ? -1.199  -1.669  -15.252 1.00 42.96 ? 131 VAL A N   1 
ATOM   1060 C CA  . VAL A 1 131 ? -1.757  -0.337  -15.104 1.00 42.01 ? 131 VAL A CA  1 
ATOM   1061 C C   . VAL A 1 131 ? -1.498  0.474   -16.367 1.00 41.05 ? 131 VAL A C   1 
ATOM   1062 O O   . VAL A 1 131 ? -0.441  0.358   -16.978 1.00 41.20 ? 131 VAL A O   1 
ATOM   1063 C CB  . VAL A 1 131 ? -1.125  0.375   -13.882 1.00 42.29 ? 131 VAL A CB  1 
ATOM   1064 C CG1 . VAL A 1 131 ? -1.426  1.863   -13.910 1.00 42.22 ? 131 VAL A CG1 1 
ATOM   1065 C CG2 . VAL A 1 131 ? -1.665  -0.244  -12.599 1.00 42.62 ? 131 VAL A CG2 1 
ATOM   1066 N N   . PRO A 1 132 ? -2.473  1.293   -16.786 1.00 40.36 ? 132 PRO A N   1 
ATOM   1067 C CA  . PRO A 1 132 ? -2.280  2.102   -17.994 1.00 39.83 ? 132 PRO A CA  1 
ATOM   1068 C C   . PRO A 1 132 ? -1.029  2.976   -17.891 1.00 38.85 ? 132 PRO A C   1 
ATOM   1069 O O   . PRO A 1 132 ? -0.780  3.611   -16.867 1.00 38.44 ? 132 PRO A O   1 
ATOM   1070 C CB  . PRO A 1 132 ? -3.572  2.916   -18.083 1.00 39.86 ? 132 PRO A CB  1 
ATOM   1071 C CG  . PRO A 1 132 ? -4.058  2.964   -16.666 1.00 40.82 ? 132 PRO A CG  1 
ATOM   1072 C CD  . PRO A 1 132 ? -3.781  1.574   -16.172 1.00 39.88 ? 132 PRO A CD  1 
ATOM   1073 N N   . ILE A 1 133 ? -0.249  2.995   -18.964 1.00 38.20 ? 133 ILE A N   1 
ATOM   1074 C CA  . ILE A 1 133 ? 0.993   3.758   -19.012 1.00 37.74 ? 133 ILE A CA  1 
ATOM   1075 C C   . ILE A 1 133 ? 0.911   5.171   -18.421 1.00 36.60 ? 133 ILE A C   1 
ATOM   1076 O O   . ILE A 1 133 ? 1.792   5.569   -17.665 1.00 36.31 ? 133 ILE A O   1 
ATOM   1077 C CB  . ILE A 1 133 ? 1.519   3.841   -20.459 1.00 38.09 ? 133 ILE A CB  1 
ATOM   1078 C CG1 . ILE A 1 133 ? 2.936   4.410   -20.466 1.00 38.74 ? 133 ILE A CG1 1 
ATOM   1079 C CG2 . ILE A 1 133 ? 0.585   4.693   -21.305 1.00 39.32 ? 133 ILE A CG2 1 
ATOM   1080 C CD1 . ILE A 1 133 ? 3.953   3.521   -19.777 1.00 38.44 ? 133 ILE A CD1 1 
ATOM   1081 N N   . ASP A 1 134 ? -0.137  5.920   -18.758 1.00 36.24 ? 134 ASP A N   1 
ATOM   1082 C CA  . ASP A 1 134 ? -0.298  7.282   -18.250 1.00 35.87 ? 134 ASP A CA  1 
ATOM   1083 C C   . ASP A 1 134 ? -0.427  7.333   -16.731 1.00 35.06 ? 134 ASP A C   1 
ATOM   1084 O O   . ASP A 1 134 ? 0.080   8.253   -16.087 1.00 34.79 ? 134 ASP A O   1 
ATOM   1085 C CB  . ASP A 1 134 ? -1.524  7.961   -18.880 1.00 38.02 ? 134 ASP A CB  1 
ATOM   1086 C CG  . ASP A 1 134 ? -1.320  8.318   -20.347 1.00 39.86 ? 134 ASP A CG  1 
ATOM   1087 O OD1 . ASP A 1 134 ? -2.222  8.969   -20.925 1.00 40.96 ? 134 ASP A OD1 1 
ATOM   1088 O OD2 . ASP A 1 134 ? -0.270  7.958   -20.923 1.00 41.06 ? 134 ASP A OD2 1 
ATOM   1089 N N   . VAL A 1 135 ? -1.115  6.350   -16.160 1.00 34.45 ? 135 VAL A N   1 
ATOM   1090 C CA  . VAL A 1 135 ? -1.302  6.294   -14.711 1.00 33.15 ? 135 VAL A CA  1 
ATOM   1091 C C   . VAL A 1 135 ? 0.020   5.939   -14.031 1.00 31.56 ? 135 VAL A C   1 
ATOM   1092 O O   . VAL A 1 135 ? 0.371   6.503   -12.995 1.00 31.22 ? 135 VAL A O   1 
ATOM   1093 C CB  . VAL A 1 135 ? -2.368  5.243   -14.332 1.00 34.30 ? 135 VAL A CB  1 
ATOM   1094 C CG1 . VAL A 1 135 ? -2.434  5.081   -12.828 1.00 34.64 ? 135 VAL A CG1 1 
ATOM   1095 C CG2 . VAL A 1 135 ? -3.723  5.678   -14.868 1.00 34.55 ? 135 VAL A CG2 1 
ATOM   1096 N N   . LEU A 1 136 ? 0.747   5.005   -14.629 1.00 29.88 ? 136 LEU A N   1 
ATOM   1097 C CA  . LEU A 1 136 ? 2.029   4.580   -14.097 1.00 29.65 ? 136 LEU A CA  1 
ATOM   1098 C C   . LEU A 1 136 ? 2.992   5.764   -14.108 1.00 28.67 ? 136 LEU A C   1 
ATOM   1099 O O   . LEU A 1 136 ? 3.700   6.016   -13.127 1.00 28.27 ? 136 LEU A O   1 
ATOM   1100 C CB  . LEU A 1 136 ? 2.599   3.445   -14.943 1.00 28.75 ? 136 LEU A CB  1 
ATOM   1101 C CG  . LEU A 1 136 ? 3.885   2.818   -14.407 1.00 29.75 ? 136 LEU A CG  1 
ATOM   1102 C CD1 . LEU A 1 136 ? 3.621   2.203   -13.038 1.00 30.43 ? 136 LEU A CD1 1 
ATOM   1103 C CD2 . LEU A 1 136 ? 4.384   1.769   -15.381 1.00 30.72 ? 136 LEU A CD2 1 
ATOM   1104 N N   . ARG A 1 137 ? 3.000   6.489   -15.223 1.00 27.62 ? 137 ARG A N   1 
ATOM   1105 C CA  . ARG A 1 137 ? 3.859   7.655   -15.396 1.00 26.82 ? 137 ARG A CA  1 
ATOM   1106 C C   . ARG A 1 137 ? 3.613   8.641   -14.265 1.00 27.32 ? 137 ARG A C   1 
ATOM   1107 O O   . ARG A 1 137 ? 4.547   9.133   -13.630 1.00 26.70 ? 137 ARG A O   1 
ATOM   1108 C CB  . ARG A 1 137 ? 3.552   8.319   -16.746 1.00 27.09 ? 137 ARG A CB  1 
ATOM   1109 C CG  . ARG A 1 137 ? 4.490   9.456   -17.129 1.00 26.80 ? 137 ARG A CG  1 
ATOM   1110 C CD  . ARG A 1 137 ? 5.942   8.989   -17.166 1.00 25.98 ? 137 ARG A CD  1 
ATOM   1111 N NE  . ARG A 1 137 ? 6.837   10.071  -17.572 1.00 27.10 ? 137 ARG A NE  1 
ATOM   1112 C CZ  . ARG A 1 137 ? 8.164   10.013  -17.519 1.00 26.51 ? 137 ARG A CZ  1 
ATOM   1113 N NH1 . ARG A 1 137 ? 8.775   8.918   -17.073 1.00 26.15 ? 137 ARG A NH1 1 
ATOM   1114 N NH2 . ARG A 1 137 ? 8.881   11.055  -17.917 1.00 27.92 ? 137 ARG A NH2 1 
ATOM   1115 N N   . SER A 1 138 ? 2.338   8.916   -14.017 1.00 27.23 ? 138 SER A N   1 
ATOM   1116 C CA  . SER A 1 138 ? 1.950   9.845   -12.975 1.00 27.75 ? 138 SER A CA  1 
ATOM   1117 C C   . SER A 1 138 ? 2.350   9.351   -11.578 1.00 27.54 ? 138 SER A C   1 
ATOM   1118 O O   . SER A 1 138 ? 2.774   10.141  -10.733 1.00 27.58 ? 138 SER A O   1 
ATOM   1119 C CB  . SER A 1 138 ? 0.440   10.098  -13.051 1.00 29.24 ? 138 SER A CB  1 
ATOM   1120 O OG  . SER A 1 138 ? 0.028   10.997  -12.044 1.00 33.53 ? 138 SER A OG  1 
ATOM   1121 N N   . MET A 1 139 ? 2.231   8.053   -11.321 1.00 26.82 ? 139 MET A N   1 
ATOM   1122 C CA  . MET A 1 139 ? 2.610   7.550   -10.005 1.00 26.76 ? 139 MET A CA  1 
ATOM   1123 C C   . MET A 1 139 ? 4.131   7.626   -9.839  1.00 25.85 ? 139 MET A C   1 
ATOM   1124 O O   . MET A 1 139 ? 4.634   7.847   -8.735  1.00 25.19 ? 139 MET A O   1 
ATOM   1125 C CB  . MET A 1 139 ? 2.135   6.111   -9.829  1.00 29.11 ? 139 MET A CB  1 
ATOM   1126 C CG  . MET A 1 139 ? 0.635   5.970   -9.976  1.00 31.94 ? 139 MET A CG  1 
ATOM   1127 S SD  . MET A 1 139 ? 0.098   4.276   -9.907  1.00 35.54 ? 139 MET A SD  1 
ATOM   1128 C CE  . MET A 1 139 ? -0.162  4.124   -8.168  1.00 35.21 ? 139 MET A CE  1 
ATOM   1129 N N   . TYR A 1 140 ? 4.857   7.446   -10.940 1.00 23.69 ? 140 TYR A N   1 
ATOM   1130 C CA  . TYR A 1 140 ? 6.315   7.505   -10.900 1.00 24.23 ? 140 TYR A CA  1 
ATOM   1131 C C   . TYR A 1 140 ? 6.765   8.918   -10.517 1.00 24.13 ? 140 TYR A C   1 
ATOM   1132 O O   . TYR A 1 140 ? 7.730   9.098   -9.771  1.00 23.60 ? 140 TYR A O   1 
ATOM   1133 C CB  . TYR A 1 140 ? 6.902   7.102   -12.260 1.00 25.19 ? 140 TYR A CB  1 
ATOM   1134 C CG  . TYR A 1 140 ? 8.395   7.333   -12.389 1.00 27.47 ? 140 TYR A CG  1 
ATOM   1135 C CD1 . TYR A 1 140 ? 9.319   6.577   -11.657 1.00 28.63 ? 140 TYR A CD1 1 
ATOM   1136 C CD2 . TYR A 1 140 ? 8.884   8.315   -13.247 1.00 28.15 ? 140 TYR A CD2 1 
ATOM   1137 C CE1 . TYR A 1 140 ? 10.693  6.804   -11.784 1.00 29.50 ? 140 TYR A CE1 1 
ATOM   1138 C CE2 . TYR A 1 140 ? 10.243  8.543   -13.380 1.00 29.28 ? 140 TYR A CE2 1 
ATOM   1139 C CZ  . TYR A 1 140 ? 11.143  7.788   -12.647 1.00 30.55 ? 140 TYR A CZ  1 
ATOM   1140 O OH  . TYR A 1 140 ? 12.490  8.045   -12.787 1.00 33.42 ? 140 TYR A OH  1 
ATOM   1141 N N   . LYS A 1 141 ? 6.059   9.920   -11.031 1.00 23.25 ? 141 LYS A N   1 
ATOM   1142 C CA  . LYS A 1 141 ? 6.375   11.308  -10.721 1.00 24.87 ? 141 LYS A CA  1 
ATOM   1143 C C   . LYS A 1 141 ? 6.137   11.551  -9.228  1.00 24.39 ? 141 LYS A C   1 
ATOM   1144 O O   . LYS A 1 141 ? 6.953   12.184  -8.552  1.00 23.80 ? 141 LYS A O   1 
ATOM   1145 C CB  . LYS A 1 141 ? 5.505   12.246  -11.560 1.00 27.28 ? 141 LYS A CB  1 
ATOM   1146 C CG  . LYS A 1 141 ? 5.702   13.725  -11.275 1.00 30.49 ? 141 LYS A CG  1 
ATOM   1147 C CD  . LYS A 1 141 ? 4.857   14.579  -12.211 1.00 33.24 ? 141 LYS A CD  1 
ATOM   1148 C CE  . LYS A 1 141 ? 5.038   16.057  -11.908 1.00 36.07 ? 141 LYS A CE  1 
ATOM   1149 N NZ  . LYS A 1 141 ? 4.285   16.930  -12.858 1.00 37.45 ? 141 LYS A NZ  1 
ATOM   1150 N N   . SER A 1 142 ? 5.025   11.038  -8.706  1.00 23.31 ? 142 SER A N   1 
ATOM   1151 C CA  . SER A 1 142 ? 4.731   11.209  -7.282  1.00 24.79 ? 142 SER A CA  1 
ATOM   1152 C C   . SER A 1 142 ? 5.810   10.550  -6.426  1.00 23.65 ? 142 SER A C   1 
ATOM   1153 O O   . SER A 1 142 ? 6.157   11.043  -5.355  1.00 25.01 ? 142 SER A O   1 
ATOM   1154 C CB  . SER A 1 142 ? 3.363   10.612  -6.939  1.00 25.63 ? 142 SER A CB  1 
ATOM   1155 O OG  . SER A 1 142 ? 2.338   11.303  -7.624  1.00 30.39 ? 142 SER A OG  1 
ATOM   1156 N N   . MET A 1 143 ? 6.340   9.435   -6.910  1.00 24.00 ? 143 MET A N   1 
ATOM   1157 C CA  . MET A 1 143 ? 7.384   8.712   -6.201  1.00 24.49 ? 143 MET A CA  1 
ATOM   1158 C C   . MET A 1 143 ? 8.648   9.560   -6.153  1.00 24.80 ? 143 MET A C   1 
ATOM   1159 O O   . MET A 1 143 ? 9.323   9.631   -5.126  1.00 24.63 ? 143 MET A O   1 
ATOM   1160 C CB  . MET A 1 143 ? 7.667   7.387   -6.903  1.00 25.31 ? 143 MET A CB  1 
ATOM   1161 C CG  . MET A 1 143 ? 8.678   6.517   -6.194  1.00 25.84 ? 143 MET A CG  1 
ATOM   1162 S SD  . MET A 1 143 ? 8.165   6.026   -4.536  1.00 26.82 ? 143 MET A SD  1 
ATOM   1163 C CE  . MET A 1 143 ? 9.691   5.362   -3.903  1.00 25.17 ? 143 MET A CE  1 
ATOM   1164 N N   . ARG A 1 144 ? 8.976   10.197  -7.272  1.00 26.12 ? 144 ARG A N   1 
ATOM   1165 C CA  . ARG A 1 144 ? 10.158  11.048  -7.312  1.00 27.29 ? 144 ARG A CA  1 
ATOM   1166 C C   . ARG A 1 144 ? 9.996   12.198  -6.328  1.00 28.28 ? 144 ARG A C   1 
ATOM   1167 O O   . ARG A 1 144 ? 10.948  12.588  -5.649  1.00 28.39 ? 144 ARG A O   1 
ATOM   1168 C CB  . ARG A 1 144 ? 10.385  11.601  -8.718  1.00 27.99 ? 144 ARG A CB  1 
ATOM   1169 C CG  . ARG A 1 144 ? 10.957  10.580  -9.690  1.00 28.46 ? 144 ARG A CG  1 
ATOM   1170 C CD  . ARG A 1 144 ? 11.143  11.193  -11.070 1.00 29.33 ? 144 ARG A CD  1 
ATOM   1171 N NE  . ARG A 1 144 ? 12.139  12.263  -11.083 1.00 27.64 ? 144 ARG A NE  1 
ATOM   1172 C CZ  . ARG A 1 144 ? 13.446  12.075  -10.955 1.00 28.09 ? 144 ARG A CZ  1 
ATOM   1173 N NH1 . ARG A 1 144 ? 13.938  10.849  -10.801 1.00 27.53 ? 144 ARG A NH1 1 
ATOM   1174 N NH2 . ARG A 1 144 ? 14.262  13.116  -10.997 1.00 27.77 ? 144 ARG A NH2 1 
ATOM   1175 N N   . GLU A 1 145 ? 8.787   12.739  -6.244  1.00 28.48 ? 145 GLU A N   1 
ATOM   1176 C CA  . GLU A 1 145 ? 8.541   13.840  -5.321  1.00 30.23 ? 145 GLU A CA  1 
ATOM   1177 C C   . GLU A 1 145 ? 8.751   13.366  -3.889  1.00 29.88 ? 145 GLU A C   1 
ATOM   1178 O O   . GLU A 1 145 ? 9.290   14.094  -3.059  1.00 29.90 ? 145 GLU A O   1 
ATOM   1179 C CB  . GLU A 1 145 ? 7.125   14.386  -5.503  1.00 30.86 ? 145 GLU A CB  1 
ATOM   1180 C CG  . GLU A 1 145 ? 6.883   14.944  -6.892  1.00 33.72 ? 145 GLU A CG  1 
ATOM   1181 C CD  . GLU A 1 145 ? 5.504   15.525  -7.054  1.00 36.14 ? 145 GLU A CD  1 
ATOM   1182 O OE1 . GLU A 1 145 ? 4.520   14.856  -6.665  1.00 38.05 ? 145 GLU A OE1 1 
ATOM   1183 O OE2 . GLU A 1 145 ? 5.392   16.646  -7.598  1.00 37.71 ? 145 GLU A OE2 1 
ATOM   1184 N N   . TYR A 1 146 ? 8.335   12.136  -3.607  1.00 29.75 ? 146 TYR A N   1 
ATOM   1185 C CA  . TYR A 1 146 ? 8.496   11.584  -2.275  1.00 30.37 ? 146 TYR A CA  1 
ATOM   1186 C C   . TYR A 1 146 ? 9.974   11.446  -1.949  1.00 30.74 ? 146 TYR A C   1 
ATOM   1187 O O   . TYR A 1 146 ? 10.389  11.683  -0.819  1.00 31.03 ? 146 TYR A O   1 
ATOM   1188 C CB  . TYR A 1 146 ? 7.846   10.207  -2.175  1.00 30.49 ? 146 TYR A CB  1 
ATOM   1189 C CG  . TYR A 1 146 ? 8.224   9.486   -0.907  1.00 30.93 ? 146 TYR A CG  1 
ATOM   1190 C CD1 . TYR A 1 146 ? 7.626   9.816   0.311   1.00 31.70 ? 146 TYR A CD1 1 
ATOM   1191 C CD2 . TYR A 1 146 ? 9.232   8.516   -0.909  1.00 31.51 ? 146 TYR A CD2 1 
ATOM   1192 C CE1 . TYR A 1 146 ? 8.023   9.199   1.496   1.00 31.99 ? 146 TYR A CE1 1 
ATOM   1193 C CE2 . TYR A 1 146 ? 9.637   7.903   0.271   1.00 32.05 ? 146 TYR A CE2 1 
ATOM   1194 C CZ  . TYR A 1 146 ? 9.026   8.249   1.469   1.00 32.59 ? 146 TYR A CZ  1 
ATOM   1195 O OH  . TYR A 1 146 ? 9.422   7.642   2.640   1.00 33.50 ? 146 TYR A OH  1 
ATOM   1196 N N   . LEU A 1 147 ? 10.761  11.049  -2.944  1.00 30.88 ? 147 LEU A N   1 
ATOM   1197 C CA  . LEU A 1 147 ? 12.192  10.855  -2.761  1.00 32.00 ? 147 LEU A CA  1 
ATOM   1198 C C   . LEU A 1 147 ? 12.950  12.173  -2.740  1.00 33.16 ? 147 LEU A C   1 
ATOM   1199 O O   . LEU A 1 147 ? 14.138  12.217  -2.408  1.00 33.58 ? 147 LEU A O   1 
ATOM   1200 C CB  . LEU A 1 147 ? 12.737  9.960   -3.872  1.00 30.65 ? 147 LEU A CB  1 
ATOM   1201 C CG  . LEU A 1 147 ? 12.132  8.554   -3.893  1.00 30.72 ? 147 LEU A CG  1 
ATOM   1202 C CD1 . LEU A 1 147 ? 12.572  7.812   -5.143  1.00 29.43 ? 147 LEU A CD1 1 
ATOM   1203 C CD2 . LEU A 1 147 ? 12.556  7.801   -2.644  1.00 30.96 ? 147 LEU A CD2 1 
ATOM   1204 N N   . GLY A 1 148 ? 12.256  13.248  -3.090  1.00 33.84 ? 148 GLY A N   1 
ATOM   1205 C CA  . GLY A 1 148 ? 12.888  14.550  -3.108  1.00 35.93 ? 148 GLY A CA  1 
ATOM   1206 C C   . GLY A 1 148 ? 13.671  14.776  -4.391  1.00 36.84 ? 148 GLY A C   1 
ATOM   1207 O O   . GLY A 1 148 ? 14.596  15.586  -4.418  1.00 37.72 ? 148 GLY A O   1 
ATOM   1208 N N   . LEU A 1 149 ? 13.305  14.057  -5.449  1.00 36.56 ? 149 LEU A N   1 
ATOM   1209 C CA  . LEU A 1 149 ? 13.968  14.199  -6.738  1.00 36.51 ? 149 LEU A CA  1 
ATOM   1210 C C   . LEU A 1 149 ? 13.240  15.224  -7.605  1.00 36.80 ? 149 LEU A C   1 
ATOM   1211 O O   . LEU A 1 149 ? 12.027  15.383  -7.506  1.00 36.98 ? 149 LEU A O   1 
ATOM   1212 C CB  . LEU A 1 149 ? 14.008  12.849  -7.462  1.00 36.02 ? 149 LEU A CB  1 
ATOM   1213 C CG  . LEU A 1 149 ? 14.827  11.764  -6.768  1.00 35.19 ? 149 LEU A CG  1 
ATOM   1214 C CD1 . LEU A 1 149 ? 14.653  10.444  -7.492  1.00 34.90 ? 149 LEU A CD1 1 
ATOM   1215 C CD2 . LEU A 1 149 ? 16.289  12.176  -6.744  1.00 35.76 ? 149 LEU A CD2 1 
ATOM   1216 N N   . PRO A 1 150 ? 13.976  15.931  -8.474  1.00 37.23 ? 150 PRO A N   1 
ATOM   1217 C CA  . PRO A 1 150 ? 13.368  16.938  -9.349  1.00 37.50 ? 150 PRO A CA  1 
ATOM   1218 C C   . PRO A 1 150 ? 12.364  16.362  -10.347 1.00 37.67 ? 150 PRO A C   1 
ATOM   1219 O O   . PRO A 1 150 ? 12.558  15.274  -10.871 1.00 37.69 ? 150 PRO A O   1 
ATOM   1220 C CB  . PRO A 1 150 ? 14.579  17.569  -10.034 1.00 37.13 ? 150 PRO A CB  1 
ATOM   1221 C CG  . PRO A 1 150 ? 15.536  16.424  -10.134 1.00 37.07 ? 150 PRO A CG  1 
ATOM   1222 C CD  . PRO A 1 150 ? 15.415  15.788  -8.758  1.00 37.35 ? 150 PRO A CD  1 
ATOM   1223 N N   . VAL A 1 151 ? 11.287  17.098  -10.592 1.00 38.94 ? 151 VAL A N   1 
ATOM   1224 C CA  . VAL A 1 151 ? 10.264  16.671  -11.541 1.00 41.26 ? 151 VAL A CA  1 
ATOM   1225 C C   . VAL A 1 151 ? 9.794   17.873  -12.354 1.00 42.88 ? 151 VAL A C   1 
ATOM   1226 O O   . VAL A 1 151 ? 9.892   19.011  -11.903 1.00 43.56 ? 151 VAL A O   1 
ATOM   1227 C CB  . VAL A 1 151 ? 9.038   16.051  -10.825 1.00 40.78 ? 151 VAL A CB  1 
ATOM   1228 C CG1 . VAL A 1 151 ? 9.440   14.773  -10.117 1.00 40.86 ? 151 VAL A CG1 1 
ATOM   1229 C CG2 . VAL A 1 151 ? 8.450   17.049  -9.832  1.00 41.36 ? 151 VAL A CG2 1 
ATOM   1230 N N   . TYR A 1 152 ? 9.289   17.619  -13.554 1.00 45.01 ? 152 TYR A N   1 
ATOM   1231 C CA  . TYR A 1 152 ? 8.798   18.692  -14.405 1.00 47.30 ? 152 TYR A CA  1 
ATOM   1232 C C   . TYR A 1 152 ? 7.313   18.922  -14.184 1.00 48.26 ? 152 TYR A C   1 
ATOM   1233 O O   . TYR A 1 152 ? 6.934   20.082  -13.897 1.00 49.19 ? 152 TYR A O   1 
ATOM   1234 C CB  . TYR A 1 152 ? 9.049   18.374  -15.876 1.00 48.31 ? 152 TYR A CB  1 
ATOM   1235 C CG  . TYR A 1 152 ? 10.506  18.377  -16.253 1.00 49.70 ? 152 TYR A CG  1 
ATOM   1236 C CD1 . TYR A 1 152 ? 11.218  17.188  -16.372 1.00 50.20 ? 152 TYR A CD1 1 
ATOM   1237 C CD2 . TYR A 1 152 ? 11.180  19.575  -16.474 1.00 50.83 ? 152 TYR A CD2 1 
ATOM   1238 C CE1 . TYR A 1 152 ? 12.567  17.188  -16.706 1.00 51.07 ? 152 TYR A CE1 1 
ATOM   1239 C CE2 . TYR A 1 152 ? 12.531  19.593  -16.807 1.00 51.52 ? 152 TYR A CE2 1 
ATOM   1240 C CZ  . TYR A 1 152 ? 13.217  18.394  -16.921 1.00 51.62 ? 152 TYR A CZ  1 
ATOM   1241 O OH  . TYR A 1 152 ? 14.550  18.406  -17.261 1.00 52.64 ? 152 TYR A OH  1 
HETATM 1242 S S   . SO4 B 2 .   ? 3.981   -4.363  -6.618  1.00 29.07 ? 601 SO4 A S   1 
HETATM 1243 O O1  . SO4 B 2 .   ? 5.031   -5.083  -7.373  1.00 29.80 ? 601 SO4 A O1  1 
HETATM 1244 O O2  . SO4 B 2 .   ? 4.595   -3.187  -5.968  1.00 29.04 ? 601 SO4 A O2  1 
HETATM 1245 O O3  . SO4 B 2 .   ? 3.410   -5.251  -5.603  1.00 28.98 ? 601 SO4 A O3  1 
HETATM 1246 O O4  . SO4 B 2 .   ? 2.920   -3.922  -7.536  1.00 29.14 ? 601 SO4 A O4  1 
HETATM 1247 S S   . SO4 C 2 .   ? -3.331  2.353   -3.985  1.00 60.12 ? 602 SO4 A S   1 
HETATM 1248 O O1  . SO4 C 2 .   ? -3.364  0.987   -4.540  1.00 60.67 ? 602 SO4 A O1  1 
HETATM 1249 O O2  . SO4 C 2 .   ? -3.007  3.309   -5.060  1.00 61.06 ? 602 SO4 A O2  1 
HETATM 1250 O O3  . SO4 C 2 .   ? -2.300  2.427   -2.939  1.00 61.12 ? 602 SO4 A O3  1 
HETATM 1251 O O4  . SO4 C 2 .   ? -4.638  2.691   -3.407  1.00 60.92 ? 602 SO4 A O4  1 
HETATM 1252 S S   . SO4 D 2 .   ? 11.545  4.608   8.907   1.00 89.77 ? 603 SO4 A S   1 
HETATM 1253 O O1  . SO4 D 2 .   ? 12.612  5.328   8.184   1.00 89.74 ? 603 SO4 A O1  1 
HETATM 1254 O O2  . SO4 D 2 .   ? 11.832  4.632   10.356  1.00 89.78 ? 603 SO4 A O2  1 
HETATM 1255 O O3  . SO4 D 2 .   ? 11.490  3.209   8.441   1.00 89.54 ? 603 SO4 A O3  1 
HETATM 1256 O O4  . SO4 D 2 .   ? 10.250  5.267   8.651   1.00 89.69 ? 603 SO4 A O4  1 
HETATM 1257 S S   . SO4 E 2 .   ? 5.853   11.461  4.887   1.00 85.05 ? 604 SO4 A S   1 
HETATM 1258 O O1  . SO4 E 2 .   ? 4.589   12.025  4.374   1.00 85.09 ? 604 SO4 A O1  1 
HETATM 1259 O O2  . SO4 E 2 .   ? 6.977   11.947  4.063   1.00 85.03 ? 604 SO4 A O2  1 
HETATM 1260 O O3  . SO4 E 2 .   ? 5.794   9.989   4.829   1.00 84.98 ? 604 SO4 A O3  1 
HETATM 1261 O O4  . SO4 E 2 .   ? 6.048   11.887  6.287   1.00 85.17 ? 604 SO4 A O4  1 
HETATM 1262 O O   . HOH F 3 .   ? -5.691  -7.641  4.899   1.00 18.22 ? 605 HOH A O   1 
HETATM 1263 O O   . HOH F 3 .   ? 8.536   2.856   -7.294  1.00 20.49 ? 606 HOH A O   1 
HETATM 1264 O O   . HOH F 3 .   ? -1.604  6.677   -2.047  1.00 23.74 ? 607 HOH A O   1 
HETATM 1265 O O   . HOH F 3 .   ? -1.788  4.354   -1.063  1.00 21.60 ? 608 HOH A O   1 
HETATM 1266 O O   . HOH F 3 .   ? -3.242  -1.329  -2.640  1.00 22.98 ? 609 HOH A O   1 
HETATM 1267 O O   . HOH F 3 .   ? 13.724  -6.068  4.715   1.00 31.19 ? 610 HOH A O   1 
HETATM 1268 O O   . HOH F 3 .   ? -11.975 -4.684  10.187  1.00 27.91 ? 611 HOH A O   1 
HETATM 1269 O O   . HOH F 3 .   ? 0.451   -1.295  -6.351  1.00 30.70 ? 612 HOH A O   1 
HETATM 1270 O O   . HOH F 3 .   ? 10.314  4.135   -8.730  1.00 24.50 ? 613 HOH A O   1 
HETATM 1271 O O   . HOH F 3 .   ? -9.274  -10.270 -7.979  1.00 40.31 ? 614 HOH A O   1 
HETATM 1272 O O   . HOH F 3 .   ? -9.624  -9.704  -2.548  1.00 24.60 ? 615 HOH A O   1 
HETATM 1273 O O   . HOH F 3 .   ? -10.616 7.334   0.804   1.00 34.14 ? 616 HOH A O   1 
HETATM 1274 O O   . HOH F 3 .   ? 2.570   -2.685  -13.176 1.00 33.85 ? 617 HOH A O   1 
HETATM 1275 O O   . HOH F 3 .   ? -4.615  4.068   3.418   1.00 25.57 ? 618 HOH A O   1 
HETATM 1276 O O   . HOH F 3 .   ? 13.428  1.436   2.766   1.00 30.12 ? 619 HOH A O   1 
HETATM 1277 O O   . HOH F 3 .   ? 14.592  6.341   -13.436 1.00 37.85 ? 620 HOH A O   1 
HETATM 1278 O O   . HOH F 3 .   ? 4.018   -0.825  -19.135 1.00 35.82 ? 621 HOH A O   1 
HETATM 1279 O O   . HOH F 3 .   ? 4.286   11.622  -3.447  1.00 34.93 ? 622 HOH A O   1 
HETATM 1280 O O   . HOH F 3 .   ? 5.548   -7.546  -5.832  1.00 34.21 ? 623 HOH A O   1 
HETATM 1281 O O   . HOH F 3 .   ? -15.507 0.364   6.027   1.00 36.20 ? 624 HOH A O   1 
HETATM 1282 O O   . HOH F 3 .   ? -11.442 -5.975  12.719  1.00 28.44 ? 625 HOH A O   1 
HETATM 1283 O O   . HOH F 3 .   ? 10.026  -7.254  -3.695  1.00 35.56 ? 626 HOH A O   1 
HETATM 1284 O O   . HOH F 3 .   ? 3.370   -14.623 3.638   1.00 30.12 ? 627 HOH A O   1 
HETATM 1285 O O   . HOH F 3 .   ? -2.648  3.393   1.724   1.00 28.00 ? 628 HOH A O   1 
HETATM 1286 O O   . HOH F 3 .   ? 10.081  -17.731 -1.563  1.00 42.02 ? 629 HOH A O   1 
HETATM 1287 O O   . HOH F 3 .   ? -1.343  -3.058  -3.883  1.00 36.46 ? 630 HOH A O   1 
HETATM 1288 O O   . HOH F 3 .   ? -1.824  -8.069  -0.735  1.00 34.69 ? 631 HOH A O   1 
HETATM 1289 O O   . HOH F 3 .   ? -19.614 7.817   -4.268  1.00 38.52 ? 632 HOH A O   1 
HETATM 1290 O O   . HOH F 3 .   ? 0.910   -3.798  -11.470 1.00 40.09 ? 633 HOH A O   1 
HETATM 1291 O O   . HOH F 3 .   ? -17.265 -8.495  -13.537 1.00 39.19 ? 634 HOH A O   1 
HETATM 1292 O O   . HOH F 3 .   ? 2.259   -13.784 10.643  1.00 30.59 ? 635 HOH A O   1 
HETATM 1293 O O   . HOH F 3 .   ? -1.952  2.261   -21.760 1.00 41.76 ? 636 HOH A O   1 
HETATM 1294 O O   . HOH F 3 .   ? -2.521  5.312   -20.182 1.00 40.74 ? 637 HOH A O   1 
HETATM 1295 O O   . HOH F 3 .   ? -11.138 -13.239 -15.989 1.00 35.75 ? 638 HOH A O   1 
HETATM 1296 O O   . HOH F 3 .   ? 14.449  1.110   -2.756  1.00 41.71 ? 639 HOH A O   1 
HETATM 1297 O O   . HOH F 3 .   ? 5.009   12.696  -1.395  1.00 34.69 ? 640 HOH A O   1 
HETATM 1298 O O   . HOH F 3 .   ? 5.238   -1.814  -13.162 1.00 34.55 ? 641 HOH A O   1 
HETATM 1299 O O   . HOH F 3 .   ? -13.323 1.717   17.181  1.00 41.83 ? 642 HOH A O   1 
HETATM 1300 O O   . HOH F 3 .   ? 5.632   -13.106 17.087  1.00 37.70 ? 643 HOH A O   1 
HETATM 1301 O O   . HOH F 3 .   ? -6.029  -8.330  -4.599  1.00 38.34 ? 644 HOH A O   1 
HETATM 1302 O O   . HOH F 3 .   ? 0.847   -5.291  -2.066  1.00 41.11 ? 645 HOH A O   1 
HETATM 1303 O O   . HOH F 3 .   ? -18.052 5.122   2.327   1.00 39.96 ? 646 HOH A O   1 
HETATM 1304 O O   . HOH F 3 .   ? 0.760   -13.287 15.631  1.00 37.53 ? 647 HOH A O   1 
HETATM 1305 O O   . HOH F 3 .   ? 8.421   -8.601  -7.807  1.00 44.43 ? 648 HOH A O   1 
HETATM 1306 O O   . HOH F 3 .   ? 0.868   10.764  -17.200 1.00 36.39 ? 649 HOH A O   1 
HETATM 1307 O O   . HOH F 3 .   ? 4.127   20.482  -15.400 1.00 45.87 ? 650 HOH A O   1 
HETATM 1308 O O   . HOH F 3 .   ? -8.209  -9.975  -4.796  1.00 35.74 ? 651 HOH A O   1 
HETATM 1309 O O   . HOH F 3 .   ? 2.976   13.291  12.058  1.00 43.54 ? 652 HOH A O   1 
HETATM 1310 O O   . HOH F 3 .   ? -15.389 2.598   10.363  1.00 39.32 ? 653 HOH A O   1 
HETATM 1311 O O   . HOH F 3 .   ? -14.514 5.517   6.614   1.00 44.82 ? 654 HOH A O   1 
HETATM 1312 O O   . HOH F 3 .   ? -19.300 -5.612  -13.799 1.00 35.60 ? 655 HOH A O   1 
HETATM 1313 O O   . HOH F 3 .   ? 7.317   -18.219 10.158  1.00 38.37 ? 656 HOH A O   1 
HETATM 1314 O O   . HOH F 3 .   ? 3.664   7.171   18.062  1.00 34.03 ? 657 HOH A O   1 
HETATM 1315 O O   . HOH F 3 .   ? 0.238   -3.543  -8.456  1.00 34.43 ? 658 HOH A O   1 
HETATM 1316 O O   . HOH F 3 .   ? -6.644  9.270   11.028  1.00 43.54 ? 659 HOH A O   1 
HETATM 1317 O O   . HOH F 3 .   ? -1.955  -3.301  -10.079 1.00 48.56 ? 660 HOH A O   1 
HETATM 1318 O O   . HOH F 3 .   ? -19.103 -2.726  -13.146 1.00 36.42 ? 661 HOH A O   1 
HETATM 1319 O O   . HOH F 3 .   ? -8.907  -6.314  -16.236 1.00 40.48 ? 662 HOH A O   1 
HETATM 1320 O O   . HOH F 3 .   ? -16.969 2.812   6.152   1.00 40.73 ? 663 HOH A O   1 
HETATM 1321 O O   . HOH F 3 .   ? 10.435  16.814  -6.116  1.00 43.32 ? 664 HOH A O   1 
HETATM 1322 O O   . HOH F 3 .   ? 7.214   -4.886  16.733  1.00 33.58 ? 665 HOH A O   1 
HETATM 1323 O O   . HOH F 3 .   ? -8.523  -7.113  18.709  1.00 38.68 ? 666 HOH A O   1 
HETATM 1324 O O   . HOH F 3 .   ? 0.666   -6.663  23.096  1.00 38.94 ? 667 HOH A O   1 
HETATM 1325 O O   . HOH F 3 .   ? -4.781  9.487   -4.776  1.00 43.42 ? 668 HOH A O   1 
HETATM 1326 O O   . HOH F 3 .   ? -6.969  12.548  -1.045  1.00 40.35 ? 669 HOH A O   1 
HETATM 1327 O O   . HOH F 3 .   ? 12.949  20.880  -19.968 1.00 42.37 ? 670 HOH A O   1 
HETATM 1328 O O   . HOH F 3 .   ? 2.501   12.377  -15.556 1.00 39.24 ? 671 HOH A O   1 
HETATM 1329 O O   . HOH F 3 .   ? 3.479   8.631   13.603  1.00 41.73 ? 672 HOH A O   1 
HETATM 1330 O O   . HOH F 3 .   ? -4.886  6.248   -19.061 1.00 41.97 ? 673 HOH A O   1 
HETATM 1331 O O   . HOH F 3 .   ? 9.916   16.577  -3.517  1.00 39.71 ? 674 HOH A O   1 
HETATM 1332 O O   . HOH F 3 .   ? 5.193   17.886  -17.175 1.00 41.41 ? 675 HOH A O   1 
HETATM 1333 O O   . HOH F 3 .   ? -9.437  14.496  -1.549  1.00 42.16 ? 676 HOH A O   1 
HETATM 1334 O O   . HOH F 3 .   ? 14.414  -8.140  -2.339  1.00 46.14 ? 677 HOH A O   1 
HETATM 1335 O O   . HOH F 3 .   ? -0.684  12.557  -18.950 1.00 37.88 ? 678 HOH A O   1 
HETATM 1336 O O   . HOH F 3 .   ? -17.072 -9.500  -16.132 1.00 40.23 ? 679 HOH A O   1 
HETATM 1337 O O   . HOH F 3 .   ? 5.046   6.763   14.603  1.00 42.64 ? 680 HOH A O   1 
HETATM 1338 O O   . HOH F 3 .   ? 15.020  -11.736 7.598   1.00 37.56 ? 681 HOH A O   1 
HETATM 1339 O O   . HOH F 3 .   ? 7.645   -2.205  -22.890 1.00 44.83 ? 682 HOH A O   1 
HETATM 1340 O O   . HOH F 3 .   ? -8.266  7.554   9.957   1.00 44.37 ? 683 HOH A O   1 
HETATM 1341 O O   . HOH F 3 .   ? 1.796   15.963  -3.459  1.00 41.95 ? 684 HOH A O   1 
HETATM 1342 O O   . HOH F 3 .   ? -6.542  -2.358  -16.367 1.00 44.12 ? 685 HOH A O   1 
HETATM 1343 O O   . HOH F 3 .   ? 2.100   11.818  21.351  1.00 43.62 ? 686 HOH A O   1 
HETATM 1344 O O   . HOH F 3 .   ? -2.743  13.516  -15.778 1.00 40.20 ? 687 HOH A O   1 
HETATM 1345 O O   . HOH F 3 .   ? 1.996   7.978   20.116  1.00 43.23 ? 688 HOH A O   1 
HETATM 1346 O O   . HOH F 3 .   ? 12.069  7.821   3.463   1.00 44.31 ? 689 HOH A O   1 
HETATM 1347 O O   . HOH F 3 .   ? -3.963  -12.482 -15.301 1.00 39.47 ? 690 HOH A O   1 
HETATM 1348 O O   . HOH F 3 .   ? 4.452   -5.525  21.118  1.00 40.15 ? 691 HOH A O   1 
HETATM 1349 O O   . HOH F 3 .   ? 13.959  23.386  -18.396 1.00 46.75 ? 692 HOH A O   1 
HETATM 1350 O O   . HOH F 3 .   ? 15.101  3.792   12.161  1.00 41.94 ? 693 HOH A O   1 
HETATM 1351 O O   . HOH F 3 .   ? -20.846 4.081   -5.372  1.00 45.18 ? 694 HOH A O   1 
HETATM 1352 O O   . HOH F 3 .   ? -0.321  0.812   -20.390 1.00 40.13 ? 695 HOH A O   1 
HETATM 1353 O O   . HOH F 3 .   ? 2.254   14.107  22.591  1.00 40.53 ? 696 HOH A O   1 
HETATM 1354 O O   . HOH F 3 .   ? 17.235  2.987   -8.386  1.00 38.92 ? 697 HOH A O   1 
HETATM 1355 O O   . HOH F 3 .   ? 11.901  -9.765  3.214   1.00 46.05 ? 698 HOH A O   1 
HETATM 1356 O O   . HOH F 3 .   ? -4.082  -1.403  -18.994 1.00 45.91 ? 699 HOH A O   1 
HETATM 1357 O O   . HOH F 3 .   ? 15.494  6.095   -9.187  1.00 49.90 ? 700 HOH A O   1 
HETATM 1358 O O   . HOH F 3 .   ? 16.009  5.830   -11.611 1.00 41.02 ? 701 HOH A O   1 
HETATM 1359 O O   . HOH F 3 .   ? -16.729 -1.003  -9.283  1.00 43.18 ? 702 HOH A O   1 
HETATM 1360 O O   . HOH F 3 .   ? 9.810   0.899   18.878  1.00 43.09 ? 703 HOH A O   1 
HETATM 1361 O O   . HOH F 3 .   ? -10.656 1.069   -13.044 1.00 40.25 ? 704 HOH A O   1 
HETATM 1362 O O   . HOH F 3 .   ? -20.199 11.935  -0.826  1.00 45.12 ? 705 HOH A O   1 
HETATM 1363 O O   . HOH F 3 .   ? -1.497  7.667   -5.735  1.00 47.53 ? 706 HOH A O   1 
HETATM 1364 O O   . HOH F 3 .   ? 7.004   -17.525 16.832  1.00 45.20 ? 707 HOH A O   1 
HETATM 1365 O O   . HOH F 3 .   ? -19.778 2.990   5.417   1.00 45.72 ? 708 HOH A O   1 
HETATM 1366 O O   . HOH F 3 .   ? -11.380 15.729  0.237   1.00 47.01 ? 709 HOH A O   1 
HETATM 1367 O O   . HOH F 3 .   ? 10.843  19.403  -9.115  1.00 45.04 ? 710 HOH A O   1 
HETATM 1368 O O   . HOH F 3 .   ? 8.995   -2.463  -26.132 1.00 48.26 ? 711 HOH A O   1 
HETATM 1369 O O   . HOH F 3 .   ? -0.802  10.574  -5.223  1.00 42.35 ? 712 HOH A O   1 
HETATM 1370 O O   . HOH F 3 .   ? -8.300  -2.839  -6.972  1.00 44.96 ? 713 HOH A O   1 
HETATM 1371 O O   . HOH F 3 .   ? 7.971   22.137  -16.442 1.00 45.33 ? 714 HOH A O   1 
HETATM 1372 O O   . HOH F 3 .   ? 13.894  -1.964  -1.532  1.00 43.15 ? 715 HOH A O   1 
HETATM 1373 O O   . HOH F 3 .   ? -1.595  8.991   -9.773  1.00 45.20 ? 716 HOH A O   1 
HETATM 1374 O O   . HOH F 3 .   ? 14.148  -0.438  0.766   1.00 44.41 ? 717 HOH A O   1 
HETATM 1375 O O   . HOH F 3 .   ? -3.795  -10.228 -5.880  1.00 44.10 ? 718 HOH A O   1 
HETATM 1376 O O   . HOH F 3 .   ? 4.907   -11.973 25.884  1.00 46.30 ? 719 HOH A O   1 
HETATM 1377 O O   . HOH F 3 .   ? -1.323  -1.774  21.032  1.00 51.21 ? 720 HOH A O   1 
HETATM 1378 O O   . HOH F 3 .   ? 10.461  22.218  -12.857 1.00 46.26 ? 721 HOH A O   1 
HETATM 1379 O O   . HOH F 3 .   ? 13.380  7.376   -9.937  1.00 46.61 ? 722 HOH A O   1 
HETATM 1380 O O   . HOH F 3 .   ? 3.847   -16.109 9.372   1.00 45.37 ? 723 HOH A O   1 
HETATM 1381 O O   . HOH F 3 .   ? -1.920  -11.914 24.659  1.00 47.01 ? 724 HOH A O   1 
HETATM 1382 O O   . HOH F 3 .   ? -11.193 17.013  -6.108  1.00 45.08 ? 725 HOH A O   1 
HETATM 1383 O O   . HOH F 3 .   ? -6.599  11.295  15.858  1.00 43.24 ? 726 HOH A O   1 
HETATM 1384 O O   . HOH F 3 .   ? 12.197  9.957   9.377   1.00 46.66 ? 727 HOH A O   1 
HETATM 1385 O O   . HOH F 3 .   ? -2.330  -0.119  22.793  1.00 49.26 ? 728 HOH A O   1 
HETATM 1386 O O   . HOH F 3 .   ? 11.017  11.089  3.108   1.00 45.59 ? 729 HOH A O   1 
HETATM 1387 O O   . HOH F 3 .   ? -1.428  7.082   23.674  1.00 49.88 ? 730 HOH A O   1 
HETATM 1388 O O   . HOH F 3 .   ? 7.858   8.511   10.280  1.00 45.35 ? 731 HOH A O   1 
HETATM 1389 O O   . HOH F 3 .   ? 12.645  5.521   4.596   1.00 48.18 ? 732 HOH A O   1 
HETATM 1390 O O   . HOH F 3 .   ? -4.987  -3.918  -18.427 1.00 42.10 ? 733 HOH A O   1 
HETATM 1391 O O   . HOH F 3 .   ? -21.541 0.040   -8.614  1.00 48.36 ? 734 HOH A O   1 
HETATM 1392 O O   . HOH F 3 .   ? -0.869  0.863   24.815  1.00 43.81 ? 735 HOH A O   1 
HETATM 1393 O O   . HOH F 3 .   ? -3.454  1.305   -7.716  1.00 45.70 ? 736 HOH A O   1 
HETATM 1394 O O   . HOH F 3 .   ? -2.114  -4.835  22.220  1.00 49.77 ? 737 HOH A O   1 
HETATM 1395 O O   . HOH F 3 .   ? 15.504  -1.301  3.975   1.00 45.98 ? 738 HOH A O   1 
HETATM 1396 O O   . HOH F 3 .   ? 12.947  -9.124  7.569   1.00 45.62 ? 739 HOH A O   1 
HETATM 1397 O O   . HOH F 3 .   ? 15.834  -7.847  -4.999  1.00 43.84 ? 740 HOH A O   1 
HETATM 1398 O O   . HOH F 3 .   ? -14.435 1.708   -15.808 1.00 44.92 ? 741 HOH A O   1 
HETATM 1399 O O   . HOH F 3 .   ? -1.634  -7.129  -3.258  1.00 45.75 ? 742 HOH A O   1 
HETATM 1400 O O   . HOH F 3 .   ? -4.393  4.580   22.401  1.00 46.50 ? 743 HOH A O   1 
HETATM 1401 O O   . HOH F 3 .   ? 11.732  -11.704 -3.892  1.00 47.35 ? 744 HOH A O   1 
HETATM 1402 O O   . HOH F 3 .   ? 11.618  -6.945  -7.541  1.00 47.81 ? 745 HOH A O   1 
HETATM 1403 O O   . HOH F 3 .   ? 9.035   19.341  -7.184  1.00 44.44 ? 746 HOH A O   1 
# 
